data_3GHD
# 
_entry.id   3GHD 
# 
_audit_conform.dict_name       mmcif_pdbx.dic 
_audit_conform.dict_version    5.399 
_audit_conform.dict_location   http://mmcif.pdb.org/dictionaries/ascii/mmcif_pdbx.dic 
# 
loop_
_database_2.database_id 
_database_2.database_code 
_database_2.pdbx_database_accession 
_database_2.pdbx_DOI 
PDB   3GHD         pdb_00003ghd 10.2210/pdb3ghd/pdb 
RCSB  RCSB051861   ?            ?                   
WWPDB D_1000051861 ?            ?                   
# 
loop_
_pdbx_audit_revision_history.ordinal 
_pdbx_audit_revision_history.data_content_type 
_pdbx_audit_revision_history.major_revision 
_pdbx_audit_revision_history.minor_revision 
_pdbx_audit_revision_history.revision_date 
1 'Structure model' 1 0 2009-03-31 
2 'Structure model' 1 1 2011-07-13 
3 'Structure model' 1 2 2012-04-04 
4 'Structure model' 1 3 2018-01-24 
5 'Structure model' 1 4 2022-04-13 
6 'Structure model' 1 5 2024-11-20 
# 
_pdbx_audit_revision_details.ordinal             1 
_pdbx_audit_revision_details.revision_ordinal    1 
_pdbx_audit_revision_details.data_content_type   'Structure model' 
_pdbx_audit_revision_details.provider            repository 
_pdbx_audit_revision_details.type                'Initial release' 
_pdbx_audit_revision_details.description         ? 
_pdbx_audit_revision_details.details             ? 
# 
loop_
_pdbx_audit_revision_group.ordinal 
_pdbx_audit_revision_group.revision_ordinal 
_pdbx_audit_revision_group.data_content_type 
_pdbx_audit_revision_group.group 
1  2 'Structure model' Advisory                    
2  2 'Structure model' 'Refinement description'    
3  2 'Structure model' 'Version format compliance' 
4  3 'Structure model' 'Structure summary'         
5  4 'Structure model' 'Database references'       
6  5 'Structure model' 'Database references'       
7  5 'Structure model' 'Derived calculations'      
8  5 'Structure model' 'Structure summary'         
9  6 'Structure model' 'Data collection'           
10 6 'Structure model' 'Structure summary'         
# 
loop_
_pdbx_audit_revision_category.ordinal 
_pdbx_audit_revision_category.revision_ordinal 
_pdbx_audit_revision_category.data_content_type 
_pdbx_audit_revision_category.category 
1 4 'Structure model' citation_author           
2 5 'Structure model' audit_author              
3 5 'Structure model' citation_author           
4 5 'Structure model' database_2                
5 5 'Structure model' struct_conn               
6 6 'Structure model' chem_comp_atom            
7 6 'Structure model' chem_comp_bond            
8 6 'Structure model' pdbx_entry_details        
9 6 'Structure model' pdbx_modification_feature 
# 
loop_
_pdbx_audit_revision_item.ordinal 
_pdbx_audit_revision_item.revision_ordinal 
_pdbx_audit_revision_item.data_content_type 
_pdbx_audit_revision_item.item 
1 4 'Structure model' '_citation_author.name'                        
2 5 'Structure model' '_audit_author.identifier_ORCID'               
3 5 'Structure model' '_citation_author.identifier_ORCID'            
4 5 'Structure model' '_database_2.pdbx_DOI'                         
5 5 'Structure model' '_database_2.pdbx_database_accession'          
6 5 'Structure model' '_struct_conn.pdbx_leaving_atom_flag'          
7 6 'Structure model' '_pdbx_entry_details.has_protein_modification' 
# 
_pdbx_database_PDB_obs_spr.id               SPRSDE 
_pdbx_database_PDB_obs_spr.date             2009-03-31 
_pdbx_database_PDB_obs_spr.pdb_id           3GHD 
_pdbx_database_PDB_obs_spr.replace_pdb_id   3FIO 
_pdbx_database_PDB_obs_spr.details          ? 
# 
_pdbx_database_status.status_code                     REL 
_pdbx_database_status.entry_id                        3GHD 
_pdbx_database_status.recvd_initial_deposition_date   2009-03-03 
_pdbx_database_status.deposit_site                    RCSB 
_pdbx_database_status.process_site                    RCSB 
_pdbx_database_status.status_code_sf                  REL 
_pdbx_database_status.status_code_mr                  ? 
_pdbx_database_status.SG_entry                        Y 
_pdbx_database_status.status_code_cs                  ? 
_pdbx_database_status.methods_development_category    ? 
_pdbx_database_status.pdb_format_compatible           Y 
_pdbx_database_status.status_code_nmr_data            ? 
# 
_pdbx_database_related.db_name        TargetDB 
_pdbx_database_related.db_id          APC40009 
_pdbx_database_related.details        . 
_pdbx_database_related.content_type   unspecified 
# 
loop_
_audit_author.name 
_audit_author.pdbx_ordinal 
_audit_author.identifier_ORCID 
'Dong, A.'                                      1  ?                   
'Xu, X.'                                        2  ?                   
'Chruszcz, M.'                                  3  ?                   
'Brown, G.'                                     4  ?                   
'Proudfoot, M.'                                 5  ?                   
'Edwards, A.M.'                                 6  ?                   
'Joachimiak, A.'                                7  ?                   
'Minor, W.'                                     8  0000-0001-7075-7090 
'Savchenko, A.'                                 9  ?                   
'Yaleunin, A.'                                  10 ?                   
'Midwest Center for Structural Genomics (MCSG)' 11 ?                   
# 
_citation.id                        primary 
_citation.title                     
'Crystal structure of a cystathionine beta-synthase domain protein fused to a Zn-ribbon-like domain' 
_citation.journal_abbrev            'To be Published' 
_citation.journal_volume            ? 
_citation.page_first                ? 
_citation.page_last                 ? 
_citation.year                      ? 
_citation.journal_id_ASTM           ? 
_citation.country                   ? 
_citation.journal_id_ISSN           ? 
_citation.journal_id_CSD            0353 
_citation.book_publisher            ? 
_citation.pdbx_database_id_PubMed   ? 
_citation.pdbx_database_id_DOI      ? 
# 
loop_
_citation_author.citation_id 
_citation_author.name 
_citation_author.ordinal 
_citation_author.identifier_ORCID 
primary 'Dong, A.'       1  ?                   
primary 'Xu, X.'         2  ?                   
primary 'Chruszcz, M.'   3  ?                   
primary 'Brown, G.'      4  ?                   
primary 'Proudfoot, M.'  5  ?                   
primary 'Edwards, A.M.'  6  ?                   
primary 'Joachimiak, A.' 7  ?                   
primary 'Minor, W.'      8  0000-0001-7075-7090 
primary 'Savchenko, A.'  9  ?                   
primary 'Yaleunin, A.'   10 ?                   
# 
loop_
_entity.id 
_entity.type 
_entity.src_method 
_entity.pdbx_description 
_entity.formula_weight 
_entity.pdbx_number_of_molecules 
_entity.pdbx_ec 
_entity.pdbx_mutation 
_entity.pdbx_fragment 
_entity.details 
1 polymer man 'a cystathionine beta-synthase domain protein fused to a Zn-ribbon-like domain' 7746.842 2   ? ? ? ? 
2 water   nat water                                                                           18.015   112 ? ? ? ? 
# 
_entity_poly.entity_id                      1 
_entity_poly.type                           'polypeptide(L)' 
_entity_poly.nstd_linkage                   no 
_entity_poly.nstd_monomer                   yes 
_entity_poly.pdbx_seq_one_letter_code       'KAIVVQPKDTVDRVAKILSRNKAGSAVV(MSE)EGDEILGVVTERDILDKVVAKGKNPKEVKVEEI(MSE)TKNPVKI' 
_entity_poly.pdbx_seq_one_letter_code_can   KAIVVQPKDTVDRVAKILSRNKAGSAVVMEGDEILGVVTERDILDKVVAKGKNPKEVKVEEIMTKNPVKI 
_entity_poly.pdbx_strand_id                 A,B 
_entity_poly.pdbx_target_identifier         APC40009 
# 
_pdbx_entity_nonpoly.entity_id   2 
_pdbx_entity_nonpoly.name        water 
_pdbx_entity_nonpoly.comp_id     HOH 
# 
loop_
_entity_poly_seq.entity_id 
_entity_poly_seq.num 
_entity_poly_seq.mon_id 
_entity_poly_seq.hetero 
1 1  LYS n 
1 2  ALA n 
1 3  ILE n 
1 4  VAL n 
1 5  VAL n 
1 6  GLN n 
1 7  PRO n 
1 8  LYS n 
1 9  ASP n 
1 10 THR n 
1 11 VAL n 
1 12 ASP n 
1 13 ARG n 
1 14 VAL n 
1 15 ALA n 
1 16 LYS n 
1 17 ILE n 
1 18 LEU n 
1 19 SER n 
1 20 ARG n 
1 21 ASN n 
1 22 LYS n 
1 23 ALA n 
1 24 GLY n 
1 25 SER n 
1 26 ALA n 
1 27 VAL n 
1 28 VAL n 
1 29 MSE n 
1 30 GLU n 
1 31 GLY n 
1 32 ASP n 
1 33 GLU n 
1 34 ILE n 
1 35 LEU n 
1 36 GLY n 
1 37 VAL n 
1 38 VAL n 
1 39 THR n 
1 40 GLU n 
1 41 ARG n 
1 42 ASP n 
1 43 ILE n 
1 44 LEU n 
1 45 ASP n 
1 46 LYS n 
1 47 VAL n 
1 48 VAL n 
1 49 ALA n 
1 50 LYS n 
1 51 GLY n 
1 52 LYS n 
1 53 ASN n 
1 54 PRO n 
1 55 LYS n 
1 56 GLU n 
1 57 VAL n 
1 58 LYS n 
1 59 VAL n 
1 60 GLU n 
1 61 GLU n 
1 62 ILE n 
1 63 MSE n 
1 64 THR n 
1 65 LYS n 
1 66 ASN n 
1 67 PRO n 
1 68 VAL n 
1 69 LYS n 
1 70 ILE n 
# 
_entity_src_gen.entity_id                          1 
_entity_src_gen.pdbx_src_id                        1 
_entity_src_gen.pdbx_alt_source_flag               sample 
_entity_src_gen.pdbx_seq_type                      ? 
_entity_src_gen.pdbx_beg_seq_num                   ? 
_entity_src_gen.pdbx_end_seq_num                   ? 
_entity_src_gen.gene_src_common_name               ? 
_entity_src_gen.gene_src_genus                     ? 
_entity_src_gen.pdbx_gene_src_gene                 ? 
_entity_src_gen.gene_src_species                   ? 
_entity_src_gen.gene_src_strain                    ? 
_entity_src_gen.gene_src_tissue                    ? 
_entity_src_gen.gene_src_tissue_fraction           ? 
_entity_src_gen.gene_src_details                   ? 
_entity_src_gen.pdbx_gene_src_fragment             ? 
_entity_src_gen.pdbx_gene_src_scientific_name      'Pyrococcus furiosus' 
_entity_src_gen.pdbx_gene_src_ncbi_taxonomy_id     2261 
_entity_src_gen.pdbx_gene_src_variant              ? 
_entity_src_gen.pdbx_gene_src_cell_line            ? 
_entity_src_gen.pdbx_gene_src_atcc                 ? 
_entity_src_gen.pdbx_gene_src_organ                ? 
_entity_src_gen.pdbx_gene_src_organelle            ? 
_entity_src_gen.pdbx_gene_src_cell                 ? 
_entity_src_gen.pdbx_gene_src_cellular_location    ? 
_entity_src_gen.host_org_common_name               ? 
_entity_src_gen.pdbx_host_org_scientific_name      'Escherichia coli' 
_entity_src_gen.pdbx_host_org_ncbi_taxonomy_id     562 
_entity_src_gen.host_org_genus                     ? 
_entity_src_gen.pdbx_host_org_gene                 ? 
_entity_src_gen.pdbx_host_org_organ                ? 
_entity_src_gen.host_org_species                   ? 
_entity_src_gen.pdbx_host_org_tissue               ? 
_entity_src_gen.pdbx_host_org_tissue_fraction      ? 
_entity_src_gen.pdbx_host_org_strain               'BL21(DE3)DERIVATIVE' 
_entity_src_gen.pdbx_host_org_variant              ? 
_entity_src_gen.pdbx_host_org_cell_line            ? 
_entity_src_gen.pdbx_host_org_atcc                 ? 
_entity_src_gen.pdbx_host_org_culture_collection   ? 
_entity_src_gen.pdbx_host_org_cell                 ? 
_entity_src_gen.pdbx_host_org_organelle            ? 
_entity_src_gen.pdbx_host_org_cellular_location    ? 
_entity_src_gen.pdbx_host_org_vector_type          PLASMID 
_entity_src_gen.pdbx_host_org_vector               ? 
_entity_src_gen.host_org_details                   ? 
_entity_src_gen.expression_system_id               ? 
_entity_src_gen.plasmid_name                       'PET DERIVATIVE' 
_entity_src_gen.plasmid_details                    ? 
_entity_src_gen.pdbx_description                   ? 
# 
loop_
_chem_comp.id 
_chem_comp.type 
_chem_comp.mon_nstd_flag 
_chem_comp.name 
_chem_comp.pdbx_synonyms 
_chem_comp.formula 
_chem_comp.formula_weight 
ALA 'L-peptide linking' y ALANINE          ? 'C3 H7 N O2'     89.093  
ARG 'L-peptide linking' y ARGININE         ? 'C6 H15 N4 O2 1' 175.209 
ASN 'L-peptide linking' y ASPARAGINE       ? 'C4 H8 N2 O3'    132.118 
ASP 'L-peptide linking' y 'ASPARTIC ACID'  ? 'C4 H7 N O4'     133.103 
GLN 'L-peptide linking' y GLUTAMINE        ? 'C5 H10 N2 O3'   146.144 
GLU 'L-peptide linking' y 'GLUTAMIC ACID'  ? 'C5 H9 N O4'     147.129 
GLY 'peptide linking'   y GLYCINE          ? 'C2 H5 N O2'     75.067  
HOH non-polymer         . WATER            ? 'H2 O'           18.015  
ILE 'L-peptide linking' y ISOLEUCINE       ? 'C6 H13 N O2'    131.173 
LEU 'L-peptide linking' y LEUCINE          ? 'C6 H13 N O2'    131.173 
LYS 'L-peptide linking' y LYSINE           ? 'C6 H15 N2 O2 1' 147.195 
MSE 'L-peptide linking' n SELENOMETHIONINE ? 'C5 H11 N O2 Se' 196.106 
PRO 'L-peptide linking' y PROLINE          ? 'C5 H9 N O2'     115.130 
SER 'L-peptide linking' y SERINE           ? 'C3 H7 N O3'     105.093 
THR 'L-peptide linking' y THREONINE        ? 'C4 H9 N O3'     119.119 
VAL 'L-peptide linking' y VALINE           ? 'C5 H11 N O2'    117.146 
# 
loop_
_pdbx_poly_seq_scheme.asym_id 
_pdbx_poly_seq_scheme.entity_id 
_pdbx_poly_seq_scheme.seq_id 
_pdbx_poly_seq_scheme.mon_id 
_pdbx_poly_seq_scheme.ndb_seq_num 
_pdbx_poly_seq_scheme.pdb_seq_num 
_pdbx_poly_seq_scheme.auth_seq_num 
_pdbx_poly_seq_scheme.pdb_mon_id 
_pdbx_poly_seq_scheme.auth_mon_id 
_pdbx_poly_seq_scheme.pdb_strand_id 
_pdbx_poly_seq_scheme.pdb_ins_code 
_pdbx_poly_seq_scheme.hetero 
A 1 1  LYS 1  14 14 LYS LYS A . n 
A 1 2  ALA 2  15 15 ALA ALA A . n 
A 1 3  ILE 3  16 16 ILE ILE A . n 
A 1 4  VAL 4  17 17 VAL VAL A . n 
A 1 5  VAL 5  18 18 VAL VAL A . n 
A 1 6  GLN 6  19 19 GLN GLN A . n 
A 1 7  PRO 7  20 20 PRO PRO A . n 
A 1 8  LYS 8  21 21 LYS LYS A . n 
A 1 9  ASP 9  22 22 ASP ASP A . n 
A 1 10 THR 10 23 23 THR THR A . n 
A 1 11 VAL 11 24 24 VAL VAL A . n 
A 1 12 ASP 12 25 25 ASP ASP A . n 
A 1 13 ARG 13 26 26 ARG ARG A . n 
A 1 14 VAL 14 27 27 VAL VAL A . n 
A 1 15 ALA 15 28 28 ALA ALA A . n 
A 1 16 LYS 16 29 29 LYS LYS A . n 
A 1 17 ILE 17 30 30 ILE ILE A . n 
A 1 18 LEU 18 31 31 LEU LEU A . n 
A 1 19 SER 19 32 32 SER SER A . n 
A 1 20 ARG 20 33 33 ARG ARG A . n 
A 1 21 ASN 21 34 34 ASN ASN A . n 
A 1 22 LYS 22 35 35 LYS LYS A . n 
A 1 23 ALA 23 36 36 ALA ALA A . n 
A 1 24 GLY 24 37 37 GLY GLY A . n 
A 1 25 SER 25 38 38 SER SER A . n 
A 1 26 ALA 26 39 39 ALA ALA A . n 
A 1 27 VAL 27 40 40 VAL VAL A . n 
A 1 28 VAL 28 41 41 VAL VAL A . n 
A 1 29 MSE 29 42 42 MSE MSE A . n 
A 1 30 GLU 30 43 43 GLU GLU A . n 
A 1 31 GLY 31 44 44 GLY GLY A . n 
A 1 32 ASP 32 45 45 ASP ASP A . n 
A 1 33 GLU 33 46 46 GLU GLU A . n 
A 1 34 ILE 34 47 47 ILE ILE A . n 
A 1 35 LEU 35 48 48 LEU LEU A . n 
A 1 36 GLY 36 49 49 GLY GLY A . n 
A 1 37 VAL 37 50 50 VAL VAL A . n 
A 1 38 VAL 38 51 51 VAL VAL A . n 
A 1 39 THR 39 52 52 THR THR A . n 
A 1 40 GLU 40 53 53 GLU GLU A . n 
A 1 41 ARG 41 54 54 ARG ARG A . n 
A 1 42 ASP 42 55 55 ASP ASP A . n 
A 1 43 ILE 43 56 56 ILE ILE A . n 
A 1 44 LEU 44 57 57 LEU LEU A . n 
A 1 45 ASP 45 58 58 ASP ASP A . n 
A 1 46 LYS 46 59 59 LYS LYS A . n 
A 1 47 VAL 47 60 60 VAL VAL A . n 
A 1 48 VAL 48 61 61 VAL VAL A . n 
A 1 49 ALA 49 62 62 ALA ALA A . n 
A 1 50 LYS 50 63 63 LYS LYS A . n 
A 1 51 GLY 51 64 64 GLY GLY A . n 
A 1 52 LYS 52 65 65 LYS LYS A . n 
A 1 53 ASN 53 66 66 ASN ASN A . n 
A 1 54 PRO 54 67 67 PRO PRO A . n 
A 1 55 LYS 55 68 68 LYS LYS A . n 
A 1 56 GLU 56 69 69 GLU GLU A . n 
A 1 57 VAL 57 70 70 VAL VAL A . n 
A 1 58 LYS 58 71 71 LYS LYS A . n 
A 1 59 VAL 59 72 72 VAL VAL A . n 
A 1 60 GLU 60 73 73 GLU GLU A . n 
A 1 61 GLU 61 74 74 GLU GLU A . n 
A 1 62 ILE 62 75 75 ILE ILE A . n 
A 1 63 MSE 63 76 76 MSE MSE A . n 
A 1 64 THR 64 77 77 THR THR A . n 
A 1 65 LYS 65 78 78 LYS LYS A . n 
A 1 66 ASN 66 79 79 ASN ASN A . n 
A 1 67 PRO 67 80 80 PRO PRO A . n 
A 1 68 VAL 68 81 81 VAL VAL A . n 
A 1 69 LYS 69 82 82 LYS LYS A . n 
A 1 70 ILE 70 83 83 ILE ILE A . n 
B 1 1  LYS 1  14 14 LYS LYS B . n 
B 1 2  ALA 2  15 15 ALA ALA B . n 
B 1 3  ILE 3  16 16 ILE ILE B . n 
B 1 4  VAL 4  17 17 VAL VAL B . n 
B 1 5  VAL 5  18 18 VAL VAL B . n 
B 1 6  GLN 6  19 19 GLN GLN B . n 
B 1 7  PRO 7  20 20 PRO PRO B . n 
B 1 8  LYS 8  21 21 LYS LYS B . n 
B 1 9  ASP 9  22 22 ASP ASP B . n 
B 1 10 THR 10 23 23 THR THR B . n 
B 1 11 VAL 11 24 24 VAL VAL B . n 
B 1 12 ASP 12 25 25 ASP ASP B . n 
B 1 13 ARG 13 26 26 ARG ARG B . n 
B 1 14 VAL 14 27 27 VAL VAL B . n 
B 1 15 ALA 15 28 28 ALA ALA B . n 
B 1 16 LYS 16 29 29 LYS LYS B . n 
B 1 17 ILE 17 30 30 ILE ILE B . n 
B 1 18 LEU 18 31 31 LEU LEU B . n 
B 1 19 SER 19 32 32 SER SER B . n 
B 1 20 ARG 20 33 33 ARG ARG B . n 
B 1 21 ASN 21 34 34 ASN ASN B . n 
B 1 22 LYS 22 35 35 LYS LYS B . n 
B 1 23 ALA 23 36 36 ALA ALA B . n 
B 1 24 GLY 24 37 37 GLY GLY B . n 
B 1 25 SER 25 38 38 SER SER B . n 
B 1 26 ALA 26 39 39 ALA ALA B . n 
B 1 27 VAL 27 40 40 VAL VAL B . n 
B 1 28 VAL 28 41 41 VAL VAL B . n 
B 1 29 MSE 29 42 42 MSE MSE B . n 
B 1 30 GLU 30 43 43 GLU GLU B . n 
B 1 31 GLY 31 44 44 GLY GLY B . n 
B 1 32 ASP 32 45 45 ASP ASP B . n 
B 1 33 GLU 33 46 46 GLU GLU B . n 
B 1 34 ILE 34 47 47 ILE ILE B . n 
B 1 35 LEU 35 48 48 LEU LEU B . n 
B 1 36 GLY 36 49 49 GLY GLY B . n 
B 1 37 VAL 37 50 50 VAL VAL B . n 
B 1 38 VAL 38 51 51 VAL VAL B . n 
B 1 39 THR 39 52 52 THR THR B . n 
B 1 40 GLU 40 53 53 GLU GLU B . n 
B 1 41 ARG 41 54 54 ARG ARG B . n 
B 1 42 ASP 42 55 55 ASP ASP B . n 
B 1 43 ILE 43 56 56 ILE ILE B . n 
B 1 44 LEU 44 57 57 LEU LEU B . n 
B 1 45 ASP 45 58 58 ASP ASP B . n 
B 1 46 LYS 46 59 59 LYS LYS B . n 
B 1 47 VAL 47 60 60 VAL VAL B . n 
B 1 48 VAL 48 61 61 VAL VAL B . n 
B 1 49 ALA 49 62 62 ALA ALA B . n 
B 1 50 LYS 50 63 63 LYS LYS B . n 
B 1 51 GLY 51 64 64 GLY GLY B . n 
B 1 52 LYS 52 65 65 LYS LYS B . n 
B 1 53 ASN 53 66 66 ASN ASN B . n 
B 1 54 PRO 54 67 67 PRO PRO B . n 
B 1 55 LYS 55 68 68 LYS LYS B . n 
B 1 56 GLU 56 69 69 GLU GLU B . n 
B 1 57 VAL 57 70 70 VAL VAL B . n 
B 1 58 LYS 58 71 71 LYS LYS B . n 
B 1 59 VAL 59 72 72 VAL VAL B . n 
B 1 60 GLU 60 73 73 GLU GLU B . n 
B 1 61 GLU 61 74 74 GLU GLU B . n 
B 1 62 ILE 62 75 75 ILE ILE B . n 
B 1 63 MSE 63 76 76 MSE MSE B . n 
B 1 64 THR 64 77 77 THR THR B . n 
B 1 65 LYS 65 78 78 LYS LYS B . n 
B 1 66 ASN 66 79 79 ASN ASN B . n 
B 1 67 PRO 67 80 80 PRO PRO B . n 
B 1 68 VAL 68 81 81 VAL VAL B . n 
B 1 69 LYS 69 82 82 LYS LYS B . n 
B 1 70 ILE 70 83 83 ILE ILE B . n 
# 
loop_
_pdbx_nonpoly_scheme.asym_id 
_pdbx_nonpoly_scheme.entity_id 
_pdbx_nonpoly_scheme.mon_id 
_pdbx_nonpoly_scheme.ndb_seq_num 
_pdbx_nonpoly_scheme.pdb_seq_num 
_pdbx_nonpoly_scheme.auth_seq_num 
_pdbx_nonpoly_scheme.pdb_mon_id 
_pdbx_nonpoly_scheme.auth_mon_id 
_pdbx_nonpoly_scheme.pdb_strand_id 
_pdbx_nonpoly_scheme.pdb_ins_code 
C 2 HOH 1  1   1   HOH HOH A . 
C 2 HOH 2  2   2   HOH HOH A . 
C 2 HOH 3  3   3   HOH HOH A . 
C 2 HOH 4  4   4   HOH HOH A . 
C 2 HOH 5  6   6   HOH HOH A . 
C 2 HOH 6  7   7   HOH HOH A . 
C 2 HOH 7  8   8   HOH HOH A . 
C 2 HOH 8  9   9   HOH HOH A . 
C 2 HOH 9  10  10  HOH HOH A . 
C 2 HOH 10 11  11  HOH HOH A . 
C 2 HOH 11 12  12  HOH HOH A . 
C 2 HOH 12 13  13  HOH HOH A . 
C 2 HOH 13 84  14  HOH HOH A . 
C 2 HOH 14 85  15  HOH HOH A . 
C 2 HOH 15 86  16  HOH HOH A . 
C 2 HOH 16 87  17  HOH HOH A . 
C 2 HOH 17 88  18  HOH HOH A . 
C 2 HOH 18 89  19  HOH HOH A . 
C 2 HOH 19 90  20  HOH HOH A . 
C 2 HOH 20 91  21  HOH HOH A . 
C 2 HOH 21 92  22  HOH HOH A . 
C 2 HOH 22 93  23  HOH HOH A . 
C 2 HOH 23 94  24  HOH HOH A . 
C 2 HOH 24 95  25  HOH HOH A . 
C 2 HOH 25 96  26  HOH HOH A . 
C 2 HOH 26 97  27  HOH HOH A . 
C 2 HOH 27 98  28  HOH HOH A . 
C 2 HOH 28 99  29  HOH HOH A . 
C 2 HOH 29 100 30  HOH HOH A . 
C 2 HOH 30 101 31  HOH HOH A . 
C 2 HOH 31 102 32  HOH HOH A . 
C 2 HOH 32 103 33  HOH HOH A . 
C 2 HOH 33 104 34  HOH HOH A . 
C 2 HOH 34 105 35  HOH HOH A . 
C 2 HOH 35 106 36  HOH HOH A . 
C 2 HOH 36 107 37  HOH HOH A . 
C 2 HOH 37 108 108 HOH HOH A . 
C 2 HOH 38 109 109 HOH HOH A . 
C 2 HOH 39 110 38  HOH HOH A . 
C 2 HOH 40 111 111 HOH HOH A . 
C 2 HOH 41 112 39  HOH HOH A . 
C 2 HOH 42 113 40  HOH HOH A . 
C 2 HOH 43 114 114 HOH HOH A . 
C 2 HOH 44 115 90  HOH HOH A . 
C 2 HOH 45 116 41  HOH HOH A . 
C 2 HOH 46 117 42  HOH HOH A . 
C 2 HOH 47 118 118 HOH HOH A . 
C 2 HOH 48 119 43  HOH HOH A . 
C 2 HOH 49 120 44  HOH HOH A . 
C 2 HOH 50 121 121 HOH HOH A . 
C 2 HOH 51 122 45  HOH HOH A . 
C 2 HOH 52 123 47  HOH HOH A . 
C 2 HOH 53 124 48  HOH HOH A . 
C 2 HOH 54 125 49  HOH HOH A . 
C 2 HOH 55 126 55  HOH HOH A . 
C 2 HOH 56 127 112 HOH HOH A . 
C 2 HOH 57 128 66  HOH HOH A . 
D 2 HOH 1  84  84  HOH HOH B . 
D 2 HOH 2  85  85  HOH HOH B . 
D 2 HOH 3  86  50  HOH HOH B . 
D 2 HOH 4  87  87  HOH HOH B . 
D 2 HOH 5  88  88  HOH HOH B . 
D 2 HOH 6  89  89  HOH HOH B . 
D 2 HOH 7  91  91  HOH HOH B . 
D 2 HOH 8  92  92  HOH HOH B . 
D 2 HOH 9  93  93  HOH HOH B . 
D 2 HOH 10 94  94  HOH HOH B . 
D 2 HOH 11 95  95  HOH HOH B . 
D 2 HOH 12 96  96  HOH HOH B . 
D 2 HOH 13 97  97  HOH HOH B . 
D 2 HOH 14 98  98  HOH HOH B . 
D 2 HOH 15 99  99  HOH HOH B . 
D 2 HOH 16 100 100 HOH HOH B . 
D 2 HOH 17 101 101 HOH HOH B . 
D 2 HOH 18 102 102 HOH HOH B . 
D 2 HOH 19 103 103 HOH HOH B . 
D 2 HOH 20 104 51  HOH HOH B . 
D 2 HOH 21 105 105 HOH HOH B . 
D 2 HOH 22 106 106 HOH HOH B . 
D 2 HOH 23 107 107 HOH HOH B . 
D 2 HOH 24 108 52  HOH HOH B . 
D 2 HOH 25 109 53  HOH HOH B . 
D 2 HOH 26 110 54  HOH HOH B . 
D 2 HOH 27 111 56  HOH HOH B . 
D 2 HOH 28 113 113 HOH HOH B . 
D 2 HOH 29 114 57  HOH HOH B . 
D 2 HOH 30 115 115 HOH HOH B . 
D 2 HOH 31 116 59  HOH HOH B . 
D 2 HOH 32 117 117 HOH HOH B . 
D 2 HOH 33 118 60  HOH HOH B . 
D 2 HOH 34 119 61  HOH HOH B . 
D 2 HOH 35 120 62  HOH HOH B . 
D 2 HOH 36 121 63  HOH HOH B . 
D 2 HOH 37 122 64  HOH HOH B . 
D 2 HOH 38 123 65  HOH HOH B . 
D 2 HOH 39 124 58  HOH HOH B . 
D 2 HOH 40 125 67  HOH HOH B . 
D 2 HOH 41 126 68  HOH HOH B . 
D 2 HOH 42 127 69  HOH HOH B . 
D 2 HOH 43 128 70  HOH HOH B . 
D 2 HOH 44 129 71  HOH HOH B . 
D 2 HOH 45 130 72  HOH HOH B . 
D 2 HOH 46 131 73  HOH HOH B . 
D 2 HOH 47 132 74  HOH HOH B . 
D 2 HOH 48 133 75  HOH HOH B . 
D 2 HOH 49 134 76  HOH HOH B . 
D 2 HOH 50 135 77  HOH HOH B . 
D 2 HOH 51 136 78  HOH HOH B . 
D 2 HOH 52 137 79  HOH HOH B . 
D 2 HOH 53 138 81  HOH HOH B . 
D 2 HOH 54 139 82  HOH HOH B . 
D 2 HOH 55 140 83  HOH HOH B . 
# 
loop_
_pdbx_unobs_or_zero_occ_atoms.id 
_pdbx_unobs_or_zero_occ_atoms.PDB_model_num 
_pdbx_unobs_or_zero_occ_atoms.polymer_flag 
_pdbx_unobs_or_zero_occ_atoms.occupancy_flag 
_pdbx_unobs_or_zero_occ_atoms.auth_asym_id 
_pdbx_unobs_or_zero_occ_atoms.auth_comp_id 
_pdbx_unobs_or_zero_occ_atoms.auth_seq_id 
_pdbx_unobs_or_zero_occ_atoms.PDB_ins_code 
_pdbx_unobs_or_zero_occ_atoms.auth_atom_id 
_pdbx_unobs_or_zero_occ_atoms.label_alt_id 
_pdbx_unobs_or_zero_occ_atoms.label_asym_id 
_pdbx_unobs_or_zero_occ_atoms.label_comp_id 
_pdbx_unobs_or_zero_occ_atoms.label_seq_id 
_pdbx_unobs_or_zero_occ_atoms.label_atom_id 
1  1 Y 1 A LYS 21 ? CG  ? A LYS 8  CG  
2  1 Y 1 A LYS 21 ? CD  ? A LYS 8  CD  
3  1 Y 1 A LYS 21 ? CE  ? A LYS 8  CE  
4  1 Y 1 A LYS 21 ? NZ  ? A LYS 8  NZ  
5  1 Y 1 A ARG 26 ? NE  ? A ARG 13 NE  
6  1 Y 1 A ARG 26 ? CZ  ? A ARG 13 CZ  
7  1 Y 1 A ARG 26 ? NH1 ? A ARG 13 NH1 
8  1 Y 1 A ARG 26 ? NH2 ? A ARG 13 NH2 
9  1 Y 1 A LYS 29 ? CG  ? A LYS 16 CG  
10 1 Y 1 A LYS 29 ? CD  ? A LYS 16 CD  
11 1 Y 1 A LYS 29 ? CE  ? A LYS 16 CE  
12 1 Y 1 A LYS 29 ? NZ  ? A LYS 16 NZ  
13 1 Y 1 A ARG 33 ? NE  ? A ARG 20 NE  
14 1 Y 1 A ARG 33 ? CZ  ? A ARG 20 CZ  
15 1 Y 1 A ARG 33 ? NH1 ? A ARG 20 NH1 
16 1 Y 1 A ARG 33 ? NH2 ? A ARG 20 NH2 
17 1 Y 1 A LYS 35 ? CD  ? A LYS 22 CD  
18 1 Y 1 A LYS 35 ? CE  ? A LYS 22 CE  
19 1 Y 1 A LYS 35 ? NZ  ? A LYS 22 NZ  
20 1 Y 1 A LYS 78 ? CG  ? A LYS 65 CG  
21 1 Y 1 A LYS 78 ? CD  ? A LYS 65 CD  
22 1 Y 1 A LYS 78 ? CE  ? A LYS 65 CE  
23 1 Y 1 A LYS 78 ? NZ  ? A LYS 65 NZ  
24 1 Y 1 A LYS 82 ? CG  ? A LYS 69 CG  
25 1 Y 1 A LYS 82 ? CD  ? A LYS 69 CD  
26 1 Y 1 A LYS 82 ? CE  ? A LYS 69 CE  
27 1 Y 1 A LYS 82 ? NZ  ? A LYS 69 NZ  
28 1 Y 1 B ARG 26 ? CG  ? B ARG 13 CG  
29 1 Y 1 B ARG 26 ? CD  ? B ARG 13 CD  
30 1 Y 1 B ARG 26 ? NE  ? B ARG 13 NE  
31 1 Y 1 B ARG 26 ? CZ  ? B ARG 13 CZ  
32 1 Y 1 B ARG 26 ? NH1 ? B ARG 13 NH1 
33 1 Y 1 B ARG 26 ? NH2 ? B ARG 13 NH2 
34 1 Y 1 B GLU 46 ? OE1 ? B GLU 33 OE1 
35 1 Y 1 B GLU 46 ? OE2 ? B GLU 33 OE2 
36 1 Y 1 B LYS 71 ? CE  ? B LYS 58 CE  
37 1 Y 1 B LYS 71 ? NZ  ? B LYS 58 NZ  
38 1 Y 1 B LYS 78 ? CE  ? B LYS 65 CE  
39 1 Y 1 B LYS 78 ? NZ  ? B LYS 65 NZ  
# 
loop_
_software.name 
_software.classification 
_software.version 
_software.citation_id 
_software.pdbx_ordinal 
Blu-Ice  'data collection' .        ? 1 
SOLVE    phasing           .        ? 2 
RESOLVE  'model building'  .        ? 3 
REFMAC   refinement        5.5.0062 ? 4 
Coot     'model building'  0.3.3    ? 5 
HKL-2000 'data reduction'  .        ? 6 
HKL-2000 'data scaling'    .        ? 7 
RESOLVE  phasing           .        ? 8 
# 
_cell.entry_id           3GHD 
_cell.length_a           54.153 
_cell.length_b           73.162 
_cell.length_c           35.264 
_cell.angle_alpha        90.00 
_cell.angle_beta         90.00 
_cell.angle_gamma        90.00 
_cell.Z_PDB              8 
_cell.pdbx_unique_axis   ? 
_cell.length_a_esd       ? 
_cell.length_b_esd       ? 
_cell.length_c_esd       ? 
_cell.angle_alpha_esd    ? 
_cell.angle_beta_esd     ? 
_cell.angle_gamma_esd    ? 
# 
_symmetry.entry_id                         3GHD 
_symmetry.space_group_name_H-M             'P 21 21 2' 
_symmetry.pdbx_full_space_group_name_H-M   ? 
_symmetry.cell_setting                     ? 
_symmetry.Int_Tables_number                18 
_symmetry.space_group_name_Hall            ? 
# 
_exptl.entry_id          3GHD 
_exptl.method            'X-RAY DIFFRACTION' 
_exptl.crystals_number   1 
# 
_exptl_crystal.id                    1 
_exptl_crystal.density_meas          ? 
_exptl_crystal.density_Matthews      2.25 
_exptl_crystal.density_percent_sol   45.44 
_exptl_crystal.description           ? 
_exptl_crystal.F_000                 ? 
_exptl_crystal.preparation           ? 
# 
_exptl_crystal_grow.crystal_id      1 
_exptl_crystal_grow.method          'VAPOR DIFFUSION, HANGING DROP' 
_exptl_crystal_grow.temp            297 
_exptl_crystal_grow.temp_details    ? 
_exptl_crystal_grow.pH              ? 
_exptl_crystal_grow.pdbx_details    '0.2M Ammonium Chloride,20%PEG3350, VAPOR DIFFUSION, HANGING DROP, temperature 297K' 
_exptl_crystal_grow.pdbx_pH_range   ? 
# 
_diffrn.id                     1 
_diffrn.ambient_temp           100 
_diffrn.ambient_temp_details   ? 
_diffrn.crystal_id             1 
# 
_diffrn_detector.diffrn_id              1 
_diffrn_detector.detector               CCD 
_diffrn_detector.type                   unsupported-m300 
_diffrn_detector.pdbx_collection_date   2008-10-20 
_diffrn_detector.details                ? 
# 
_diffrn_radiation.diffrn_id                        1 
_diffrn_radiation.wavelength_id                    1 
_diffrn_radiation.pdbx_monochromatic_or_laue_m_l   M 
_diffrn_radiation.monochromator                    ? 
_diffrn_radiation.pdbx_diffrn_protocol             'SINGLE WAVELENGTH' 
_diffrn_radiation.pdbx_scattering_type             x-ray 
# 
_diffrn_radiation_wavelength.id           1 
_diffrn_radiation_wavelength.wavelength   0.97941 
_diffrn_radiation_wavelength.wt           1.0 
# 
_diffrn_source.diffrn_id                   1 
_diffrn_source.source                      SYNCHROTRON 
_diffrn_source.type                        'APS BEAMLINE 23-ID-B' 
_diffrn_source.pdbx_synchrotron_site       APS 
_diffrn_source.pdbx_synchrotron_beamline   23-ID-B 
_diffrn_source.pdbx_wavelength             ? 
_diffrn_source.pdbx_wavelength_list        0.97941 
# 
_reflns.entry_id                     3GHD 
_reflns.observed_criterion_sigma_I   0 
_reflns.observed_criterion_sigma_F   0 
_reflns.d_resolution_low             50 
_reflns.d_resolution_high            1.8 
_reflns.number_obs                   11994 
_reflns.number_all                   11994 
_reflns.percent_possible_obs         89.5 
_reflns.pdbx_Rmerge_I_obs            0.094 
_reflns.pdbx_Rsym_value              0.094 
_reflns.pdbx_netI_over_sigmaI        14.6 
_reflns.B_iso_Wilson_estimate        18.4 
_reflns.pdbx_redundancy              6.2 
_reflns.R_free_details               ? 
_reflns.limit_h_max                  ? 
_reflns.limit_h_min                  ? 
_reflns.limit_k_max                  ? 
_reflns.limit_k_min                  ? 
_reflns.limit_l_max                  ? 
_reflns.limit_l_min                  ? 
_reflns.observed_criterion_F_max     ? 
_reflns.observed_criterion_F_min     ? 
_reflns.pdbx_chi_squared             ? 
_reflns.pdbx_scaling_rejects         ? 
_reflns.pdbx_ordinal                 1 
_reflns.pdbx_diffrn_id               1 
# 
_reflns_shell.d_res_high             1.8 
_reflns_shell.d_res_low              1.86 
_reflns_shell.percent_possible_all   61.0 
_reflns_shell.Rmerge_I_obs           0.202 
_reflns_shell.pdbx_Rsym_value        0.202 
_reflns_shell.meanI_over_sigI_obs    5.84 
_reflns_shell.pdbx_redundancy        3.6 
_reflns_shell.percent_possible_obs   ? 
_reflns_shell.number_unique_all      798 
_reflns_shell.number_measured_all    ? 
_reflns_shell.number_measured_obs    ? 
_reflns_shell.number_unique_obs      ? 
_reflns_shell.pdbx_chi_squared       ? 
_reflns_shell.pdbx_ordinal           1 
_reflns_shell.pdbx_diffrn_id         1 
# 
_refine.entry_id                                 3GHD 
_refine.ls_number_reflns_obs                     11368 
_refine.ls_number_reflns_all                     11368 
_refine.pdbx_ls_sigma_I                          0 
_refine.pdbx_ls_sigma_F                          0 
_refine.pdbx_data_cutoff_high_absF               ? 
_refine.pdbx_data_cutoff_low_absF                ? 
_refine.pdbx_data_cutoff_high_rms_absF           ? 
_refine.ls_d_res_low                             31.77 
_refine.ls_d_res_high                            1.81 
_refine.ls_percent_reflns_obs                    89.09 
_refine.ls_R_factor_obs                          0.19455 
_refine.ls_R_factor_all                          0.19455 
_refine.ls_R_factor_R_work                       0.19229 
_refine.ls_R_factor_R_free                       0.24108 
_refine.ls_R_factor_R_free_error                 ? 
_refine.ls_R_factor_R_free_error_details         ? 
_refine.ls_percent_reflns_R_free                 5.0 
_refine.ls_number_reflns_R_free                  596 
_refine.ls_number_parameters                     ? 
_refine.ls_number_restraints                     ? 
_refine.occupancy_min                            ? 
_refine.occupancy_max                            ? 
_refine.correlation_coeff_Fo_to_Fc               0.956 
_refine.correlation_coeff_Fo_to_Fc_free          0.921 
_refine.B_iso_mean                               13.171 
_refine.aniso_B[1][1]                            -0.50 
_refine.aniso_B[2][2]                            1.49 
_refine.aniso_B[3][3]                            -0.99 
_refine.aniso_B[1][2]                            0.00 
_refine.aniso_B[1][3]                            0.00 
_refine.aniso_B[2][3]                            0.00 
_refine.solvent_model_details                    'BABINET MODEL WITH MASK' 
_refine.solvent_model_param_ksol                 ? 
_refine.solvent_model_param_bsol                 ? 
_refine.pdbx_solvent_vdw_probe_radii             1.40 
_refine.pdbx_solvent_ion_probe_radii             0.80 
_refine.pdbx_solvent_shrinkage_radii             0.80 
_refine.pdbx_ls_cross_valid_method               THROUGHOUT 
_refine.details                                  
'HYDROGENS HAVE BEEN ADDED IN THE RIDING POSITIONS. ATOMIC B-FACTORS ARE RESIDUALS FROM TLS REFINEMENT.' 
_refine.pdbx_starting_model                      ? 
_refine.pdbx_method_to_determine_struct          SAD 
_refine.pdbx_isotropic_thermal_model             ? 
_refine.pdbx_stereochemistry_target_values       'MAXIMUM LIKELIHOOD' 
_refine.pdbx_stereochem_target_val_spec_case     ? 
_refine.pdbx_R_Free_selection_details            RANDOM 
_refine.pdbx_overall_ESU_R                       0.150 
_refine.pdbx_overall_ESU_R_Free                  0.146 
_refine.overall_SU_ML                            0.093 
_refine.overall_SU_B                             6.635 
_refine.ls_redundancy_reflns_obs                 ? 
_refine.B_iso_min                                ? 
_refine.B_iso_max                                ? 
_refine.overall_SU_R_Cruickshank_DPI             ? 
_refine.overall_SU_R_free                        ? 
_refine.ls_wR_factor_R_free                      ? 
_refine.ls_wR_factor_R_work                      ? 
_refine.overall_FOM_free_R_set                   ? 
_refine.overall_FOM_work_R_set                   ? 
_refine.pdbx_overall_phase_error                 ? 
_refine.pdbx_refine_id                           'X-RAY DIFFRACTION' 
_refine.pdbx_TLS_residual_ADP_flag               'LIKELY RESIDUAL' 
_refine.pdbx_diffrn_id                           1 
_refine.pdbx_overall_SU_R_free_Cruickshank_DPI   ? 
_refine.pdbx_overall_SU_R_Blow_DPI               ? 
_refine.pdbx_overall_SU_R_free_Blow_DPI          ? 
# 
_refine_hist.pdbx_refine_id                   'X-RAY DIFFRACTION' 
_refine_hist.cycle_id                         LAST 
_refine_hist.pdbx_number_atoms_protein        1027 
_refine_hist.pdbx_number_atoms_nucleic_acid   0 
_refine_hist.pdbx_number_atoms_ligand         0 
_refine_hist.number_atoms_solvent             112 
_refine_hist.number_atoms_total               1139 
_refine_hist.d_res_high                       1.81 
_refine_hist.d_res_low                        31.77 
# 
loop_
_refine_ls_restr.type 
_refine_ls_restr.dev_ideal 
_refine_ls_restr.dev_ideal_target 
_refine_ls_restr.weight 
_refine_ls_restr.number 
_refine_ls_restr.pdbx_refine_id 
_refine_ls_restr.pdbx_restraint_function 
r_bond_refined_d             0.019  0.022  ? 1031 'X-RAY DIFFRACTION' ? 
r_bond_other_d               0.001  0.020  ? 685  'X-RAY DIFFRACTION' ? 
r_angle_refined_deg          1.807  2.000  ? 1393 'X-RAY DIFFRACTION' ? 
r_angle_other_deg            1.056  3.000  ? 1724 'X-RAY DIFFRACTION' ? 
r_dihedral_angle_1_deg       5.740  5.000  ? 138  'X-RAY DIFFRACTION' ? 
r_dihedral_angle_2_deg       38.852 28.125 ? 32   'X-RAY DIFFRACTION' ? 
r_dihedral_angle_3_deg       16.528 15.000 ? 206  'X-RAY DIFFRACTION' ? 
r_dihedral_angle_4_deg       15.451 15.000 ? 3    'X-RAY DIFFRACTION' ? 
r_chiral_restr               0.112  0.200  ? 182  'X-RAY DIFFRACTION' ? 
r_gen_planes_refined         0.007  0.021  ? 1103 'X-RAY DIFFRACTION' ? 
r_gen_planes_other           0.001  0.020  ? 144  'X-RAY DIFFRACTION' ? 
r_nbd_refined                ?      ?      ? ?    'X-RAY DIFFRACTION' ? 
r_nbd_other                  ?      ?      ? ?    'X-RAY DIFFRACTION' ? 
r_nbtor_refined              ?      ?      ? ?    'X-RAY DIFFRACTION' ? 
r_nbtor_other                ?      ?      ? ?    'X-RAY DIFFRACTION' ? 
r_xyhbond_nbd_refined        ?      ?      ? ?    'X-RAY DIFFRACTION' ? 
r_xyhbond_nbd_other          ?      ?      ? ?    'X-RAY DIFFRACTION' ? 
r_metal_ion_refined          ?      ?      ? ?    'X-RAY DIFFRACTION' ? 
r_metal_ion_other            ?      ?      ? ?    'X-RAY DIFFRACTION' ? 
r_symmetry_vdw_refined       ?      ?      ? ?    'X-RAY DIFFRACTION' ? 
r_symmetry_vdw_other         ?      ?      ? ?    'X-RAY DIFFRACTION' ? 
r_symmetry_hbond_refined     ?      ?      ? ?    'X-RAY DIFFRACTION' ? 
r_symmetry_hbond_other       ?      ?      ? ?    'X-RAY DIFFRACTION' ? 
r_symmetry_metal_ion_refined ?      ?      ? ?    'X-RAY DIFFRACTION' ? 
r_symmetry_metal_ion_other   ?      ?      ? ?    'X-RAY DIFFRACTION' ? 
r_mcbond_it                  0.853  1.500  ? 696  'X-RAY DIFFRACTION' ? 
r_mcbond_other               0.271  1.500  ? 280  'X-RAY DIFFRACTION' ? 
r_mcangle_it                 1.375  2.000  ? 1137 'X-RAY DIFFRACTION' ? 
r_scbond_it                  2.677  3.000  ? 335  'X-RAY DIFFRACTION' ? 
r_scangle_it                 4.293  4.500  ? 256  'X-RAY DIFFRACTION' ? 
r_rigid_bond_restr           ?      ?      ? ?    'X-RAY DIFFRACTION' ? 
r_sphericity_free            ?      ?      ? ?    'X-RAY DIFFRACTION' ? 
r_sphericity_bonded          ?      ?      ? ?    'X-RAY DIFFRACTION' ? 
# 
loop_
_refine_ls_restr_ncs.dom_id 
_refine_ls_restr_ncs.pdbx_auth_asym_id 
_refine_ls_restr_ncs.pdbx_number 
_refine_ls_restr_ncs.rms_dev_position 
_refine_ls_restr_ncs.weight_position 
_refine_ls_restr_ncs.pdbx_type 
_refine_ls_restr_ncs.pdbx_ens_id 
_refine_ls_restr_ncs.pdbx_ordinal 
_refine_ls_restr_ncs.pdbx_refine_id 
_refine_ls_restr_ncs.ncs_model_details 
_refine_ls_restr_ncs.rms_dev_B_iso 
_refine_ls_restr_ncs.weight_B_iso 
_refine_ls_restr_ncs.pdbx_asym_id 
_refine_ls_restr_ncs.pdbx_rms 
_refine_ls_restr_ncs.pdbx_weight 
1 A 755 0.34 0.50 'medium positional' 1 1 'X-RAY DIFFRACTION' ? ? ? ? ? ? 
1 A 755 0.86 2.00 'medium thermal'    1 2 'X-RAY DIFFRACTION' ? ? ? ? ? ? 
# 
_refine_ls_shell.pdbx_total_number_of_bins_used   20 
_refine_ls_shell.d_res_high                       1.805 
_refine_ls_shell.d_res_low                        1.852 
_refine_ls_shell.number_reflns_R_work             535 
_refine_ls_shell.R_factor_R_work                  0.196 
_refine_ls_shell.percent_reflns_obs               58.29 
_refine_ls_shell.R_factor_R_free                  0.243 
_refine_ls_shell.R_factor_R_free_error            ? 
_refine_ls_shell.percent_reflns_R_free            ? 
_refine_ls_shell.number_reflns_R_free             31 
_refine_ls_shell.number_reflns_all                ? 
_refine_ls_shell.R_factor_all                     ? 
_refine_ls_shell.number_reflns_obs                ? 
_refine_ls_shell.redundancy_reflns_obs            ? 
_refine_ls_shell.pdbx_refine_id                   'X-RAY DIFFRACTION' 
# 
loop_
_struct_ncs_dom.id 
_struct_ncs_dom.details 
_struct_ncs_dom.pdbx_ens_id 
1 A 1 
2 B 1 
# 
_struct_ncs_ens.id        1 
_struct_ncs_ens.details   ? 
# 
_struct.entry_id                  3GHD 
_struct.title                     
'Crystal structure of a cystathionine beta-synthase domain protein fused to a Zn-ribbon-like domain' 
_struct.pdbx_model_details        ? 
_struct.pdbx_CASP_flag            ? 
_struct.pdbx_model_type_details   ? 
# 
_struct_keywords.entry_id        3GHD 
_struct_keywords.pdbx_keywords   'Nucleotide binding protein, Metal binding protein' 
_struct_keywords.text            
;PF1953, APC40009, cystathionine beta-synthase domain protein, Structural Genomics, PSI-2, Protein Structure Initiative, Midwest Center for Structural Genomics, MCSG, NUCLEOTIDE BINDING PROTEIN, METAL BINDIN, Metal binding protein
;
# 
loop_
_struct_asym.id 
_struct_asym.pdbx_blank_PDB_chainid_flag 
_struct_asym.pdbx_modified 
_struct_asym.entity_id 
_struct_asym.details 
A N N 1 ? 
B N N 1 ? 
C N N 2 ? 
D N N 2 ? 
# 
_struct_ref.id                         1 
_struct_ref.db_name                    UNP 
_struct_ref.db_code                    Q8TZN4_PYRFU 
_struct_ref.pdbx_db_accession          Q8TZN4 
_struct_ref.entity_id                  1 
_struct_ref.pdbx_seq_one_letter_code   KAIVVQPKDTVDRVAKILSRNKAGSAVVMEGDEILGVVTERDILDKVVAKGKNPKEVKVEEIMTKNPVKI 
_struct_ref.pdbx_align_begin           14 
_struct_ref.pdbx_db_isoform            ? 
# 
loop_
_struct_ref_seq.align_id 
_struct_ref_seq.ref_id 
_struct_ref_seq.pdbx_PDB_id_code 
_struct_ref_seq.pdbx_strand_id 
_struct_ref_seq.seq_align_beg 
_struct_ref_seq.pdbx_seq_align_beg_ins_code 
_struct_ref_seq.seq_align_end 
_struct_ref_seq.pdbx_seq_align_end_ins_code 
_struct_ref_seq.pdbx_db_accession 
_struct_ref_seq.db_align_beg 
_struct_ref_seq.pdbx_db_align_beg_ins_code 
_struct_ref_seq.db_align_end 
_struct_ref_seq.pdbx_db_align_end_ins_code 
_struct_ref_seq.pdbx_auth_seq_align_beg 
_struct_ref_seq.pdbx_auth_seq_align_end 
1 1 3GHD A 1 ? 70 ? Q8TZN4 14 ? 83 ? 14 83 
2 1 3GHD B 1 ? 70 ? Q8TZN4 14 ? 83 ? 14 83 
# 
loop_
_pdbx_struct_assembly.id 
_pdbx_struct_assembly.details 
_pdbx_struct_assembly.method_details 
_pdbx_struct_assembly.oligomeric_details 
_pdbx_struct_assembly.oligomeric_count 
1 software_defined_assembly PISA tetrameric 4 
2 software_defined_assembly PISA dimeric    2 
3 software_defined_assembly PISA dimeric    2 
# 
loop_
_pdbx_struct_assembly_prop.biol_id 
_pdbx_struct_assembly_prop.type 
_pdbx_struct_assembly_prop.value 
_pdbx_struct_assembly_prop.details 
1 'ABSA (A^2)' 4700  ? 
1 MORE         -33   ? 
1 'SSA (A^2)'  13680 ? 
2 'ABSA (A^2)' 1260  ? 
2 MORE         -8    ? 
2 'SSA (A^2)'  7930  ? 
3 'ABSA (A^2)' 1550  ? 
3 MORE         -13   ? 
3 'SSA (A^2)'  8010  ? 
# 
loop_
_pdbx_struct_assembly_gen.assembly_id 
_pdbx_struct_assembly_gen.oper_expression 
_pdbx_struct_assembly_gen.asym_id_list 
1 1,2 A,B,C,D 
2 1   A,B,C,D 
3 1,2 B,D     
# 
loop_
_pdbx_struct_oper_list.id 
_pdbx_struct_oper_list.type 
_pdbx_struct_oper_list.name 
_pdbx_struct_oper_list.symmetry_operation 
_pdbx_struct_oper_list.matrix[1][1] 
_pdbx_struct_oper_list.matrix[1][2] 
_pdbx_struct_oper_list.matrix[1][3] 
_pdbx_struct_oper_list.vector[1] 
_pdbx_struct_oper_list.matrix[2][1] 
_pdbx_struct_oper_list.matrix[2][2] 
_pdbx_struct_oper_list.matrix[2][3] 
_pdbx_struct_oper_list.vector[2] 
_pdbx_struct_oper_list.matrix[3][1] 
_pdbx_struct_oper_list.matrix[3][2] 
_pdbx_struct_oper_list.matrix[3][3] 
_pdbx_struct_oper_list.vector[3] 
1 'identity operation'         1_555 x,y,z     1.0000000000  0.0000000000  0.0000000000 0.0000000000   0.0000000000  1.0000000000  0.0000000000  0.0000000000   0.0000000000 0.0000000000  1.0000000000 0.0000000000   
2 'crystal symmetry operation' 2_755 -x+2,-y,z -0.9994255996 -0.0232457644 0.0246597893 -18.1992051503 -0.0232457644 -0.0592527340 -0.9979723182 -14.5623812618 0.0246597893 -0.9979723182 0.0586783337 -13.3034410687 
# 
_struct_biol.id        1 
_struct_biol.details   ? 
# 
loop_
_struct_conf.conf_type_id 
_struct_conf.id 
_struct_conf.pdbx_PDB_helix_id 
_struct_conf.beg_label_comp_id 
_struct_conf.beg_label_asym_id 
_struct_conf.beg_label_seq_id 
_struct_conf.pdbx_beg_PDB_ins_code 
_struct_conf.end_label_comp_id 
_struct_conf.end_label_asym_id 
_struct_conf.end_label_seq_id 
_struct_conf.pdbx_end_PDB_ins_code 
_struct_conf.beg_auth_comp_id 
_struct_conf.beg_auth_asym_id 
_struct_conf.beg_auth_seq_id 
_struct_conf.end_auth_comp_id 
_struct_conf.end_auth_asym_id 
_struct_conf.end_auth_seq_id 
_struct_conf.pdbx_PDB_helix_class 
_struct_conf.details 
_struct_conf.pdbx_PDB_helix_length 
HELX_P HELX_P1 1 THR A 10 ? ASN A 21 ? THR A 23 ASN A 34 1 ? 12 
HELX_P HELX_P2 2 GLU A 40 ? VAL A 47 ? GLU A 53 VAL A 60 1 ? 8  
HELX_P HELX_P3 3 ASN A 53 ? VAL A 57 ? ASN A 66 VAL A 70 5 ? 5  
HELX_P HELX_P4 4 LYS A 58 ? ILE A 62 ? LYS A 71 ILE A 75 5 ? 5  
HELX_P HELX_P5 5 THR B 10 ? ASN B 21 ? THR B 23 ASN B 34 1 ? 12 
HELX_P HELX_P6 6 GLU B 40 ? VAL B 47 ? GLU B 53 VAL B 60 1 ? 8  
HELX_P HELX_P7 7 ASN B 53 ? VAL B 57 ? ASN B 66 VAL B 70 5 ? 5  
HELX_P HELX_P8 8 LYS B 58 ? ILE B 62 ? LYS B 71 ILE B 75 5 ? 5  
# 
_struct_conf_type.id          HELX_P 
_struct_conf_type.criteria    ? 
_struct_conf_type.reference   ? 
# 
loop_
_struct_conn.id 
_struct_conn.conn_type_id 
_struct_conn.pdbx_leaving_atom_flag 
_struct_conn.pdbx_PDB_id 
_struct_conn.ptnr1_label_asym_id 
_struct_conn.ptnr1_label_comp_id 
_struct_conn.ptnr1_label_seq_id 
_struct_conn.ptnr1_label_atom_id 
_struct_conn.pdbx_ptnr1_label_alt_id 
_struct_conn.pdbx_ptnr1_PDB_ins_code 
_struct_conn.pdbx_ptnr1_standard_comp_id 
_struct_conn.ptnr1_symmetry 
_struct_conn.ptnr2_label_asym_id 
_struct_conn.ptnr2_label_comp_id 
_struct_conn.ptnr2_label_seq_id 
_struct_conn.ptnr2_label_atom_id 
_struct_conn.pdbx_ptnr2_label_alt_id 
_struct_conn.pdbx_ptnr2_PDB_ins_code 
_struct_conn.ptnr1_auth_asym_id 
_struct_conn.ptnr1_auth_comp_id 
_struct_conn.ptnr1_auth_seq_id 
_struct_conn.ptnr2_auth_asym_id 
_struct_conn.ptnr2_auth_comp_id 
_struct_conn.ptnr2_auth_seq_id 
_struct_conn.ptnr2_symmetry 
_struct_conn.pdbx_ptnr3_label_atom_id 
_struct_conn.pdbx_ptnr3_label_seq_id 
_struct_conn.pdbx_ptnr3_label_comp_id 
_struct_conn.pdbx_ptnr3_label_asym_id 
_struct_conn.pdbx_ptnr3_label_alt_id 
_struct_conn.pdbx_ptnr3_PDB_ins_code 
_struct_conn.details 
_struct_conn.pdbx_dist_value 
_struct_conn.pdbx_value_order 
_struct_conn.pdbx_role 
covale1 covale both ? A VAL 28 C ? ? ? 1_555 A MSE 29 N ? ? A VAL 41 A MSE 42 1_555 ? ? ? ? ? ? ? 1.337 ? ? 
covale2 covale both ? A MSE 29 C ? ? ? 1_555 A GLU 30 N ? ? A MSE 42 A GLU 43 1_555 ? ? ? ? ? ? ? 1.333 ? ? 
covale3 covale both ? A ILE 62 C ? ? ? 1_555 A MSE 63 N ? ? A ILE 75 A MSE 76 1_555 ? ? ? ? ? ? ? 1.332 ? ? 
covale4 covale both ? A MSE 63 C ? ? ? 1_555 A THR 64 N ? ? A MSE 76 A THR 77 1_555 ? ? ? ? ? ? ? 1.320 ? ? 
covale5 covale both ? B VAL 28 C ? ? ? 1_555 B MSE 29 N ? ? B VAL 41 B MSE 42 1_555 ? ? ? ? ? ? ? 1.334 ? ? 
covale6 covale both ? B MSE 29 C ? ? ? 1_555 B GLU 30 N ? ? B MSE 42 B GLU 43 1_555 ? ? ? ? ? ? ? 1.329 ? ? 
covale7 covale both ? B ILE 62 C ? ? ? 1_555 B MSE 63 N ? ? B ILE 75 B MSE 76 1_555 ? ? ? ? ? ? ? 1.335 ? ? 
covale8 covale both ? B MSE 63 C ? ? ? 1_555 B THR 64 N ? ? B MSE 76 B THR 77 1_555 ? ? ? ? ? ? ? 1.328 ? ? 
# 
_struct_conn_type.id          covale 
_struct_conn_type.criteria    ? 
_struct_conn_type.reference   ? 
# 
loop_
_pdbx_modification_feature.ordinal 
_pdbx_modification_feature.label_comp_id 
_pdbx_modification_feature.label_asym_id 
_pdbx_modification_feature.label_seq_id 
_pdbx_modification_feature.label_alt_id 
_pdbx_modification_feature.modified_residue_label_comp_id 
_pdbx_modification_feature.modified_residue_label_asym_id 
_pdbx_modification_feature.modified_residue_label_seq_id 
_pdbx_modification_feature.modified_residue_label_alt_id 
_pdbx_modification_feature.auth_comp_id 
_pdbx_modification_feature.auth_asym_id 
_pdbx_modification_feature.auth_seq_id 
_pdbx_modification_feature.PDB_ins_code 
_pdbx_modification_feature.symmetry 
_pdbx_modification_feature.modified_residue_auth_comp_id 
_pdbx_modification_feature.modified_residue_auth_asym_id 
_pdbx_modification_feature.modified_residue_auth_seq_id 
_pdbx_modification_feature.modified_residue_PDB_ins_code 
_pdbx_modification_feature.modified_residue_symmetry 
_pdbx_modification_feature.comp_id_linking_atom 
_pdbx_modification_feature.modified_residue_id_linking_atom 
_pdbx_modification_feature.modified_residue_id 
_pdbx_modification_feature.ref_pcm_id 
_pdbx_modification_feature.ref_comp_id 
_pdbx_modification_feature.type 
_pdbx_modification_feature.category 
1 MSE A 29 ? . . . . MSE A 42 ? 1_555 . . . . . . . MET 1 MSE Selenomethionine 'Named protein modification' 
2 MSE A 63 ? . . . . MSE A 76 ? 1_555 . . . . . . . MET 1 MSE Selenomethionine 'Named protein modification' 
3 MSE B 29 ? . . . . MSE B 42 ? 1_555 . . . . . . . MET 1 MSE Selenomethionine 'Named protein modification' 
4 MSE B 63 ? . . . . MSE B 76 ? 1_555 . . . . . . . MET 1 MSE Selenomethionine 'Named protein modification' 
# 
loop_
_struct_sheet.id 
_struct_sheet.type 
_struct_sheet.number_strands 
_struct_sheet.details 
A ? 4 ? 
B ? 3 ? 
# 
loop_
_struct_sheet_order.sheet_id 
_struct_sheet_order.range_id_1 
_struct_sheet_order.range_id_2 
_struct_sheet_order.offset 
_struct_sheet_order.sense 
A 1 2 ? parallel      
A 2 3 ? anti-parallel 
A 3 4 ? anti-parallel 
B 1 2 ? parallel      
B 2 3 ? anti-parallel 
# 
loop_
_struct_sheet_range.sheet_id 
_struct_sheet_range.id 
_struct_sheet_range.beg_label_comp_id 
_struct_sheet_range.beg_label_asym_id 
_struct_sheet_range.beg_label_seq_id 
_struct_sheet_range.pdbx_beg_PDB_ins_code 
_struct_sheet_range.end_label_comp_id 
_struct_sheet_range.end_label_asym_id 
_struct_sheet_range.end_label_seq_id 
_struct_sheet_range.pdbx_end_PDB_ins_code 
_struct_sheet_range.beg_auth_comp_id 
_struct_sheet_range.beg_auth_asym_id 
_struct_sheet_range.beg_auth_seq_id 
_struct_sheet_range.end_auth_comp_id 
_struct_sheet_range.end_auth_asym_id 
_struct_sheet_range.end_auth_seq_id 
A 1 ALA A 2  ? VAL A 5  ? ALA A 15 VAL A 18 
A 2 SER A 25 ? GLU A 30 ? SER A 38 GLU A 43 
A 3 GLU A 33 ? THR A 39 ? GLU A 46 THR A 52 
A 4 THR A 64 ? LYS A 65 ? THR A 77 LYS A 78 
B 1 ALA B 2  ? VAL B 5  ? ALA B 15 VAL B 18 
B 2 SER B 25 ? GLU B 30 ? SER B 38 GLU B 43 
B 3 GLU B 33 ? THR B 39 ? GLU B 46 THR B 52 
# 
loop_
_pdbx_struct_sheet_hbond.sheet_id 
_pdbx_struct_sheet_hbond.range_id_1 
_pdbx_struct_sheet_hbond.range_id_2 
_pdbx_struct_sheet_hbond.range_1_label_atom_id 
_pdbx_struct_sheet_hbond.range_1_label_comp_id 
_pdbx_struct_sheet_hbond.range_1_label_asym_id 
_pdbx_struct_sheet_hbond.range_1_label_seq_id 
_pdbx_struct_sheet_hbond.range_1_PDB_ins_code 
_pdbx_struct_sheet_hbond.range_1_auth_atom_id 
_pdbx_struct_sheet_hbond.range_1_auth_comp_id 
_pdbx_struct_sheet_hbond.range_1_auth_asym_id 
_pdbx_struct_sheet_hbond.range_1_auth_seq_id 
_pdbx_struct_sheet_hbond.range_2_label_atom_id 
_pdbx_struct_sheet_hbond.range_2_label_comp_id 
_pdbx_struct_sheet_hbond.range_2_label_asym_id 
_pdbx_struct_sheet_hbond.range_2_label_seq_id 
_pdbx_struct_sheet_hbond.range_2_PDB_ins_code 
_pdbx_struct_sheet_hbond.range_2_auth_atom_id 
_pdbx_struct_sheet_hbond.range_2_auth_comp_id 
_pdbx_struct_sheet_hbond.range_2_auth_asym_id 
_pdbx_struct_sheet_hbond.range_2_auth_seq_id 
A 1 2 N VAL A 5  ? N VAL A 18 O MSE A 29 ? O MSE A 42 
A 2 3 N ALA A 26 ? N ALA A 39 O VAL A 38 ? O VAL A 51 
A 3 4 N VAL A 37 ? N VAL A 50 O THR A 64 ? O THR A 77 
B 1 2 N VAL B 5  ? N VAL B 18 O MSE B 29 ? O MSE B 42 
B 2 3 N GLU B 30 ? N GLU B 43 O GLU B 33 ? O GLU B 46 
# 
_pdbx_entry_details.entry_id                   3GHD 
_pdbx_entry_details.compound_details           ? 
_pdbx_entry_details.source_details             ? 
_pdbx_entry_details.nonpolymer_details         ? 
_pdbx_entry_details.sequence_details           
;AUTHORS STATE THAT THE PROTEIN WAS CRYSTALLIZED BY IN SITU PROTEOLYSIS METHOD AND THE EXACT SEQUENCE WENT INTO THE CRYSTAL WAS NOT DETERMINED. THE PROTEIN WAS MIXED WITH 100:1(W/W) WITH CHYMOTRYPSIN IMMEDIATELY PRIOR TO CRYSTALLIZATION TRIAL. THE FULL SEQUENCE BEFORE PROTEOLYSIS WAS
MGSSHHHHHHSSGRENLYFQGMAQKILVEQVVKRKAIVVQPKDTVDRVAKILSRNKAG
SAVVMEGDEILGVVTERDILDKVVAKGKNPKEVKVEEIMTKNPVKIEYDYDIEDVIEL
MTEKGVRRVLVTKFGKPIGFVTAADILAALASHNHEEEEEEREEESEVYGICEVCGQY
GALYKVYHEGRELWVCETCKDLIEGR
;
_pdbx_entry_details.has_ligand_of_interest     ? 
_pdbx_entry_details.has_protein_modification   Y 
# 
_pdbx_validate_rmsd_angle.id                         1 
_pdbx_validate_rmsd_angle.PDB_model_num              1 
_pdbx_validate_rmsd_angle.auth_atom_id_1             NE 
_pdbx_validate_rmsd_angle.auth_asym_id_1             B 
_pdbx_validate_rmsd_angle.auth_comp_id_1             ARG 
_pdbx_validate_rmsd_angle.auth_seq_id_1              54 
_pdbx_validate_rmsd_angle.PDB_ins_code_1             ? 
_pdbx_validate_rmsd_angle.label_alt_id_1             ? 
_pdbx_validate_rmsd_angle.auth_atom_id_2             CZ 
_pdbx_validate_rmsd_angle.auth_asym_id_2             B 
_pdbx_validate_rmsd_angle.auth_comp_id_2             ARG 
_pdbx_validate_rmsd_angle.auth_seq_id_2              54 
_pdbx_validate_rmsd_angle.PDB_ins_code_2             ? 
_pdbx_validate_rmsd_angle.label_alt_id_2             ? 
_pdbx_validate_rmsd_angle.auth_atom_id_3             NH1 
_pdbx_validate_rmsd_angle.auth_asym_id_3             B 
_pdbx_validate_rmsd_angle.auth_comp_id_3             ARG 
_pdbx_validate_rmsd_angle.auth_seq_id_3              54 
_pdbx_validate_rmsd_angle.PDB_ins_code_3             ? 
_pdbx_validate_rmsd_angle.label_alt_id_3             ? 
_pdbx_validate_rmsd_angle.angle_value                123.53 
_pdbx_validate_rmsd_angle.angle_target_value         120.30 
_pdbx_validate_rmsd_angle.angle_deviation            3.23 
_pdbx_validate_rmsd_angle.angle_standard_deviation   0.50 
_pdbx_validate_rmsd_angle.linker_flag                N 
# 
loop_
_pdbx_validate_torsion.id 
_pdbx_validate_torsion.PDB_model_num 
_pdbx_validate_torsion.auth_comp_id 
_pdbx_validate_torsion.auth_asym_id 
_pdbx_validate_torsion.auth_seq_id 
_pdbx_validate_torsion.PDB_ins_code 
_pdbx_validate_torsion.label_alt_id 
_pdbx_validate_torsion.phi 
_pdbx_validate_torsion.psi 
1 1 ASN A 79 ? ? -52.66  109.26 
2 1 VAL B 60 ? ? -116.01 -71.24 
# 
_pdbx_SG_project.id                    1 
_pdbx_SG_project.project_name          'PSI, Protein Structure Initiative' 
_pdbx_SG_project.full_name_of_center   'Midwest Center for Structural Genomics' 
_pdbx_SG_project.initial_of_center     MCSG 
# 
loop_
_pdbx_struct_mod_residue.id 
_pdbx_struct_mod_residue.label_asym_id 
_pdbx_struct_mod_residue.label_comp_id 
_pdbx_struct_mod_residue.label_seq_id 
_pdbx_struct_mod_residue.auth_asym_id 
_pdbx_struct_mod_residue.auth_comp_id 
_pdbx_struct_mod_residue.auth_seq_id 
_pdbx_struct_mod_residue.PDB_ins_code 
_pdbx_struct_mod_residue.parent_comp_id 
_pdbx_struct_mod_residue.details 
1 A MSE 29 A MSE 42 ? MET SELENOMETHIONINE 
2 A MSE 63 A MSE 76 ? MET SELENOMETHIONINE 
3 B MSE 29 B MSE 42 ? MET SELENOMETHIONINE 
4 B MSE 63 B MSE 76 ? MET SELENOMETHIONINE 
# 
loop_
_pdbx_refine_tls.pdbx_refine_id 
_pdbx_refine_tls.id 
_pdbx_refine_tls.details 
_pdbx_refine_tls.method 
_pdbx_refine_tls.origin_x 
_pdbx_refine_tls.origin_y 
_pdbx_refine_tls.origin_z 
_pdbx_refine_tls.T[1][1] 
_pdbx_refine_tls.T[2][2] 
_pdbx_refine_tls.T[3][3] 
_pdbx_refine_tls.T[1][2] 
_pdbx_refine_tls.T[1][3] 
_pdbx_refine_tls.T[2][3] 
_pdbx_refine_tls.L[1][1] 
_pdbx_refine_tls.L[2][2] 
_pdbx_refine_tls.L[3][3] 
_pdbx_refine_tls.L[1][2] 
_pdbx_refine_tls.L[1][3] 
_pdbx_refine_tls.L[2][3] 
_pdbx_refine_tls.S[1][1] 
_pdbx_refine_tls.S[2][2] 
_pdbx_refine_tls.S[3][3] 
_pdbx_refine_tls.S[1][2] 
_pdbx_refine_tls.S[1][3] 
_pdbx_refine_tls.S[2][3] 
_pdbx_refine_tls.S[2][1] 
_pdbx_refine_tls.S[3][1] 
_pdbx_refine_tls.S[3][2] 
'X-RAY DIFFRACTION' 1 ? refined 7.0974  6.8245  -4.9482 0.1611 0.1250 0.1507 -0.0701 -0.0573 -0.0314 2.4408 2.1075 2.8300 0.6164 -1.2367 -1.8460 0.1112 -0.2617 0.1504 -0.1407 0.2702 -0.1071 0.2155 -0.2833 0.3897 
'X-RAY DIFFRACTION' 2 ? refined -7.1907 -6.6856 5.4969  0.1236 0.1130 0.0629 0.0022  0.0202  -0.0593 1.4143 1.8264 1.6924 1.2711 -0.0480 -0.1974 0.0502 -0.1244 0.0743 -0.3043 0.1554 0.0676  0.1990 -0.2095 0.0900 
# 
loop_
_pdbx_refine_tls_group.pdbx_refine_id 
_pdbx_refine_tls_group.id 
_pdbx_refine_tls_group.refine_tls_id 
_pdbx_refine_tls_group.beg_auth_asym_id 
_pdbx_refine_tls_group.beg_auth_seq_id 
_pdbx_refine_tls_group.end_auth_asym_id 
_pdbx_refine_tls_group.end_auth_seq_id 
_pdbx_refine_tls_group.selection_details 
_pdbx_refine_tls_group.beg_label_asym_id 
_pdbx_refine_tls_group.beg_label_seq_id 
_pdbx_refine_tls_group.end_label_asym_id 
_pdbx_refine_tls_group.end_label_seq_id 
_pdbx_refine_tls_group.selection 
'X-RAY DIFFRACTION' 1 1 A 14 A 83 ? . . . . ? 
'X-RAY DIFFRACTION' 2 2 B 14 B 83 ? . . . . ? 
# 
loop_
_chem_comp_atom.comp_id 
_chem_comp_atom.atom_id 
_chem_comp_atom.type_symbol 
_chem_comp_atom.pdbx_aromatic_flag 
_chem_comp_atom.pdbx_stereo_config 
_chem_comp_atom.pdbx_ordinal 
ALA N    N  N N 1   
ALA CA   C  N S 2   
ALA C    C  N N 3   
ALA O    O  N N 4   
ALA CB   C  N N 5   
ALA OXT  O  N N 6   
ALA H    H  N N 7   
ALA H2   H  N N 8   
ALA HA   H  N N 9   
ALA HB1  H  N N 10  
ALA HB2  H  N N 11  
ALA HB3  H  N N 12  
ALA HXT  H  N N 13  
ARG N    N  N N 14  
ARG CA   C  N S 15  
ARG C    C  N N 16  
ARG O    O  N N 17  
ARG CB   C  N N 18  
ARG CG   C  N N 19  
ARG CD   C  N N 20  
ARG NE   N  N N 21  
ARG CZ   C  N N 22  
ARG NH1  N  N N 23  
ARG NH2  N  N N 24  
ARG OXT  O  N N 25  
ARG H    H  N N 26  
ARG H2   H  N N 27  
ARG HA   H  N N 28  
ARG HB2  H  N N 29  
ARG HB3  H  N N 30  
ARG HG2  H  N N 31  
ARG HG3  H  N N 32  
ARG HD2  H  N N 33  
ARG HD3  H  N N 34  
ARG HE   H  N N 35  
ARG HH11 H  N N 36  
ARG HH12 H  N N 37  
ARG HH21 H  N N 38  
ARG HH22 H  N N 39  
ARG HXT  H  N N 40  
ASN N    N  N N 41  
ASN CA   C  N S 42  
ASN C    C  N N 43  
ASN O    O  N N 44  
ASN CB   C  N N 45  
ASN CG   C  N N 46  
ASN OD1  O  N N 47  
ASN ND2  N  N N 48  
ASN OXT  O  N N 49  
ASN H    H  N N 50  
ASN H2   H  N N 51  
ASN HA   H  N N 52  
ASN HB2  H  N N 53  
ASN HB3  H  N N 54  
ASN HD21 H  N N 55  
ASN HD22 H  N N 56  
ASN HXT  H  N N 57  
ASP N    N  N N 58  
ASP CA   C  N S 59  
ASP C    C  N N 60  
ASP O    O  N N 61  
ASP CB   C  N N 62  
ASP CG   C  N N 63  
ASP OD1  O  N N 64  
ASP OD2  O  N N 65  
ASP OXT  O  N N 66  
ASP H    H  N N 67  
ASP H2   H  N N 68  
ASP HA   H  N N 69  
ASP HB2  H  N N 70  
ASP HB3  H  N N 71  
ASP HD2  H  N N 72  
ASP HXT  H  N N 73  
GLN N    N  N N 74  
GLN CA   C  N S 75  
GLN C    C  N N 76  
GLN O    O  N N 77  
GLN CB   C  N N 78  
GLN CG   C  N N 79  
GLN CD   C  N N 80  
GLN OE1  O  N N 81  
GLN NE2  N  N N 82  
GLN OXT  O  N N 83  
GLN H    H  N N 84  
GLN H2   H  N N 85  
GLN HA   H  N N 86  
GLN HB2  H  N N 87  
GLN HB3  H  N N 88  
GLN HG2  H  N N 89  
GLN HG3  H  N N 90  
GLN HE21 H  N N 91  
GLN HE22 H  N N 92  
GLN HXT  H  N N 93  
GLU N    N  N N 94  
GLU CA   C  N S 95  
GLU C    C  N N 96  
GLU O    O  N N 97  
GLU CB   C  N N 98  
GLU CG   C  N N 99  
GLU CD   C  N N 100 
GLU OE1  O  N N 101 
GLU OE2  O  N N 102 
GLU OXT  O  N N 103 
GLU H    H  N N 104 
GLU H2   H  N N 105 
GLU HA   H  N N 106 
GLU HB2  H  N N 107 
GLU HB3  H  N N 108 
GLU HG2  H  N N 109 
GLU HG3  H  N N 110 
GLU HE2  H  N N 111 
GLU HXT  H  N N 112 
GLY N    N  N N 113 
GLY CA   C  N N 114 
GLY C    C  N N 115 
GLY O    O  N N 116 
GLY OXT  O  N N 117 
GLY H    H  N N 118 
GLY H2   H  N N 119 
GLY HA2  H  N N 120 
GLY HA3  H  N N 121 
GLY HXT  H  N N 122 
HOH O    O  N N 123 
HOH H1   H  N N 124 
HOH H2   H  N N 125 
ILE N    N  N N 126 
ILE CA   C  N S 127 
ILE C    C  N N 128 
ILE O    O  N N 129 
ILE CB   C  N S 130 
ILE CG1  C  N N 131 
ILE CG2  C  N N 132 
ILE CD1  C  N N 133 
ILE OXT  O  N N 134 
ILE H    H  N N 135 
ILE H2   H  N N 136 
ILE HA   H  N N 137 
ILE HB   H  N N 138 
ILE HG12 H  N N 139 
ILE HG13 H  N N 140 
ILE HG21 H  N N 141 
ILE HG22 H  N N 142 
ILE HG23 H  N N 143 
ILE HD11 H  N N 144 
ILE HD12 H  N N 145 
ILE HD13 H  N N 146 
ILE HXT  H  N N 147 
LEU N    N  N N 148 
LEU CA   C  N S 149 
LEU C    C  N N 150 
LEU O    O  N N 151 
LEU CB   C  N N 152 
LEU CG   C  N N 153 
LEU CD1  C  N N 154 
LEU CD2  C  N N 155 
LEU OXT  O  N N 156 
LEU H    H  N N 157 
LEU H2   H  N N 158 
LEU HA   H  N N 159 
LEU HB2  H  N N 160 
LEU HB3  H  N N 161 
LEU HG   H  N N 162 
LEU HD11 H  N N 163 
LEU HD12 H  N N 164 
LEU HD13 H  N N 165 
LEU HD21 H  N N 166 
LEU HD22 H  N N 167 
LEU HD23 H  N N 168 
LEU HXT  H  N N 169 
LYS N    N  N N 170 
LYS CA   C  N S 171 
LYS C    C  N N 172 
LYS O    O  N N 173 
LYS CB   C  N N 174 
LYS CG   C  N N 175 
LYS CD   C  N N 176 
LYS CE   C  N N 177 
LYS NZ   N  N N 178 
LYS OXT  O  N N 179 
LYS H    H  N N 180 
LYS H2   H  N N 181 
LYS HA   H  N N 182 
LYS HB2  H  N N 183 
LYS HB3  H  N N 184 
LYS HG2  H  N N 185 
LYS HG3  H  N N 186 
LYS HD2  H  N N 187 
LYS HD3  H  N N 188 
LYS HE2  H  N N 189 
LYS HE3  H  N N 190 
LYS HZ1  H  N N 191 
LYS HZ2  H  N N 192 
LYS HZ3  H  N N 193 
LYS HXT  H  N N 194 
MSE N    N  N N 195 
MSE CA   C  N S 196 
MSE C    C  N N 197 
MSE O    O  N N 198 
MSE OXT  O  N N 199 
MSE CB   C  N N 200 
MSE CG   C  N N 201 
MSE SE   SE N N 202 
MSE CE   C  N N 203 
MSE H    H  N N 204 
MSE H2   H  N N 205 
MSE HA   H  N N 206 
MSE HXT  H  N N 207 
MSE HB2  H  N N 208 
MSE HB3  H  N N 209 
MSE HG2  H  N N 210 
MSE HG3  H  N N 211 
MSE HE1  H  N N 212 
MSE HE2  H  N N 213 
MSE HE3  H  N N 214 
PRO N    N  N N 215 
PRO CA   C  N S 216 
PRO C    C  N N 217 
PRO O    O  N N 218 
PRO CB   C  N N 219 
PRO CG   C  N N 220 
PRO CD   C  N N 221 
PRO OXT  O  N N 222 
PRO H    H  N N 223 
PRO HA   H  N N 224 
PRO HB2  H  N N 225 
PRO HB3  H  N N 226 
PRO HG2  H  N N 227 
PRO HG3  H  N N 228 
PRO HD2  H  N N 229 
PRO HD3  H  N N 230 
PRO HXT  H  N N 231 
SER N    N  N N 232 
SER CA   C  N S 233 
SER C    C  N N 234 
SER O    O  N N 235 
SER CB   C  N N 236 
SER OG   O  N N 237 
SER OXT  O  N N 238 
SER H    H  N N 239 
SER H2   H  N N 240 
SER HA   H  N N 241 
SER HB2  H  N N 242 
SER HB3  H  N N 243 
SER HG   H  N N 244 
SER HXT  H  N N 245 
THR N    N  N N 246 
THR CA   C  N S 247 
THR C    C  N N 248 
THR O    O  N N 249 
THR CB   C  N R 250 
THR OG1  O  N N 251 
THR CG2  C  N N 252 
THR OXT  O  N N 253 
THR H    H  N N 254 
THR H2   H  N N 255 
THR HA   H  N N 256 
THR HB   H  N N 257 
THR HG1  H  N N 258 
THR HG21 H  N N 259 
THR HG22 H  N N 260 
THR HG23 H  N N 261 
THR HXT  H  N N 262 
VAL N    N  N N 263 
VAL CA   C  N S 264 
VAL C    C  N N 265 
VAL O    O  N N 266 
VAL CB   C  N N 267 
VAL CG1  C  N N 268 
VAL CG2  C  N N 269 
VAL OXT  O  N N 270 
VAL H    H  N N 271 
VAL H2   H  N N 272 
VAL HA   H  N N 273 
VAL HB   H  N N 274 
VAL HG11 H  N N 275 
VAL HG12 H  N N 276 
VAL HG13 H  N N 277 
VAL HG21 H  N N 278 
VAL HG22 H  N N 279 
VAL HG23 H  N N 280 
VAL HXT  H  N N 281 
# 
loop_
_chem_comp_bond.comp_id 
_chem_comp_bond.atom_id_1 
_chem_comp_bond.atom_id_2 
_chem_comp_bond.value_order 
_chem_comp_bond.pdbx_aromatic_flag 
_chem_comp_bond.pdbx_stereo_config 
_chem_comp_bond.pdbx_ordinal 
ALA N   CA   sing N N 1   
ALA N   H    sing N N 2   
ALA N   H2   sing N N 3   
ALA CA  C    sing N N 4   
ALA CA  CB   sing N N 5   
ALA CA  HA   sing N N 6   
ALA C   O    doub N N 7   
ALA C   OXT  sing N N 8   
ALA CB  HB1  sing N N 9   
ALA CB  HB2  sing N N 10  
ALA CB  HB3  sing N N 11  
ALA OXT HXT  sing N N 12  
ARG N   CA   sing N N 13  
ARG N   H    sing N N 14  
ARG N   H2   sing N N 15  
ARG CA  C    sing N N 16  
ARG CA  CB   sing N N 17  
ARG CA  HA   sing N N 18  
ARG C   O    doub N N 19  
ARG C   OXT  sing N N 20  
ARG CB  CG   sing N N 21  
ARG CB  HB2  sing N N 22  
ARG CB  HB3  sing N N 23  
ARG CG  CD   sing N N 24  
ARG CG  HG2  sing N N 25  
ARG CG  HG3  sing N N 26  
ARG CD  NE   sing N N 27  
ARG CD  HD2  sing N N 28  
ARG CD  HD3  sing N N 29  
ARG NE  CZ   sing N N 30  
ARG NE  HE   sing N N 31  
ARG CZ  NH1  sing N N 32  
ARG CZ  NH2  doub N N 33  
ARG NH1 HH11 sing N N 34  
ARG NH1 HH12 sing N N 35  
ARG NH2 HH21 sing N N 36  
ARG NH2 HH22 sing N N 37  
ARG OXT HXT  sing N N 38  
ASN N   CA   sing N N 39  
ASN N   H    sing N N 40  
ASN N   H2   sing N N 41  
ASN CA  C    sing N N 42  
ASN CA  CB   sing N N 43  
ASN CA  HA   sing N N 44  
ASN C   O    doub N N 45  
ASN C   OXT  sing N N 46  
ASN CB  CG   sing N N 47  
ASN CB  HB2  sing N N 48  
ASN CB  HB3  sing N N 49  
ASN CG  OD1  doub N N 50  
ASN CG  ND2  sing N N 51  
ASN ND2 HD21 sing N N 52  
ASN ND2 HD22 sing N N 53  
ASN OXT HXT  sing N N 54  
ASP N   CA   sing N N 55  
ASP N   H    sing N N 56  
ASP N   H2   sing N N 57  
ASP CA  C    sing N N 58  
ASP CA  CB   sing N N 59  
ASP CA  HA   sing N N 60  
ASP C   O    doub N N 61  
ASP C   OXT  sing N N 62  
ASP CB  CG   sing N N 63  
ASP CB  HB2  sing N N 64  
ASP CB  HB3  sing N N 65  
ASP CG  OD1  doub N N 66  
ASP CG  OD2  sing N N 67  
ASP OD2 HD2  sing N N 68  
ASP OXT HXT  sing N N 69  
GLN N   CA   sing N N 70  
GLN N   H    sing N N 71  
GLN N   H2   sing N N 72  
GLN CA  C    sing N N 73  
GLN CA  CB   sing N N 74  
GLN CA  HA   sing N N 75  
GLN C   O    doub N N 76  
GLN C   OXT  sing N N 77  
GLN CB  CG   sing N N 78  
GLN CB  HB2  sing N N 79  
GLN CB  HB3  sing N N 80  
GLN CG  CD   sing N N 81  
GLN CG  HG2  sing N N 82  
GLN CG  HG3  sing N N 83  
GLN CD  OE1  doub N N 84  
GLN CD  NE2  sing N N 85  
GLN NE2 HE21 sing N N 86  
GLN NE2 HE22 sing N N 87  
GLN OXT HXT  sing N N 88  
GLU N   CA   sing N N 89  
GLU N   H    sing N N 90  
GLU N   H2   sing N N 91  
GLU CA  C    sing N N 92  
GLU CA  CB   sing N N 93  
GLU CA  HA   sing N N 94  
GLU C   O    doub N N 95  
GLU C   OXT  sing N N 96  
GLU CB  CG   sing N N 97  
GLU CB  HB2  sing N N 98  
GLU CB  HB3  sing N N 99  
GLU CG  CD   sing N N 100 
GLU CG  HG2  sing N N 101 
GLU CG  HG3  sing N N 102 
GLU CD  OE1  doub N N 103 
GLU CD  OE2  sing N N 104 
GLU OE2 HE2  sing N N 105 
GLU OXT HXT  sing N N 106 
GLY N   CA   sing N N 107 
GLY N   H    sing N N 108 
GLY N   H2   sing N N 109 
GLY CA  C    sing N N 110 
GLY CA  HA2  sing N N 111 
GLY CA  HA3  sing N N 112 
GLY C   O    doub N N 113 
GLY C   OXT  sing N N 114 
GLY OXT HXT  sing N N 115 
HOH O   H1   sing N N 116 
HOH O   H2   sing N N 117 
ILE N   CA   sing N N 118 
ILE N   H    sing N N 119 
ILE N   H2   sing N N 120 
ILE CA  C    sing N N 121 
ILE CA  CB   sing N N 122 
ILE CA  HA   sing N N 123 
ILE C   O    doub N N 124 
ILE C   OXT  sing N N 125 
ILE CB  CG1  sing N N 126 
ILE CB  CG2  sing N N 127 
ILE CB  HB   sing N N 128 
ILE CG1 CD1  sing N N 129 
ILE CG1 HG12 sing N N 130 
ILE CG1 HG13 sing N N 131 
ILE CG2 HG21 sing N N 132 
ILE CG2 HG22 sing N N 133 
ILE CG2 HG23 sing N N 134 
ILE CD1 HD11 sing N N 135 
ILE CD1 HD12 sing N N 136 
ILE CD1 HD13 sing N N 137 
ILE OXT HXT  sing N N 138 
LEU N   CA   sing N N 139 
LEU N   H    sing N N 140 
LEU N   H2   sing N N 141 
LEU CA  C    sing N N 142 
LEU CA  CB   sing N N 143 
LEU CA  HA   sing N N 144 
LEU C   O    doub N N 145 
LEU C   OXT  sing N N 146 
LEU CB  CG   sing N N 147 
LEU CB  HB2  sing N N 148 
LEU CB  HB3  sing N N 149 
LEU CG  CD1  sing N N 150 
LEU CG  CD2  sing N N 151 
LEU CG  HG   sing N N 152 
LEU CD1 HD11 sing N N 153 
LEU CD1 HD12 sing N N 154 
LEU CD1 HD13 sing N N 155 
LEU CD2 HD21 sing N N 156 
LEU CD2 HD22 sing N N 157 
LEU CD2 HD23 sing N N 158 
LEU OXT HXT  sing N N 159 
LYS N   CA   sing N N 160 
LYS N   H    sing N N 161 
LYS N   H2   sing N N 162 
LYS CA  C    sing N N 163 
LYS CA  CB   sing N N 164 
LYS CA  HA   sing N N 165 
LYS C   O    doub N N 166 
LYS C   OXT  sing N N 167 
LYS CB  CG   sing N N 168 
LYS CB  HB2  sing N N 169 
LYS CB  HB3  sing N N 170 
LYS CG  CD   sing N N 171 
LYS CG  HG2  sing N N 172 
LYS CG  HG3  sing N N 173 
LYS CD  CE   sing N N 174 
LYS CD  HD2  sing N N 175 
LYS CD  HD3  sing N N 176 
LYS CE  NZ   sing N N 177 
LYS CE  HE2  sing N N 178 
LYS CE  HE3  sing N N 179 
LYS NZ  HZ1  sing N N 180 
LYS NZ  HZ2  sing N N 181 
LYS NZ  HZ3  sing N N 182 
LYS OXT HXT  sing N N 183 
MSE N   CA   sing N N 184 
MSE N   H    sing N N 185 
MSE N   H2   sing N N 186 
MSE CA  C    sing N N 187 
MSE CA  CB   sing N N 188 
MSE CA  HA   sing N N 189 
MSE C   O    doub N N 190 
MSE C   OXT  sing N N 191 
MSE OXT HXT  sing N N 192 
MSE CB  CG   sing N N 193 
MSE CB  HB2  sing N N 194 
MSE CB  HB3  sing N N 195 
MSE CG  SE   sing N N 196 
MSE CG  HG2  sing N N 197 
MSE CG  HG3  sing N N 198 
MSE SE  CE   sing N N 199 
MSE CE  HE1  sing N N 200 
MSE CE  HE2  sing N N 201 
MSE CE  HE3  sing N N 202 
PRO N   CA   sing N N 203 
PRO N   CD   sing N N 204 
PRO N   H    sing N N 205 
PRO CA  C    sing N N 206 
PRO CA  CB   sing N N 207 
PRO CA  HA   sing N N 208 
PRO C   O    doub N N 209 
PRO C   OXT  sing N N 210 
PRO CB  CG   sing N N 211 
PRO CB  HB2  sing N N 212 
PRO CB  HB3  sing N N 213 
PRO CG  CD   sing N N 214 
PRO CG  HG2  sing N N 215 
PRO CG  HG3  sing N N 216 
PRO CD  HD2  sing N N 217 
PRO CD  HD3  sing N N 218 
PRO OXT HXT  sing N N 219 
SER N   CA   sing N N 220 
SER N   H    sing N N 221 
SER N   H2   sing N N 222 
SER CA  C    sing N N 223 
SER CA  CB   sing N N 224 
SER CA  HA   sing N N 225 
SER C   O    doub N N 226 
SER C   OXT  sing N N 227 
SER CB  OG   sing N N 228 
SER CB  HB2  sing N N 229 
SER CB  HB3  sing N N 230 
SER OG  HG   sing N N 231 
SER OXT HXT  sing N N 232 
THR N   CA   sing N N 233 
THR N   H    sing N N 234 
THR N   H2   sing N N 235 
THR CA  C    sing N N 236 
THR CA  CB   sing N N 237 
THR CA  HA   sing N N 238 
THR C   O    doub N N 239 
THR C   OXT  sing N N 240 
THR CB  OG1  sing N N 241 
THR CB  CG2  sing N N 242 
THR CB  HB   sing N N 243 
THR OG1 HG1  sing N N 244 
THR CG2 HG21 sing N N 245 
THR CG2 HG22 sing N N 246 
THR CG2 HG23 sing N N 247 
THR OXT HXT  sing N N 248 
VAL N   CA   sing N N 249 
VAL N   H    sing N N 250 
VAL N   H2   sing N N 251 
VAL CA  C    sing N N 252 
VAL CA  CB   sing N N 253 
VAL CA  HA   sing N N 254 
VAL C   O    doub N N 255 
VAL C   OXT  sing N N 256 
VAL CB  CG1  sing N N 257 
VAL CB  CG2  sing N N 258 
VAL CB  HB   sing N N 259 
VAL CG1 HG11 sing N N 260 
VAL CG1 HG12 sing N N 261 
VAL CG1 HG13 sing N N 262 
VAL CG2 HG21 sing N N 263 
VAL CG2 HG22 sing N N 264 
VAL CG2 HG23 sing N N 265 
VAL OXT HXT  sing N N 266 
# 
_atom_sites.entry_id                    3GHD 
_atom_sites.fract_transf_matrix[1][1]   -0.01832091 
_atom_sites.fract_transf_matrix[1][2]   -0.00187887 
_atom_sites.fract_transf_matrix[1][3]   -0.00134438 
_atom_sites.fract_transf_matrix[2][1]   -0.00169426 
_atom_sites.fract_transf_matrix[2][2]   0.00984925 
_atom_sites.fract_transf_matrix[2][3]   0.00932395 
_atom_sites.fract_transf_matrix[3][1]   -0.00048058 
_atom_sites.fract_transf_matrix[3][2]   0.01944899 
_atom_sites.fract_transf_matrix[3][3]   -0.02063206 
_atom_sites.fract_transf_vector[1]      0.810653 
_atom_sites.fract_transf_vector[2]      0.118317 
_atom_sites.fract_transf_vector[3]      0.173541 
# 
loop_
_atom_type.symbol 
C  
N  
O  
SE 
# 
loop_
_atom_site.group_PDB 
_atom_site.id 
_atom_site.type_symbol 
_atom_site.label_atom_id 
_atom_site.label_alt_id 
_atom_site.label_comp_id 
_atom_site.label_asym_id 
_atom_site.label_entity_id 
_atom_site.label_seq_id 
_atom_site.pdbx_PDB_ins_code 
_atom_site.Cartn_x 
_atom_site.Cartn_y 
_atom_site.Cartn_z 
_atom_site.occupancy 
_atom_site.B_iso_or_equiv 
_atom_site.pdbx_formal_charge 
_atom_site.auth_seq_id 
_atom_site.auth_comp_id 
_atom_site.auth_asym_id 
_atom_site.auth_atom_id 
_atom_site.pdbx_PDB_model_num 
ATOM   1    N  N   . LYS A 1 1  ? 5.852   -1.365  -15.385 1.00 22.14 ? 14  LYS A N   1 
ATOM   2    C  CA  . LYS A 1 1  ? 5.263   -0.189  -16.078 1.00 21.25 ? 14  LYS A CA  1 
ATOM   3    C  C   . LYS A 1 1  ? 5.326   0.971   -15.098 1.00 20.35 ? 14  LYS A C   1 
ATOM   4    O  O   . LYS A 1 1  ? 4.975   0.802   -13.933 1.00 20.86 ? 14  LYS A O   1 
ATOM   5    C  CB  . LYS A 1 1  ? 3.815   -0.474  -16.491 1.00 21.83 ? 14  LYS A CB  1 
ATOM   6    C  CG  . LYS A 1 1  ? 3.105   0.668   -17.237 1.00 23.89 ? 14  LYS A CG  1 
ATOM   7    C  CD  . LYS A 1 1  ? 1.689   0.928   -16.654 1.00 24.90 ? 14  LYS A CD  1 
ATOM   8    C  CE  . LYS A 1 1  ? 0.626   1.097   -17.716 1.00 24.42 ? 14  LYS A CE  1 
ATOM   9    N  NZ  . LYS A 1 1  ? -0.676  0.488   -17.288 1.00 24.65 ? 14  LYS A NZ  1 
ATOM   10   N  N   . ALA A 1 2  ? 5.733   2.142   -15.594 1.00 19.14 ? 15  ALA A N   1 
ATOM   11   C  CA  . ALA A 1 2  ? 6.052   3.300   -14.747 1.00 17.40 ? 15  ALA A CA  1 
ATOM   12   C  C   . ALA A 1 2  ? 5.208   4.528   -15.059 1.00 16.70 ? 15  ALA A C   1 
ATOM   13   O  O   . ALA A 1 2  ? 4.760   4.752   -16.175 1.00 17.82 ? 15  ALA A O   1 
ATOM   14   C  CB  . ALA A 1 2  ? 7.516   3.667   -14.872 1.00 17.94 ? 15  ALA A CB  1 
ATOM   15   N  N   . ILE A 1 3  ? 5.000   5.336   -14.041 1.00 15.98 ? 16  ILE A N   1 
ATOM   16   C  CA  . ILE A 1 3  ? 4.412   6.653   -14.206 1.00 14.87 ? 16  ILE A CA  1 
ATOM   17   C  C   . ILE A 1 3  ? 5.363   7.665   -13.538 1.00 14.93 ? 16  ILE A C   1 
ATOM   18   O  O   . ILE A 1 3  ? 5.903   7.394   -12.476 1.00 14.65 ? 16  ILE A O   1 
ATOM   19   C  CB  . ILE A 1 3  ? 3.064   6.747   -13.499 1.00 15.76 ? 16  ILE A CB  1 
ATOM   20   C  CG1 . ILE A 1 3  ? 2.033   5.719   -14.020 1.00 17.14 ? 16  ILE A CG1 1 
ATOM   21   C  CG2 . ILE A 1 3  ? 2.478   8.161   -13.636 1.00 16.00 ? 16  ILE A CG2 1 
ATOM   22   C  CD1 . ILE A 1 3  ? 1.351   6.134   -15.316 1.00 18.75 ? 16  ILE A CD1 1 
ATOM   23   N  N   . VAL A 1 4  ? 5.540   8.826   -14.162 1.00 13.54 ? 17  VAL A N   1 
ATOM   24   C  CA  . VAL A 1 4  ? 6.419   9.879   -13.627 1.00 13.02 ? 17  VAL A CA  1 
ATOM   25   C  C   . VAL A 1 4  ? 5.654   10.739  -12.632 1.00 14.06 ? 17  VAL A C   1 
ATOM   26   O  O   . VAL A 1 4  ? 4.531   11.153  -12.919 1.00 14.51 ? 17  VAL A O   1 
ATOM   27   C  CB  . VAL A 1 4  ? 6.977   10.722  -14.751 1.00 14.06 ? 17  VAL A CB  1 
ATOM   28   C  CG1 . VAL A 1 4  ? 7.940   11.814  -14.198 1.00 11.65 ? 17  VAL A CG1 1 
ATOM   29   C  CG2 . VAL A 1 4  ? 7.697   9.793   -15.782 1.00 12.72 ? 17  VAL A CG2 1 
ATOM   30   N  N   . VAL A 1 5  ? 6.265   10.965  -11.466 1.00 13.18 ? 18  VAL A N   1 
ATOM   31   C  CA  . VAL A 1 5  ? 5.743   11.853  -10.409 1.00 14.81 ? 18  VAL A CA  1 
ATOM   32   C  C   . VAL A 1 5  ? 6.797   12.858  -9.976  1.00 15.23 ? 18  VAL A C   1 
ATOM   33   O  O   . VAL A 1 5  ? 7.942   12.776  -10.393 1.00 16.51 ? 18  VAL A O   1 
ATOM   34   C  CB  . VAL A 1 5  ? 5.295   11.089  -9.158  1.00 13.61 ? 18  VAL A CB  1 
ATOM   35   C  CG1 . VAL A 1 5  ? 4.167   10.106  -9.482  1.00 15.61 ? 18  VAL A CG1 1 
ATOM   36   C  CG2 . VAL A 1 5  ? 6.485   10.368  -8.456  1.00 13.30 ? 18  VAL A CG2 1 
ATOM   37   N  N   . GLN A 1 6  ? 6.396   13.790  -9.119  1.00 16.70 ? 19  GLN A N   1 
ATOM   38   C  CA  . GLN A 1 6  ? 7.291   14.817  -8.578  1.00 17.46 ? 19  GLN A CA  1 
ATOM   39   C  C   . GLN A 1 6  ? 7.757   14.457  -7.155  1.00 17.28 ? 19  GLN A C   1 
ATOM   40   O  O   . GLN A 1 6  ? 7.023   13.834  -6.393  1.00 15.86 ? 19  GLN A O   1 
ATOM   41   C  CB  . GLN A 1 6  ? 6.552   16.146  -8.551  1.00 18.34 ? 19  GLN A CB  1 
ATOM   42   C  CG  . GLN A 1 6  ? 6.110   16.661  -9.925  1.00 20.74 ? 19  GLN A CG  1 
ATOM   43   C  CD  . GLN A 1 6  ? 4.897   17.578  -9.839  1.00 24.20 ? 19  GLN A CD  1 
ATOM   44   O  OE1 . GLN A 1 6  ? 5.011   18.793  -10.030 1.00 25.02 ? 19  GLN A OE1 1 
ATOM   45   N  NE2 . GLN A 1 6  ? 3.728   16.997  -9.522  1.00 25.94 ? 19  GLN A NE2 1 
ATOM   46   N  N   . PRO A 1 7  ? 8.973   14.891  -6.775  1.00 17.89 ? 20  PRO A N   1 
ATOM   47   C  CA  . PRO A 1 7  ? 9.518   14.543  -5.454  1.00 17.91 ? 20  PRO A CA  1 
ATOM   48   C  C   . PRO A 1 7  ? 8.601   14.876  -4.286  1.00 18.20 ? 20  PRO A C   1 
ATOM   49   O  O   . PRO A 1 7  ? 8.582   14.157  -3.290  1.00 18.48 ? 20  PRO A O   1 
ATOM   50   C  CB  . PRO A 1 7  ? 10.787  15.396  -5.360  1.00 18.10 ? 20  PRO A CB  1 
ATOM   51   C  CG  . PRO A 1 7  ? 10.673  16.408  -6.423  1.00 18.21 ? 20  PRO A CG  1 
ATOM   52   C  CD  . PRO A 1 7  ? 9.901   15.755  -7.521  1.00 17.87 ? 20  PRO A CD  1 
ATOM   53   N  N   . LYS A 1 8  ? 7.842   15.949  -4.427  1.00 18.60 ? 21  LYS A N   1 
ATOM   54   C  CA  . LYS A 1 8  ? 7.029   16.452  -3.332  1.00 18.71 ? 21  LYS A CA  1 
ATOM   55   C  C   . LYS A 1 8  ? 5.625   15.839  -3.330  1.00 18.59 ? 21  LYS A C   1 
ATOM   56   O  O   . LYS A 1 8  ? 4.857   16.106  -2.418  1.00 19.68 ? 21  LYS A O   1 
ATOM   57   C  CB  . LYS A 1 8  ? 6.968   17.974  -3.391  1.00 18.83 ? 21  LYS A CB  1 
ATOM   58   N  N   . ASP A 1 9  ? 5.297   14.994  -4.315  1.00 18.06 ? 22  ASP A N   1 
ATOM   59   C  CA  . ASP A 1 9  ? 3.999   14.271  -4.321  1.00 17.38 ? 22  ASP A CA  1 
ATOM   60   C  C   . ASP A 1 9  ? 3.918   13.351  -3.094  1.00 16.02 ? 22  ASP A C   1 
ATOM   61   O  O   . ASP A 1 9  ? 4.871   12.645  -2.759  1.00 15.14 ? 22  ASP A O   1 
ATOM   62   C  CB  . ASP A 1 9  ? 3.774   13.476  -5.636  1.00 17.16 ? 22  ASP A CB  1 
ATOM   63   C  CG  . ASP A 1 9  ? 3.570   14.393  -6.869  1.00 20.30 ? 22  ASP A CG  1 
ATOM   64   O  OD1 . ASP A 1 9  ? 3.247   15.583  -6.677  1.00 25.51 ? 22  ASP A OD1 1 
ATOM   65   O  OD2 . ASP A 1 9  ? 3.718   13.937  -8.027  1.00 24.79 ? 22  ASP A OD2 1 
ATOM   66   N  N   . THR A 1 10 ? 2.789   13.379  -2.407  1.00 14.79 ? 23  THR A N   1 
ATOM   67   C  CA  . THR A 1 10 ? 2.588   12.519  -1.246  1.00 14.77 ? 23  THR A CA  1 
ATOM   68   C  C   . THR A 1 10 ? 2.202   11.100  -1.683  1.00 15.17 ? 23  THR A C   1 
ATOM   69   O  O   . THR A 1 10 ? 1.795   10.890  -2.805  1.00 15.96 ? 23  THR A O   1 
ATOM   70   C  CB  . THR A 1 10 ? 1.522   13.078  -0.313  1.00 14.68 ? 23  THR A CB  1 
ATOM   71   O  OG1 . THR A 1 10 ? 0.341   13.352  -1.045  1.00 12.65 ? 23  THR A OG1 1 
ATOM   72   C  CG2 . THR A 1 10 ? 1.993   14.364  0.329   1.00 13.73 ? 23  THR A CG2 1 
ATOM   73   N  N   . VAL A 1 11 ? 2.358   10.153  -0.757  1.00 15.31 ? 24  VAL A N   1 
ATOM   74   C  CA  . VAL A 1 11 ? 2.302   8.742   -1.022  1.00 15.95 ? 24  VAL A CA  1 
ATOM   75   C  C   . VAL A 1 11 ? 0.886   8.243   -1.343  1.00 15.34 ? 24  VAL A C   1 
ATOM   76   O  O   . VAL A 1 11 ? 0.687   7.294   -2.166  1.00 16.37 ? 24  VAL A O   1 
ATOM   77   C  CB  . VAL A 1 11 ? 3.031   7.996   0.125   1.00 15.44 ? 24  VAL A CB  1 
ATOM   78   C  CG1 . VAL A 1 11 ? 2.765   6.497   -0.006  1.00 14.91 ? 24  VAL A CG1 1 
ATOM   79   C  CG2 . VAL A 1 11 ? 4.515   8.222   -0.013  1.00 12.57 ? 24  VAL A CG2 1 
ATOM   80   N  N   . ASP A 1 12 ? -0.090  8.917   -0.707  1.00 17.01 ? 25  ASP A N   1 
ATOM   81   C  CA  . ASP A 1 12 ? -1.511  8.720   -0.987  1.00 16.20 ? 25  ASP A CA  1 
ATOM   82   C  C   . ASP A 1 12 ? -1.822  9.094   -2.417  1.00 16.63 ? 25  ASP A C   1 
ATOM   83   O  O   . ASP A 1 12 ? -2.482  8.320   -3.107  1.00 15.37 ? 25  ASP A O   1 
ATOM   84   C  CB  . ASP A 1 12 ? -2.446  9.456   -0.016  1.00 17.35 ? 25  ASP A CB  1 
ATOM   85   C  CG  . ASP A 1 12 ? -2.217  10.949  0.027   1.00 17.01 ? 25  ASP A CG  1 
ATOM   86   O  OD1 . ASP A 1 12 ? -1.068  11.412  0.086   1.00 22.39 ? 25  ASP A OD1 1 
ATOM   87   O  OD2 . ASP A 1 12 ? -3.207  11.684  -0.005  1.00 18.22 ? 25  ASP A OD2 1 
ATOM   88   N  N   . ARG A 1 13 ? -1.368  10.258  -2.870  1.00 15.01 ? 26  ARG A N   1 
ATOM   89   C  CA  . ARG A 1 13 ? -1.601  10.650  -4.256  1.00 15.35 ? 26  ARG A CA  1 
ATOM   90   C  C   . ARG A 1 13 ? -0.887  9.727   -5.274  1.00 14.62 ? 26  ARG A C   1 
ATOM   91   O  O   . ARG A 1 13 ? -1.428  9.432   -6.309  1.00 15.56 ? 26  ARG A O   1 
ATOM   92   C  CB  . ARG A 1 13 ? -1.195  12.083  -4.518  1.00 14.83 ? 26  ARG A CB  1 
ATOM   93   C  CG  . ARG A 1 13 ? -2.126  13.136  -3.787  1.00 15.80 ? 26  ARG A CG  1 
ATOM   94   C  CD  . ARG A 1 13 ? -1.940  14.490  -4.425  1.00 16.91 ? 26  ARG A CD  1 
ATOM   95   N  N   . VAL A 1 14 ? 0.323   9.331   -4.964  1.00 14.61 ? 27  VAL A N   1 
ATOM   96   C  CA  . VAL A 1 14 ? 1.145   8.531   -5.854  1.00 15.43 ? 27  VAL A CA  1 
ATOM   97   C  C   . VAL A 1 14 ? 0.560   7.087   -5.985  1.00 14.55 ? 27  VAL A C   1 
ATOM   98   O  O   . VAL A 1 14 ? 0.480   6.525   -7.070  1.00 17.04 ? 27  VAL A O   1 
ATOM   99   C  CB  . VAL A 1 14 ? 2.563   8.527   -5.354  1.00 14.90 ? 27  VAL A CB  1 
ATOM   100  C  CG1 . VAL A 1 14 ? 3.400   7.503   -6.125  1.00 15.16 ? 27  VAL A CG1 1 
ATOM   101  C  CG2 . VAL A 1 14 ? 3.148   9.941   -5.450  1.00 15.42 ? 27  VAL A CG2 1 
ATOM   102  N  N   . ALA A 1 15 ? 0.130   6.510   -4.859  1.00 14.94 ? 28  ALA A N   1 
ATOM   103  C  CA  . ALA A 1 15 ? -0.616  5.263   -4.779  1.00 14.81 ? 28  ALA A CA  1 
ATOM   104  C  C   . ALA A 1 15 ? -1.823  5.205   -5.751  1.00 14.36 ? 28  ALA A C   1 
ATOM   105  O  O   . ALA A 1 15 ? -2.002  4.235   -6.478  1.00 13.98 ? 28  ALA A O   1 
ATOM   106  C  CB  . ALA A 1 15 ? -1.107  5.062   -3.309  1.00 13.84 ? 28  ALA A CB  1 
ATOM   107  N  N   . LYS A 1 16 ? -2.648  6.253   -5.741  1.00 14.92 ? 29  LYS A N   1 
ATOM   108  C  CA  . LYS A 1 16 ? -3.803  6.369   -6.631  1.00 15.13 ? 29  LYS A CA  1 
ATOM   109  C  C   . LYS A 1 16 ? -3.371  6.471   -8.076  1.00 14.80 ? 29  LYS A C   1 
ATOM   110  O  O   . LYS A 1 16 ? -3.950  5.808   -8.926  1.00 13.74 ? 29  LYS A O   1 
ATOM   111  C  CB  . LYS A 1 16 ? -4.693  7.544   -6.294  1.00 15.94 ? 29  LYS A CB  1 
ATOM   112  N  N   . ILE A 1 17 ? -2.345  7.263   -8.348  1.00 15.20 ? 30  ILE A N   1 
ATOM   113  C  CA  . ILE A 1 17 ? -1.780  7.366   -9.707  1.00 14.83 ? 30  ILE A CA  1 
ATOM   114  C  C   . ILE A 1 17 ? -1.362  5.986   -10.279 1.00 14.07 ? 30  ILE A C   1 
ATOM   115  O  O   . ILE A 1 17 ? -1.785  5.619   -11.368 1.00 14.41 ? 30  ILE A O   1 
ATOM   116  C  CB  . ILE A 1 17 ? -0.608  8.368   -9.754  1.00 15.96 ? 30  ILE A CB  1 
ATOM   117  C  CG1 . ILE A 1 17 ? -1.142  9.775   -9.462  1.00 14.82 ? 30  ILE A CG1 1 
ATOM   118  C  CG2 . ILE A 1 17 ? 0.062   8.354   -11.077 1.00 16.91 ? 30  ILE A CG2 1 
ATOM   119  C  CD1 . ILE A 1 17 ? -0.055  10.808  -9.196  1.00 16.43 ? 30  ILE A CD1 1 
ATOM   120  N  N   . LEU A 1 18 ? -0.572  5.240   -9.510  1.00 12.23 ? 31  LEU A N   1 
ATOM   121  C  CA  . LEU A 1 18 ? -0.096  3.931   -9.877  1.00 13.76 ? 31  LEU A CA  1 
ATOM   122  C  C   . LEU A 1 18 ? -1.272  2.971   -10.150 1.00 12.93 ? 31  LEU A C   1 
ATOM   123  O  O   . LEU A 1 18 ? -1.337  2.290   -11.199 1.00 13.91 ? 31  LEU A O   1 
ATOM   124  C  CB  . LEU A 1 18 ? 0.793   3.398   -8.739  1.00 13.56 ? 31  LEU A CB  1 
ATOM   125  C  CG  . LEU A 1 18 ? 2.175   4.055   -8.678  1.00 16.40 ? 31  LEU A CG  1 
ATOM   126  C  CD1 . LEU A 1 18 ? 2.959   3.732   -7.372  1.00 16.33 ? 31  LEU A CD1 1 
ATOM   127  C  CD2 . LEU A 1 18 ? 2.987   3.776   -9.951  1.00 16.70 ? 31  LEU A CD2 1 
ATOM   128  N  N   . SER A 1 19 ? -2.216  2.912   -9.233  1.00 13.56 ? 32  SER A N   1 
ATOM   129  C  CA  . SER A 1 19 ? -3.279  1.874   -9.397  1.00 14.93 ? 32  SER A CA  1 
ATOM   130  C  C   . SER A 1 19 ? -4.278  2.188   -10.530 1.00 13.78 ? 32  SER A C   1 
ATOM   131  O  O   . SER A 1 19 ? -4.686  1.284   -11.294 1.00 15.81 ? 32  SER A O   1 
ATOM   132  C  CB  . SER A 1 19 ? -3.926  1.686   -8.033  1.00 16.23 ? 32  SER A CB  1 
ATOM   133  O  OG  . SER A 1 19 ? -4.691  2.782   -7.705  1.00 16.03 ? 32  SER A OG  1 
ATOM   134  N  N   . ARG A 1 20 ? -4.629  3.465   -10.686 1.00 14.94 ? 33  ARG A N   1 
ATOM   135  C  CA  . ARG A 1 20 ? -5.556  3.927   -11.738 1.00 14.74 ? 33  ARG A CA  1 
ATOM   136  C  C   . ARG A 1 20 ? -4.943  3.740   -13.136 1.00 14.61 ? 33  ARG A C   1 
ATOM   137  O  O   . ARG A 1 20 ? -5.655  3.530   -14.113 1.00 14.71 ? 33  ARG A O   1 
ATOM   138  C  CB  . ARG A 1 20 ? -5.931  5.393   -11.517 1.00 15.38 ? 33  ARG A CB  1 
ATOM   139  C  CG  . ARG A 1 20 ? -6.926  5.633   -10.375 1.00 14.15 ? 33  ARG A CG  1 
ATOM   140  C  CD  . ARG A 1 20 ? -8.224  4.869   -10.516 1.00 17.72 ? 33  ARG A CD  1 
ATOM   141  N  N   . ASN A 1 21 ? -3.620  3.767   -13.198 1.00 13.62 ? 34  ASN A N   1 
ATOM   142  C  CA  . ASN A 1 21 ? -2.866  3.545   -14.415 1.00 13.46 ? 34  ASN A CA  1 
ATOM   143  C  C   . ASN A 1 21 ? -2.275  2.138   -14.489 1.00 13.83 ? 34  ASN A C   1 
ATOM   144  O  O   . ASN A 1 21 ? -1.486  1.870   -15.373 1.00 13.65 ? 34  ASN A O   1 
ATOM   145  C  CB  . ASN A 1 21 ? -1.760  4.574   -14.570 1.00 12.23 ? 34  ASN A CB  1 
ATOM   146  C  CG  . ASN A 1 21 ? -2.294  5.952   -14.905 1.00 14.11 ? 34  ASN A CG  1 
ATOM   147  O  OD1 . ASN A 1 21 ? -2.639  6.224   -16.038 1.00 13.24 ? 34  ASN A OD1 1 
ATOM   148  N  ND2 . ASN A 1 21 ? -2.373  6.809   -13.917 1.00 12.71 ? 34  ASN A ND2 1 
ATOM   149  N  N   . LYS A 1 22 ? -2.634  1.296   -13.530 1.00 15.01 ? 35  LYS A N   1 
ATOM   150  C  CA  . LYS A 1 22 ? -2.172  -0.082  -13.461 1.00 16.19 ? 35  LYS A CA  1 
ATOM   151  C  C   . LYS A 1 22 ? -0.665  -0.195  -13.621 1.00 16.41 ? 35  LYS A C   1 
ATOM   152  O  O   . LYS A 1 22 ? -0.167  -0.971  -14.419 1.00 16.18 ? 35  LYS A O   1 
ATOM   153  C  CB  . LYS A 1 22 ? -2.957  -0.929  -14.485 1.00 17.08 ? 35  LYS A CB  1 
ATOM   154  C  CG  . LYS A 1 22 ? -4.446  -1.015  -14.128 1.00 18.18 ? 35  LYS A CG  1 
ATOM   155  N  N   . ALA A 1 23 ? 0.059   0.622   -12.869 1.00 15.59 ? 36  ALA A N   1 
ATOM   156  C  CA  . ALA A 1 23 ? 1.534   0.674   -12.952 1.00 15.39 ? 36  ALA A CA  1 
ATOM   157  C  C   . ALA A 1 23 ? 2.121   0.249   -11.642 1.00 14.74 ? 36  ALA A C   1 
ATOM   158  O  O   . ALA A 1 23 ? 1.493   0.424   -10.610 1.00 15.97 ? 36  ALA A O   1 
ATOM   159  C  CB  . ALA A 1 23 ? 1.997   2.089   -13.323 1.00 15.45 ? 36  ALA A CB  1 
ATOM   160  N  N   . GLY A 1 24 ? 3.337   -0.284  -11.673 1.00 14.60 ? 37  GLY A N   1 
ATOM   161  C  CA  . GLY A 1 24 ? 3.973   -0.816  -10.500 1.00 15.80 ? 37  GLY A CA  1 
ATOM   162  C  C   . GLY A 1 24 ? 4.985   0.144   -9.880  1.00 16.20 ? 37  GLY A C   1 
ATOM   163  O  O   . GLY A 1 24 ? 5.278   0.013   -8.692  1.00 19.87 ? 37  GLY A O   1 
ATOM   164  N  N   . SER A 1 25 ? 5.547   1.047   -10.698 1.00 16.15 ? 38  SER A N   1 
ATOM   165  C  CA  . SER A 1 25 ? 6.626   1.998   -10.308 1.00 16.92 ? 38  SER A CA  1 
ATOM   166  C  C   . SER A 1 25 ? 6.330   3.475   -10.574 1.00 15.66 ? 38  SER A C   1 
ATOM   167  O  O   . SER A 1 25 ? 5.805   3.830   -11.614 1.00 16.04 ? 38  SER A O   1 
ATOM   168  C  CB  . SER A 1 25 ? 7.924   1.673   -11.101 1.00 17.29 ? 38  SER A CB  1 
ATOM   169  O  OG  . SER A 1 25 ? 8.287   0.296   -10.972 1.00 19.58 ? 38  SER A OG  1 
ATOM   170  N  N   . ALA A 1 26 ? 6.728   4.340   -9.634  1.00 15.04 ? 39  ALA A N   1 
ATOM   171  C  CA  . ALA A 1 26 ? 6.622   5.781   -9.794  1.00 14.66 ? 39  ALA A CA  1 
ATOM   172  C  C   . ALA A 1 26 ? 8.027   6.295   -9.900  1.00 14.01 ? 39  ALA A C   1 
ATOM   173  O  O   . ALA A 1 26 ? 8.804   6.120   -8.947  1.00 13.60 ? 39  ALA A O   1 
ATOM   174  C  CB  . ALA A 1 26 ? 5.958   6.447   -8.564  1.00 15.27 ? 39  ALA A CB  1 
ATOM   175  N  N   . VAL A 1 27 ? 8.344   6.892   -11.044 1.00 14.45 ? 40  VAL A N   1 
ATOM   176  C  CA  . VAL A 1 27 ? 9.664   7.434   -11.354 1.00 14.46 ? 40  VAL A CA  1 
ATOM   177  C  C   . VAL A 1 27 ? 9.642   8.895   -10.943 1.00 14.21 ? 40  VAL A C   1 
ATOM   178  O  O   . VAL A 1 27 ? 8.838   9.680   -11.442 1.00 13.88 ? 40  VAL A O   1 
ATOM   179  C  CB  . VAL A 1 27 ? 10.044  7.272   -12.822 1.00 14.66 ? 40  VAL A CB  1 
ATOM   180  C  CG1 . VAL A 1 27 ? 11.351  7.982   -13.114 1.00 15.04 ? 40  VAL A CG1 1 
ATOM   181  C  CG2 . VAL A 1 27 ? 10.140  5.767   -13.181 1.00 14.60 ? 40  VAL A CG2 1 
ATOM   182  N  N   . VAL A 1 28 ? 10.469  9.212   -9.964  1.00 15.17 ? 41  VAL A N   1 
ATOM   183  C  CA  . VAL A 1 28 ? 10.519  10.542  -9.362  1.00 16.88 ? 41  VAL A CA  1 
ATOM   184  C  C   . VAL A 1 28 ? 11.454  11.448  -10.167 1.00 18.06 ? 41  VAL A C   1 
ATOM   185  O  O   . VAL A 1 28 ? 12.675  11.190  -10.253 1.00 17.30 ? 41  VAL A O   1 
ATOM   186  C  CB  . VAL A 1 28 ? 10.951  10.472  -7.864  1.00 16.65 ? 41  VAL A CB  1 
ATOM   187  C  CG1 . VAL A 1 28 ? 10.976  11.857  -7.238  1.00 18.10 ? 41  VAL A CG1 1 
ATOM   188  C  CG2 . VAL A 1 28 ? 9.989   9.498   -7.081  1.00 17.42 ? 41  VAL A CG2 1 
HETATM 189  N  N   . MSE A 1 29 ? 10.862  12.485  -10.767 1.00 19.55 ? 42  MSE A N   1 
HETATM 190  C  CA  . MSE A 1 29 ? 11.598  13.470  -11.571 1.00 21.25 ? 42  MSE A CA  1 
HETATM 191  C  C   . MSE A 1 29 ? 11.469  14.878  -11.025 1.00 21.01 ? 42  MSE A C   1 
HETATM 192  O  O   . MSE A 1 29 ? 10.374  15.336  -10.682 1.00 20.48 ? 42  MSE A O   1 
HETATM 193  C  CB  . MSE A 1 29 ? 11.087  13.477  -13.019 1.00 22.15 ? 42  MSE A CB  1 
HETATM 194  C  CG  . MSE A 1 29 ? 11.589  12.346  -13.868 1.00 27.94 ? 42  MSE A CG  1 
HETATM 195  SE SE  . MSE A 1 29 ? 11.150  12.690  -15.766 1.00 43.09 ? 42  MSE A SE  1 
HETATM 196  C  CE  . MSE A 1 29 ? 11.851  11.063  -16.625 1.00 37.41 ? 42  MSE A CE  1 
ATOM   197  N  N   . GLU A 1 30 ? 12.615  15.557  -10.973 1.00 21.84 ? 43  GLU A N   1 
ATOM   198  C  CA  . GLU A 1 30 ? 12.721  16.955  -10.608 1.00 22.24 ? 43  GLU A CA  1 
ATOM   199  C  C   . GLU A 1 30 ? 13.117  17.636  -11.905 1.00 22.16 ? 43  GLU A C   1 
ATOM   200  O  O   . GLU A 1 30 ? 14.238  17.471  -12.397 1.00 20.71 ? 43  GLU A O   1 
ATOM   201  C  CB  . GLU A 1 30 ? 13.805  17.129  -9.550  1.00 22.78 ? 43  GLU A CB  1 
ATOM   202  C  CG  . GLU A 1 30 ? 13.958  18.554  -9.007  1.00 24.90 ? 43  GLU A CG  1 
ATOM   203  C  CD  . GLU A 1 30 ? 12.805  18.960  -8.121  1.00 27.64 ? 43  GLU A CD  1 
ATOM   204  O  OE1 . GLU A 1 30 ? 11.717  19.307  -8.658  1.00 30.86 ? 43  GLU A OE1 1 
ATOM   205  O  OE2 . GLU A 1 30 ? 12.997  18.919  -6.881  1.00 29.93 ? 43  GLU A OE2 1 
ATOM   206  N  N   . GLY A 1 31 ? 12.163  18.342  -12.493 1.00 22.83 ? 44  GLY A N   1 
ATOM   207  C  CA  . GLY A 1 31 ? 12.333  18.901  -13.832 1.00 23.39 ? 44  GLY A CA  1 
ATOM   208  C  C   . GLY A 1 31 ? 12.722  17.799  -14.805 1.00 23.55 ? 44  GLY A C   1 
ATOM   209  O  O   . GLY A 1 31 ? 11.956  16.876  -15.043 1.00 24.18 ? 44  GLY A O   1 
ATOM   210  N  N   . ASP A 1 32 ? 13.945  17.911  -15.307 1.00 24.05 ? 45  ASP A N   1 
ATOM   211  C  CA  . ASP A 1 32 ? 14.547  17.026  -16.300 1.00 24.35 ? 45  ASP A CA  1 
ATOM   212  C  C   . ASP A 1 32 ? 15.254  15.808  -15.720 1.00 23.68 ? 45  ASP A C   1 
ATOM   213  O  O   . ASP A 1 32 ? 15.572  14.886  -16.477 1.00 24.02 ? 45  ASP A O   1 
ATOM   214  C  CB  . ASP A 1 32 ? 15.618  17.811  -17.093 1.00 25.39 ? 45  ASP A CB  1 
ATOM   215  C  CG  . ASP A 1 32 ? 15.160  18.221  -18.475 1.00 28.12 ? 45  ASP A CG  1 
ATOM   216  O  OD1 . ASP A 1 32 ? 13.957  18.050  -18.821 1.00 31.25 ? 45  ASP A OD1 1 
ATOM   217  O  OD2 . ASP A 1 32 ? 16.036  18.727  -19.224 1.00 31.27 ? 45  ASP A OD2 1 
ATOM   218  N  N   . GLU A 1 33 ? 15.523  15.826  -14.408 1.00 22.97 ? 46  GLU A N   1 
ATOM   219  C  CA  . GLU A 1 33 ? 16.414  14.864  -13.731 1.00 22.05 ? 46  GLU A CA  1 
ATOM   220  C  C   . GLU A 1 33 ? 15.637  13.749  -13.016 1.00 21.33 ? 46  GLU A C   1 
ATOM   221  O  O   . GLU A 1 33 ? 14.824  14.038  -12.151 1.00 21.24 ? 46  GLU A O   1 
ATOM   222  C  CB  . GLU A 1 33 ? 17.256  15.603  -12.676 1.00 22.26 ? 46  GLU A CB  1 
ATOM   223  C  CG  . GLU A 1 33 ? 18.353  14.768  -12.018 1.00 23.97 ? 46  GLU A CG  1 
ATOM   224  C  CD  . GLU A 1 33 ? 19.030  15.465  -10.815 1.00 26.17 ? 46  GLU A CD  1 
ATOM   225  O  OE1 . GLU A 1 33 ? 19.786  14.798  -10.082 1.00 27.85 ? 46  GLU A OE1 1 
ATOM   226  O  OE2 . GLU A 1 33 ? 18.790  16.667  -10.576 1.00 28.06 ? 46  GLU A OE2 1 
ATOM   227  N  N   . ILE A 1 34 ? 15.909  12.493  -13.373 1.00 20.47 ? 47  ILE A N   1 
ATOM   228  C  CA  . ILE A 1 34 ? 15.348  11.329  -12.669 1.00 19.94 ? 47  ILE A CA  1 
ATOM   229  C  C   . ILE A 1 34 ? 16.124  11.090  -11.376 1.00 18.96 ? 47  ILE A C   1 
ATOM   230  O  O   . ILE A 1 34 ? 17.309  10.705  -11.402 1.00 17.64 ? 47  ILE A O   1 
ATOM   231  C  CB  . ILE A 1 34 ? 15.400  10.037  -13.498 1.00 20.46 ? 47  ILE A CB  1 
ATOM   232  C  CG1 . ILE A 1 34 ? 14.687  10.256  -14.836 1.00 22.47 ? 47  ILE A CG1 1 
ATOM   233  C  CG2 . ILE A 1 34 ? 14.809  8.852   -12.673 1.00 18.82 ? 47  ILE A CG2 1 
ATOM   234  C  CD1 . ILE A 1 34 ? 14.569  8.993   -15.689 1.00 24.80 ? 47  ILE A CD1 1 
ATOM   235  N  N   . LEU A 1 35 ? 15.448  11.327  -10.253 1.00 17.82 ? 48  LEU A N   1 
ATOM   236  C  CA  . LEU A 1 35 ? 16.055  11.208  -8.929  1.00 18.08 ? 48  LEU A CA  1 
ATOM   237  C  C   . LEU A 1 35 ? 16.032  9.763   -8.396  1.00 17.70 ? 48  LEU A C   1 
ATOM   238  O  O   . LEU A 1 35 ? 16.954  9.319   -7.708  1.00 17.66 ? 48  LEU A O   1 
ATOM   239  C  CB  . LEU A 1 35 ? 15.329  12.136  -7.930  1.00 17.76 ? 48  LEU A CB  1 
ATOM   240  C  CG  . LEU A 1 35 ? 15.294  13.640  -8.210  1.00 18.89 ? 48  LEU A CG  1 
ATOM   241  C  CD1 . LEU A 1 35 ? 14.520  14.342  -7.096  1.00 17.76 ? 48  LEU A CD1 1 
ATOM   242  C  CD2 . LEU A 1 35 ? 16.692  14.228  -8.324  1.00 18.44 ? 48  LEU A CD2 1 
ATOM   243  N  N   . GLY A 1 36 ? 14.972  9.037   -8.683  1.00 16.63 ? 49  GLY A N   1 
ATOM   244  C  CA  . GLY A 1 36 ? 14.813  7.683   -8.163  1.00 16.45 ? 49  GLY A CA  1 
ATOM   245  C  C   . GLY A 1 36 ? 13.507  7.026   -8.607  1.00 15.89 ? 49  GLY A C   1 
ATOM   246  O  O   . GLY A 1 36 ? 12.824  7.521   -9.515  1.00 15.64 ? 49  GLY A O   1 
ATOM   247  N  N   . VAL A 1 37 ? 13.162  5.943   -7.930  1.00 15.56 ? 50  VAL A N   1 
ATOM   248  C  CA  . VAL A 1 37 ? 11.955  5.174   -8.200  1.00 15.69 ? 50  VAL A CA  1 
ATOM   249  C  C   . VAL A 1 37 ? 11.295  4.737   -6.852  1.00 15.50 ? 50  VAL A C   1 
ATOM   250  O  O   . VAL A 1 37 ? 11.999  4.464   -5.852  1.00 13.98 ? 50  VAL A O   1 
ATOM   251  C  CB  . VAL A 1 37 ? 12.344  3.969   -9.101  1.00 15.70 ? 50  VAL A CB  1 
ATOM   252  C  CG1 . VAL A 1 37 ? 13.315  3.060   -8.339  1.00 17.38 ? 50  VAL A CG1 1 
ATOM   253  C  CG2 . VAL A 1 37 ? 11.103  3.181   -9.655  1.00 16.24 ? 50  VAL A CG2 1 
ATOM   254  N  N   . VAL A 1 38 ? 9.961   4.676   -6.845  1.00 14.88 ? 51  VAL A N   1 
ATOM   255  C  CA  . VAL A 1 38 ? 9.142   4.187   -5.718  1.00 15.07 ? 51  VAL A CA  1 
ATOM   256  C  C   . VAL A 1 38 ? 8.192   3.092   -6.278  1.00 15.70 ? 51  VAL A C   1 
ATOM   257  O  O   . VAL A 1 38 ? 7.638   3.194   -7.391  1.00 15.21 ? 51  VAL A O   1 
ATOM   258  C  CB  . VAL A 1 38 ? 8.386   5.335   -4.978  1.00 14.66 ? 51  VAL A CB  1 
ATOM   259  C  CG1 . VAL A 1 38 ? 7.439   4.769   -3.926  1.00 15.54 ? 51  VAL A CG1 1 
ATOM   260  C  CG2 . VAL A 1 38 ? 9.375   6.391   -4.320  1.00 15.81 ? 51  VAL A CG2 1 
ATOM   261  N  N   . THR A 1 39 ? 8.175   1.943   -5.610  1.00 14.73 ? 52  THR A N   1 
ATOM   262  C  CA  . THR A 1 39 ? 7.362   0.821   -5.996  1.00 14.45 ? 52  THR A CA  1 
ATOM   263  C  C   . THR A 1 39 ? 6.242   0.656   -4.994  1.00 13.85 ? 52  THR A C   1 
ATOM   264  O  O   . THR A 1 39 ? 6.253   1.222   -3.897  1.00 13.77 ? 52  THR A O   1 
ATOM   265  C  CB  . THR A 1 39 ? 8.198   -0.495  -6.141  1.00 14.33 ? 52  THR A CB  1 
ATOM   266  O  OG1 . THR A 1 39 ? 8.617   -0.960  -4.857  1.00 14.32 ? 52  THR A OG1 1 
ATOM   267  C  CG2 . THR A 1 39 ? 9.399   -0.222  -6.985  1.00 15.97 ? 52  THR A CG2 1 
ATOM   268  N  N   . GLU A 1 40 ? 5.279   -0.155  -5.356  1.00 13.99 ? 53  GLU A N   1 
ATOM   269  C  CA  . GLU A 1 40 ? 4.209   -0.510  -4.422  1.00 11.38 ? 53  GLU A CA  1 
ATOM   270  C  C   . GLU A 1 40 ? 4.773   -1.273  -3.227  1.00 11.73 ? 53  GLU A C   1 
ATOM   271  O  O   . GLU A 1 40 ? 4.254   -1.148  -2.141  1.00 12.30 ? 53  GLU A O   1 
ATOM   272  C  CB  . GLU A 1 40 ? 3.082   -1.294  -5.150  1.00 11.52 ? 53  GLU A CB  1 
ATOM   273  C  CG  . GLU A 1 40 ? 2.365   -0.428  -6.174  1.00 11.31 ? 53  GLU A CG  1 
ATOM   274  C  CD  . GLU A 1 40 ? 1.090   -1.019  -6.726  1.00 14.54 ? 53  GLU A CD  1 
ATOM   275  O  OE1 . GLU A 1 40 ? 1.163   -2.209  -7.007  1.00 15.34 ? 53  GLU A OE1 1 
ATOM   276  O  OE2 . GLU A 1 40 ? 0.028   -0.302  -6.876  1.00 13.99 ? 53  GLU A OE2 1 
ATOM   277  N  N   . ARG A 1 41 ? 5.852   -2.047  -3.390  1.00 11.52 ? 54  ARG A N   1 
ATOM   278  C  CA  . ARG A 1 41 ? 6.474   -2.726  -2.258  1.00 11.43 ? 54  ARG A CA  1 
ATOM   279  C  C   . ARG A 1 41 ? 7.059   -1.700  -1.307  1.00 12.05 ? 54  ARG A C   1 
ATOM   280  O  O   . ARG A 1 41 ? 6.916   -1.824  -0.071  1.00 13.39 ? 54  ARG A O   1 
ATOM   281  C  CB  . ARG A 1 41 ? 7.592   -3.659  -2.715  1.00 12.36 ? 54  ARG A CB  1 
ATOM   282  C  CG  . ARG A 1 41 ? 7.034   -4.999  -3.133  1.00 12.20 ? 54  ARG A CG  1 
ATOM   283  C  CD  . ARG A 1 41 ? 7.298   -6.028  -2.086  1.00 12.25 ? 54  ARG A CD  1 
ATOM   284  N  NE  . ARG A 1 41 ? 6.658   -5.791  -0.829  1.00 12.60 ? 54  ARG A NE  1 
ATOM   285  C  CZ  . ARG A 1 41 ? 5.396   -6.132  -0.530  1.00 13.96 ? 54  ARG A CZ  1 
ATOM   286  N  NH1 . ARG A 1 41 ? 4.914   -5.922  0.686   1.00 13.15 ? 54  ARG A NH1 1 
ATOM   287  N  NH2 . ARG A 1 41 ? 4.668   -6.792  -1.408  1.00 15.34 ? 54  ARG A NH2 1 
ATOM   288  N  N   . ASP A 1 42 ? 7.703   -0.689  -1.885  1.00 12.01 ? 55  ASP A N   1 
ATOM   289  C  CA  . ASP A 1 42 ? 8.190   0.463   -1.103  1.00 11.97 ? 55  ASP A CA  1 
ATOM   290  C  C   . ASP A 1 42 ? 7.085   1.107   -0.255  1.00 11.97 ? 55  ASP A C   1 
ATOM   291  O  O   . ASP A 1 42 ? 7.299   1.488   0.945   1.00 10.52 ? 55  ASP A O   1 
ATOM   292  C  CB  . ASP A 1 42 ? 8.843   1.531   -1.984  1.00 12.10 ? 55  ASP A CB  1 
ATOM   293  C  CG  . ASP A 1 42 ? 10.171  1.066   -2.605  1.00 12.98 ? 55  ASP A CG  1 
ATOM   294  O  OD1 . ASP A 1 42 ? 10.895  0.284   -1.960  1.00 15.06 ? 55  ASP A OD1 1 
ATOM   295  O  OD2 . ASP A 1 42 ? 10.454  1.470   -3.738  1.00 14.12 ? 55  ASP A OD2 1 
ATOM   296  N  N   . ILE A 1 43 ? 5.965   1.316   -0.911  1.00 11.76 ? 56  ILE A N   1 
ATOM   297  C  CA  . ILE A 1 43 ? 4.789   1.923   -0.301  1.00 11.75 ? 56  ILE A CA  1 
ATOM   298  C  C   . ILE A 1 43 ? 4.269   1.099   0.882   1.00 12.62 ? 56  ILE A C   1 
ATOM   299  O  O   . ILE A 1 43 ? 4.117   1.636   2.009   1.00 12.84 ? 56  ILE A O   1 
ATOM   300  C  CB  . ILE A 1 43 ? 3.679   2.251   -1.292  1.00 11.64 ? 56  ILE A CB  1 
ATOM   301  C  CG1 . ILE A 1 43 ? 4.104   3.358   -2.261  1.00 11.83 ? 56  ILE A CG1 1 
ATOM   302  C  CG2 . ILE A 1 43 ? 2.405   2.598   -0.516  1.00 9.93  ? 56  ILE A CG2 1 
ATOM   303  C  CD1 . ILE A 1 43 ? 3.081   3.638   -3.349  1.00 11.47 ? 56  ILE A CD1 1 
ATOM   304  N  N   . LEU A 1 44 ? 4.147   -0.193  0.691   1.00 12.14 ? 57  LEU A N   1 
ATOM   305  C  CA  . LEU A 1 44 ? 3.668   -1.086  1.730   1.00 12.25 ? 57  LEU A CA  1 
ATOM   306  C  C   . LEU A 1 44 ? 4.687   -1.266  2.832   1.00 11.96 ? 57  LEU A C   1 
ATOM   307  O  O   . LEU A 1 44 ? 4.352   -1.153  4.000   1.00 13.78 ? 57  LEU A O   1 
ATOM   308  C  CB  . LEU A 1 44 ? 3.295   -2.446  1.111   1.00 11.30 ? 57  LEU A CB  1 
ATOM   309  C  CG  . LEU A 1 44 ? 2.028   -2.558  0.217   1.00 12.33 ? 57  LEU A CG  1 
ATOM   310  C  CD1 . LEU A 1 44 ? 2.166   -3.853  -0.651  1.00 11.30 ? 57  LEU A CD1 1 
ATOM   311  C  CD2 . LEU A 1 44 ? 0.723   -2.507  1.068   1.00 14.01 ? 57  LEU A CD2 1 
ATOM   312  N  N   . ASP A 1 45 ? 5.949   -1.469  2.459   1.00 11.94 ? 58  ASP A N   1 
ATOM   313  C  CA  . ASP A 1 45 ? 6.995   -1.853  3.416   1.00 13.15 ? 58  ASP A CA  1 
ATOM   314  C  C   . ASP A 1 45 ? 7.595   -0.688  4.165   1.00 13.98 ? 58  ASP A C   1 
ATOM   315  O  O   . ASP A 1 45 ? 7.944   -0.833  5.337   1.00 15.62 ? 58  ASP A O   1 
ATOM   316  C  CB  . ASP A 1 45 ? 8.103   -2.644  2.736   1.00 13.79 ? 58  ASP A CB  1 
ATOM   317  C  CG  . ASP A 1 45 ? 7.615   -3.951  2.125   1.00 16.44 ? 58  ASP A CG  1 
ATOM   318  O  OD1 . ASP A 1 45 ? 6.510   -4.384  2.516   1.00 16.69 ? 58  ASP A OD1 1 
ATOM   319  O  OD2 . ASP A 1 45 ? 8.338   -4.547  1.255   1.00 16.21 ? 58  ASP A OD2 1 
ATOM   320  N  N   . LYS A 1 46 ? 7.727   0.457   3.501   1.00 15.28 ? 59  LYS A N   1 
ATOM   321  C  CA  . LYS A 1 46 ? 8.349   1.602   4.084   1.00 14.85 ? 59  LYS A CA  1 
ATOM   322  C  C   . LYS A 1 46 ? 7.361   2.599   4.665   1.00 15.14 ? 59  LYS A C   1 
ATOM   323  O  O   . LYS A 1 46 ? 7.753   3.435   5.506   1.00 13.86 ? 59  LYS A O   1 
ATOM   324  C  CB  . LYS A 1 46 ? 9.260   2.301   3.084   1.00 16.09 ? 59  LYS A CB  1 
ATOM   325  C  CG  . LYS A 1 46 ? 10.393  1.438   2.567   1.00 16.16 ? 59  LYS A CG  1 
ATOM   326  C  CD  . LYS A 1 46 ? 11.060  2.141   1.425   1.00 17.12 ? 59  LYS A CD  1 
ATOM   327  C  CE  . LYS A 1 46 ? 12.447  1.640   1.215   1.00 19.58 ? 59  LYS A CE  1 
ATOM   328  N  NZ  . LYS A 1 46 ? 13.165  2.496   0.246   1.00 18.96 ? 59  LYS A NZ  1 
ATOM   329  N  N   . VAL A 1 47 ? 6.097   2.498   4.294   1.00 13.79 ? 60  VAL A N   1 
ATOM   330  C  CA  . VAL A 1 47 ? 5.097   3.437   4.807   1.00 14.14 ? 60  VAL A CA  1 
ATOM   331  C  C   . VAL A 1 47 ? 4.014   2.780   5.666   1.00 13.72 ? 60  VAL A C   1 
ATOM   332  O  O   . VAL A 1 47 ? 3.916   3.045   6.865   1.00 13.97 ? 60  VAL A O   1 
ATOM   333  C  CB  . VAL A 1 47 ? 4.453   4.254   3.687   1.00 14.67 ? 60  VAL A CB  1 
ATOM   334  C  CG1 . VAL A 1 47 ? 3.651   5.415   4.283   1.00 11.40 ? 60  VAL A CG1 1 
ATOM   335  C  CG2 . VAL A 1 47 ? 5.524   4.761   2.692   1.00 15.86 ? 60  VAL A CG2 1 
ATOM   336  N  N   . VAL A 1 48 ? 3.198   1.938   5.045   1.00 12.47 ? 61  VAL A N   1 
ATOM   337  C  CA  . VAL A 1 48 ? 2.069   1.303   5.723   1.00 11.96 ? 61  VAL A CA  1 
ATOM   338  C  C   . VAL A 1 48 ? 2.501   0.435   6.906   1.00 12.15 ? 61  VAL A C   1 
ATOM   339  O  O   . VAL A 1 48 ? 2.012   0.628   8.025   1.00 12.89 ? 61  VAL A O   1 
ATOM   340  C  CB  . VAL A 1 48 ? 1.221   0.454   4.698   1.00 11.53 ? 61  VAL A CB  1 
ATOM   341  C  CG1 . VAL A 1 48 ? 0.018   -0.167  5.368   1.00 8.15  ? 61  VAL A CG1 1 
ATOM   342  C  CG2 . VAL A 1 48 ? 0.814   1.353   3.473   1.00 11.03 ? 61  VAL A CG2 1 
ATOM   343  N  N   . ALA A 1 49 ? 3.453   -0.474  6.674   1.00 12.58 ? 62  ALA A N   1 
ATOM   344  C  CA  . ALA A 1 49 ? 3.916   -1.445  7.675   1.00 13.40 ? 62  ALA A CA  1 
ATOM   345  C  C   . ALA A 1 49 ? 4.728   -0.804  8.798   1.00 14.78 ? 62  ALA A C   1 
ATOM   346  O  O   . ALA A 1 49 ? 4.782   -1.307  9.936   1.00 15.91 ? 62  ALA A O   1 
ATOM   347  C  CB  . ALA A 1 49 ? 4.758   -2.544  6.993   1.00 13.87 ? 62  ALA A CB  1 
ATOM   348  N  N   . LYS A 1 50 ? 5.366   0.298   8.441   1.00 14.72 ? 63  LYS A N   1 
ATOM   349  C  CA  . LYS A 1 50 ? 6.083   1.120   9.378   1.00 15.82 ? 63  LYS A CA  1 
ATOM   350  C  C   . LYS A 1 50 ? 5.099   1.995   10.136  1.00 16.31 ? 63  LYS A C   1 
ATOM   351  O  O   . LYS A 1 50 ? 5.501   2.683   11.025  1.00 17.64 ? 63  LYS A O   1 
ATOM   352  C  CB  . LYS A 1 50 ? 7.107   2.006   8.668   1.00 15.19 ? 63  LYS A CB  1 
ATOM   353  C  CG  . LYS A 1 50 ? 8.364   1.317   8.120   1.00 17.74 ? 63  LYS A CG  1 
ATOM   354  C  CD  . LYS A 1 50 ? 9.025   0.329   9.050   1.00 21.27 ? 63  LYS A CD  1 
ATOM   355  C  CE  . LYS A 1 50 ? 10.521  0.105   8.660   1.00 23.66 ? 63  LYS A CE  1 
ATOM   356  N  NZ  . LYS A 1 50 ? 11.113  -1.136  9.278   1.00 25.01 ? 63  LYS A NZ  1 
ATOM   357  N  N   . GLY A 1 51 ? 3.812   1.981   9.827   1.00 16.45 ? 64  GLY A N   1 
ATOM   358  C  CA  . GLY A 1 51 ? 2.862   2.745   10.660  1.00 16.98 ? 64  GLY A CA  1 
ATOM   359  C  C   . GLY A 1 51 ? 2.851   4.239   10.373  1.00 16.71 ? 64  GLY A C   1 
ATOM   360  O  O   . GLY A 1 51 ? 2.234   4.992   11.117  1.00 16.37 ? 64  GLY A O   1 
ATOM   361  N  N   . LYS A 1 52 ? 3.460   4.653   9.250   1.00 17.02 ? 65  LYS A N   1 
ATOM   362  C  CA  . LYS A 1 52 ? 3.397   6.045   8.764   1.00 17.20 ? 65  LYS A CA  1 
ATOM   363  C  C   . LYS A 1 52 ? 2.067   6.409   8.061   1.00 17.44 ? 65  LYS A C   1 
ATOM   364  O  O   . LYS A 1 52 ? 1.393   5.531   7.506   1.00 17.42 ? 65  LYS A O   1 
ATOM   365  C  CB  . LYS A 1 52 ? 4.584   6.331   7.832   1.00 17.38 ? 65  LYS A CB  1 
ATOM   366  C  CG  . LYS A 1 52 ? 5.952   6.210   8.536   1.00 16.73 ? 65  LYS A CG  1 
ATOM   367  C  CD  . LYS A 1 52 ? 7.092   6.806   7.737   1.00 17.16 ? 65  LYS A CD  1 
ATOM   368  C  CE  . LYS A 1 52 ? 8.302   7.185   8.643   1.00 18.23 ? 65  LYS A CE  1 
ATOM   369  N  NZ  . LYS A 1 52 ? 8.724   8.598   8.416   1.00 20.41 ? 65  LYS A NZ  1 
ATOM   370  N  N   . ASN A 1 53 ? 1.680   7.696   8.125   1.00 18.16 ? 66  ASN A N   1 
ATOM   371  C  CA  . ASN A 1 53 ? 0.521   8.197   7.358   1.00 18.60 ? 66  ASN A CA  1 
ATOM   372  C  C   . ASN A 1 53 ? 0.934   8.576   5.919   1.00 18.00 ? 66  ASN A C   1 
ATOM   373  O  O   . ASN A 1 53 ? 1.796   9.441   5.751   1.00 18.17 ? 66  ASN A O   1 
ATOM   374  C  CB  . ASN A 1 53 ? -0.095  9.403   8.049   1.00 18.66 ? 66  ASN A CB  1 
ATOM   375  C  CG  . ASN A 1 53 ? -1.496  9.739   7.542   1.00 20.14 ? 66  ASN A CG  1 
ATOM   376  O  OD1 . ASN A 1 53 ? -2.084  9.035   6.723   1.00 21.88 ? 66  ASN A OD1 1 
ATOM   377  N  ND2 . ASN A 1 53 ? -2.046  10.791  8.060   1.00 18.76 ? 66  ASN A ND2 1 
ATOM   378  N  N   . PRO A 1 54 ? 0.339   7.940   4.893   1.00 17.77 ? 67  PRO A N   1 
ATOM   379  C  CA  . PRO A 1 54 ? 0.857   8.164   3.527   1.00 17.77 ? 67  PRO A CA  1 
ATOM   380  C  C   . PRO A 1 54 ? 0.725   9.647   3.058   1.00 18.21 ? 67  PRO A C   1 
ATOM   381  O  O   . PRO A 1 54 ? 1.565   10.120  2.279   1.00 17.86 ? 67  PRO A O   1 
ATOM   382  C  CB  . PRO A 1 54 ? 0.051   7.164   2.675   1.00 17.72 ? 67  PRO A CB  1 
ATOM   383  C  CG  . PRO A 1 54 ? -0.325  6.052   3.667   1.00 16.82 ? 67  PRO A CG  1 
ATOM   384  C  CD  . PRO A 1 54 ? -0.679  6.876   4.911   1.00 17.85 ? 67  PRO A CD  1 
ATOM   385  N  N   . LYS A 1 55 ? -0.279  10.355  3.585   1.00 18.66 ? 68  LYS A N   1 
ATOM   386  C  CA  . LYS A 1 55 ? -0.497  11.814  3.350   1.00 19.11 ? 68  LYS A CA  1 
ATOM   387  C  C   . LYS A 1 55 ? 0.617   12.713  3.897   1.00 18.77 ? 68  LYS A C   1 
ATOM   388  O  O   . LYS A 1 55 ? 0.818   13.838  3.435   1.00 18.87 ? 68  LYS A O   1 
ATOM   389  C  CB  . LYS A 1 55 ? -1.838  12.264  3.965   1.00 19.16 ? 68  LYS A CB  1 
ATOM   390  C  CG  . LYS A 1 55 ? -3.049  11.403  3.548   1.00 21.47 ? 68  LYS A CG  1 
ATOM   391  C  CD  . LYS A 1 55 ? -4.382  12.095  3.979   1.00 21.57 ? 68  LYS A CD  1 
ATOM   392  C  CE  . LYS A 1 55 ? -5.120  12.701  2.766   1.00 21.22 ? 68  LYS A CE  1 
ATOM   393  N  NZ  . LYS A 1 55 ? -6.477  13.335  3.070   1.00 24.02 ? 68  LYS A NZ  1 
ATOM   394  N  N   . GLU A 1 56 ? 1.320   12.229  4.913   1.00 18.38 ? 69  GLU A N   1 
ATOM   395  C  CA  . GLU A 1 56 ? 2.412   12.982  5.546   1.00 18.00 ? 69  GLU A CA  1 
ATOM   396  C  C   . GLU A 1 56 ? 3.777   12.567  5.025   1.00 17.46 ? 69  GLU A C   1 
ATOM   397  O  O   . GLU A 1 56 ? 4.802   13.030  5.534   1.00 17.85 ? 69  GLU A O   1 
ATOM   398  C  CB  . GLU A 1 56 ? 2.367   12.761  7.047   1.00 18.14 ? 69  GLU A CB  1 
ATOM   399  C  CG  . GLU A 1 56 ? 1.025   13.084  7.645   1.00 18.88 ? 69  GLU A CG  1 
ATOM   400  C  CD  . GLU A 1 56 ? 0.983   12.868  9.171   1.00 24.42 ? 69  GLU A CD  1 
ATOM   401  O  OE1 . GLU A 1 56 ? 1.978   12.343  9.756   1.00 23.58 ? 69  GLU A OE1 1 
ATOM   402  O  OE2 . GLU A 1 56 ? -0.066  13.218  9.775   1.00 23.81 ? 69  GLU A OE2 1 
ATOM   403  N  N   . VAL A 1 57 ? 3.791   11.697  4.021   1.00 15.79 ? 70  VAL A N   1 
ATOM   404  C  CA  . VAL A 1 57 ? 5.049   11.210  3.450   1.00 15.60 ? 70  VAL A CA  1 
ATOM   405  C  C   . VAL A 1 57 ? 5.190   11.613  1.952   1.00 15.59 ? 70  VAL A C   1 
ATOM   406  O  O   . VAL A 1 57 ? 4.268   11.419  1.154   1.00 17.86 ? 70  VAL A O   1 
ATOM   407  C  CB  . VAL A 1 57 ? 5.212   9.693   3.732   1.00 15.69 ? 70  VAL A CB  1 
ATOM   408  C  CG1 . VAL A 1 57 ? 6.430   9.124   3.018   1.00 14.73 ? 70  VAL A CG1 1 
ATOM   409  C  CG2 . VAL A 1 57 ? 5.298   9.443   5.255   1.00 15.68 ? 70  VAL A CG2 1 
ATOM   410  N  N   . LYS A 1 58 ? 6.330   12.209  1.601   1.00 15.94 ? 71  LYS A N   1 
ATOM   411  C  CA  . LYS A 1 58 ? 6.645   12.628  0.243   1.00 15.76 ? 71  LYS A CA  1 
ATOM   412  C  C   . LYS A 1 58 ? 7.443   11.498  -0.413  1.00 17.27 ? 71  LYS A C   1 
ATOM   413  O  O   . LYS A 1 58 ? 8.296   10.879  0.248   1.00 16.70 ? 71  LYS A O   1 
ATOM   414  C  CB  . LYS A 1 58 ? 7.409   13.966  0.258   1.00 16.22 ? 71  LYS A CB  1 
ATOM   415  C  CG  . LYS A 1 58 ? 6.613   15.046  0.975   1.00 16.50 ? 71  LYS A CG  1 
ATOM   416  C  CD  . LYS A 1 58 ? 7.235   16.422  0.898   1.00 17.96 ? 71  LYS A CD  1 
ATOM   417  C  CE  . LYS A 1 58 ? 7.774   16.963  2.241   1.00 19.76 ? 71  LYS A CE  1 
ATOM   418  N  NZ  . LYS A 1 58 ? 9.222   16.624  2.516   1.00 18.49 ? 71  LYS A NZ  1 
ATOM   419  N  N   . VAL A 1 59 ? 7.147   11.208  -1.689  1.00 17.79 ? 72  VAL A N   1 
ATOM   420  C  CA  . VAL A 1 59 ? 7.766   10.055  -2.378  1.00 19.29 ? 72  VAL A CA  1 
ATOM   421  C  C   . VAL A 1 59 ? 9.287   10.100  -2.381  1.00 19.28 ? 72  VAL A C   1 
ATOM   422  O  O   . VAL A 1 59 ? 9.931   9.050   -2.358  1.00 20.44 ? 72  VAL A O   1 
ATOM   423  C  CB  . VAL A 1 59 ? 7.247   9.807   -3.845  1.00 19.58 ? 72  VAL A CB  1 
ATOM   424  C  CG1 . VAL A 1 59 ? 5.876   9.091   -3.842  1.00 20.00 ? 72  VAL A CG1 1 
ATOM   425  C  CG2 . VAL A 1 59 ? 7.299   11.111  -4.706  1.00 19.75 ? 72  VAL A CG2 1 
ATOM   426  N  N   . GLU A 1 60 ? 9.857   11.295  -2.424  1.00 20.04 ? 73  GLU A N   1 
ATOM   427  C  CA  . GLU A 1 60 ? 11.303  11.477  -2.277  1.00 20.64 ? 73  GLU A CA  1 
ATOM   428  C  C   . GLU A 1 60 ? 11.839  10.789  -0.993  1.00 20.80 ? 73  GLU A C   1 
ATOM   429  O  O   . GLU A 1 60 ? 12.951  10.250  -0.998  1.00 19.73 ? 73  GLU A O   1 
ATOM   430  C  CB  . GLU A 1 60 ? 11.649  12.968  -2.271  1.00 21.48 ? 73  GLU A CB  1 
ATOM   431  C  CG  . GLU A 1 60 ? 11.163  13.703  -1.021  1.00 22.99 ? 73  GLU A CG  1 
ATOM   432  C  CD  . GLU A 1 60 ? 11.351  15.208  -1.077  1.00 26.47 ? 73  GLU A CD  1 
ATOM   433  O  OE1 . GLU A 1 60 ? 10.791  15.882  -0.173  1.00 29.44 ? 73  GLU A OE1 1 
ATOM   434  O  OE2 . GLU A 1 60 ? 12.056  15.724  -1.984  1.00 25.09 ? 73  GLU A OE2 1 
ATOM   435  N  N   . GLU A 1 61 ? 11.020  10.771  0.067   1.00 20.26 ? 74  GLU A N   1 
ATOM   436  C  CA  . GLU A 1 61 ? 11.396  10.154  1.343   1.00 21.02 ? 74  GLU A CA  1 
ATOM   437  C  C   . GLU A 1 61 ? 11.506  8.626   1.330   1.00 21.13 ? 74  GLU A C   1 
ATOM   438  O  O   . GLU A 1 61 ? 12.105  8.069   2.251   1.00 22.20 ? 74  GLU A O   1 
ATOM   439  C  CB  . GLU A 1 61 ? 10.432  10.550  2.473   1.00 20.87 ? 74  GLU A CB  1 
ATOM   440  C  CG  . GLU A 1 61 ? 10.125  12.046  2.622   1.00 21.83 ? 74  GLU A CG  1 
ATOM   441  C  CD  . GLU A 1 61 ? 9.134   12.298  3.755   1.00 25.10 ? 74  GLU A CD  1 
ATOM   442  O  OE1 . GLU A 1 61 ? 9.093   11.479  4.721   1.00 28.96 ? 74  GLU A OE1 1 
ATOM   443  O  OE2 . GLU A 1 61 ? 8.401   13.312  3.688   1.00 25.67 ? 74  GLU A OE2 1 
ATOM   444  N  N   . ILE A 1 62 ? 10.949  7.935   0.321   1.00 20.29 ? 75  ILE A N   1 
ATOM   445  C  CA  . ILE A 1 62 ? 11.054  6.467   0.280   1.00 19.86 ? 75  ILE A CA  1 
ATOM   446  C  C   . ILE A 1 62 ? 11.599  5.880   -1.034  1.00 20.39 ? 75  ILE A C   1 
ATOM   447  O  O   . ILE A 1 62 ? 11.602  4.649   -1.205  1.00 20.30 ? 75  ILE A O   1 
ATOM   448  C  CB  . ILE A 1 62 ? 9.705   5.782   0.577   1.00 20.19 ? 75  ILE A CB  1 
ATOM   449  C  CG1 . ILE A 1 62 ? 8.665   6.136   -0.490  1.00 19.05 ? 75  ILE A CG1 1 
ATOM   450  C  CG2 . ILE A 1 62 ? 9.174   6.141   1.923   1.00 19.63 ? 75  ILE A CG2 1 
ATOM   451  C  CD1 . ILE A 1 62 ? 7.348   5.392   -0.317  1.00 19.80 ? 75  ILE A CD1 1 
HETATM 452  N  N   . MSE A 1 63 ? 12.071  6.718   -1.955  1.00 20.10 ? 76  MSE A N   1 
HETATM 453  C  CA  . MSE A 1 63 ? 12.556  6.188   -3.231  1.00 20.70 ? 76  MSE A CA  1 
HETATM 454  C  C   . MSE A 1 63 ? 13.931  5.592   -3.074  1.00 20.16 ? 76  MSE A C   1 
HETATM 455  O  O   . MSE A 1 63 ? 14.704  5.964   -2.182  1.00 21.27 ? 76  MSE A O   1 
HETATM 456  C  CB  . MSE A 1 63 ? 12.613  7.275   -4.300  1.00 21.33 ? 76  MSE A CB  1 
HETATM 457  C  CG  . MSE A 1 63 ? 13.708  8.281   -4.065  1.00 22.71 ? 76  MSE A CG  1 
HETATM 458  SE SE  . MSE A 1 63 ? 13.618  9.896   -5.156  1.00 31.09 ? 76  MSE A SE  1 
HETATM 459  C  CE  . MSE A 1 63 ? 14.901  11.016  -4.127  1.00 25.36 ? 76  MSE A CE  1 
ATOM   460  N  N   . THR A 1 64 ? 14.222  4.649   -3.952  1.00 19.18 ? 77  THR A N   1 
ATOM   461  C  CA  . THR A 1 64 ? 15.588  4.224   -4.232  1.00 18.80 ? 77  THR A CA  1 
ATOM   462  C  C   . THR A 1 64 ? 16.220  5.209   -5.198  1.00 18.27 ? 77  THR A C   1 
ATOM   463  O  O   . THR A 1 64 ? 15.546  5.672   -6.124  1.00 18.28 ? 77  THR A O   1 
ATOM   464  C  CB  . THR A 1 64 ? 15.559  2.837   -4.872  1.00 18.84 ? 77  THR A CB  1 
ATOM   465  O  OG1 . THR A 1 64 ? 15.023  1.934   -3.912  1.00 20.71 ? 77  THR A OG1 1 
ATOM   466  C  CG2 . THR A 1 64 ? 16.979  2.360   -5.310  1.00 16.48 ? 77  THR A CG2 1 
ATOM   467  N  N   . LYS A 1 65 ? 17.488  5.562   -4.951  1.00 18.38 ? 78  LYS A N   1 
ATOM   468  C  CA  . LYS A 1 65 ? 18.237  6.468   -5.822  1.00 18.20 ? 78  LYS A CA  1 
ATOM   469  C  C   . LYS A 1 65 ? 18.391  5.831   -7.195  1.00 17.95 ? 78  LYS A C   1 
ATOM   470  O  O   . LYS A 1 65 ? 18.573  4.614   -7.301  1.00 18.65 ? 78  LYS A O   1 
ATOM   471  C  CB  . LYS A 1 65 ? 19.623  6.806   -5.228  1.00 18.39 ? 78  LYS A CB  1 
ATOM   472  N  N   . ASN A 1 66 ? 18.283  6.662   -8.229  1.00 17.89 ? 79  ASN A N   1 
ATOM   473  C  CA  . ASN A 1 66 ? 18.476  6.255   -9.633  1.00 18.25 ? 79  ASN A CA  1 
ATOM   474  C  C   . ASN A 1 66 ? 19.822  5.535   -9.813  1.00 18.62 ? 79  ASN A C   1 
ATOM   475  O  O   . ASN A 1 66 ? 20.863  6.182   -9.729  1.00 18.77 ? 79  ASN A O   1 
ATOM   476  C  CB  . ASN A 1 66 ? 18.410  7.490   -10.540 1.00 18.83 ? 79  ASN A CB  1 
ATOM   477  C  CG  . ASN A 1 66 ? 18.477  7.156   -12.027 1.00 18.83 ? 79  ASN A CG  1 
ATOM   478  O  OD1 . ASN A 1 66 ? 18.565  5.997   -12.424 1.00 21.48 ? 79  ASN A OD1 1 
ATOM   479  N  ND2 . ASN A 1 66 ? 18.432  8.177   -12.850 1.00 17.03 ? 79  ASN A ND2 1 
ATOM   480  N  N   . PRO A 1 67 ? 19.800  4.202   -10.054 1.00 18.38 ? 80  PRO A N   1 
ATOM   481  C  CA  . PRO A 1 67 ? 21.057  3.458   -10.191 1.00 19.26 ? 80  PRO A CA  1 
ATOM   482  C  C   . PRO A 1 67 ? 21.709  3.598   -11.567 1.00 19.36 ? 80  PRO A C   1 
ATOM   483  O  O   . PRO A 1 67 ? 22.787  3.052   -11.780 1.00 19.44 ? 80  PRO A O   1 
ATOM   484  C  CB  . PRO A 1 67 ? 20.629  2.012   -9.946  1.00 19.17 ? 80  PRO A CB  1 
ATOM   485  C  CG  . PRO A 1 67 ? 19.252  1.940   -10.394 1.00 19.77 ? 80  PRO A CG  1 
ATOM   486  C  CD  . PRO A 1 67 ? 18.630  3.308   -10.179 1.00 18.76 ? 80  PRO A CD  1 
ATOM   487  N  N   . VAL A 1 68 ? 21.043  4.282   -12.499 1.00 19.94 ? 81  VAL A N   1 
ATOM   488  C  CA  . VAL A 1 68 ? 21.603  4.510   -13.842 1.00 20.53 ? 81  VAL A CA  1 
ATOM   489  C  C   . VAL A 1 68 ? 21.949  5.983   -14.136 1.00 21.01 ? 81  VAL A C   1 
ATOM   490  O  O   . VAL A 1 68 ? 22.097  6.370   -15.301 1.00 20.95 ? 81  VAL A O   1 
ATOM   491  C  CB  . VAL A 1 68 ? 20.688  3.910   -14.977 1.00 20.45 ? 81  VAL A CB  1 
ATOM   492  C  CG1 . VAL A 1 68 ? 20.475  2.398   -14.753 1.00 20.80 ? 81  VAL A CG1 1 
ATOM   493  C  CG2 . VAL A 1 68 ? 19.351  4.642   -15.065 1.00 20.26 ? 81  VAL A CG2 1 
ATOM   494  N  N   . LYS A 1 69 ? 22.121  6.780   -13.081 1.00 22.04 ? 82  LYS A N   1 
ATOM   495  C  CA  . LYS A 1 69 ? 22.585  8.171   -13.215 1.00 22.71 ? 82  LYS A CA  1 
ATOM   496  C  C   . LYS A 1 69 ? 23.987  8.243   -13.838 1.00 23.20 ? 82  LYS A C   1 
ATOM   497  O  O   . LYS A 1 69 ? 24.868  7.478   -13.477 1.00 22.98 ? 82  LYS A O   1 
ATOM   498  C  CB  . LYS A 1 69 ? 22.581  8.866   -11.844 1.00 22.94 ? 82  LYS A CB  1 
ATOM   499  N  N   . ILE A 1 70 ? 24.182  9.154   -14.790 1.00 24.20 ? 83  ILE A N   1 
ATOM   500  C  CA  . ILE A 1 70 ? 25.497  9.354   -15.435 1.00 25.00 ? 83  ILE A CA  1 
ATOM   501  C  C   . ILE A 1 70 ? 25.967  10.785  -15.177 1.00 25.17 ? 83  ILE A C   1 
ATOM   502  O  O   . ILE A 1 70 ? 25.298  11.739  -15.591 1.00 26.15 ? 83  ILE A O   1 
ATOM   503  C  CB  . ILE A 1 70 ? 25.430  9.080   -16.969 1.00 25.22 ? 83  ILE A CB  1 
ATOM   504  C  CG1 . ILE A 1 70 ? 25.167  7.597   -17.239 1.00 25.83 ? 83  ILE A CG1 1 
ATOM   505  C  CG2 . ILE A 1 70 ? 26.725  9.494   -17.679 1.00 25.00 ? 83  ILE A CG2 1 
ATOM   506  C  CD1 . ILE A 1 70 ? 24.533  7.344   -18.584 1.00 26.60 ? 83  ILE A CD1 1 
ATOM   507  N  N   . LYS B 1 1  ? 0.844   -18.081 -0.113  1.00 18.48 ? 14  LYS B N   1 
ATOM   508  C  CA  . LYS B 1 1  ? 0.631   -18.116 1.361   1.00 18.49 ? 14  LYS B CA  1 
ATOM   509  C  C   . LYS B 1 1  ? -0.355  -17.016 1.826   1.00 18.01 ? 14  LYS B C   1 
ATOM   510  O  O   . LYS B 1 1  ? -0.283  -15.878 1.384   1.00 18.32 ? 14  LYS B O   1 
ATOM   511  C  CB  . LYS B 1 1  ? 1.963   -17.931 2.111   1.00 18.90 ? 14  LYS B CB  1 
ATOM   512  C  CG  . LYS B 1 1  ? 1.845   -18.078 3.636   1.00 21.23 ? 14  LYS B CG  1 
ATOM   513  C  CD  . LYS B 1 1  ? 3.100   -17.611 4.470   1.00 21.13 ? 14  LYS B CD  1 
ATOM   514  C  CE  . LYS B 1 1  ? 4.324   -18.301 4.034   1.00 21.30 ? 14  LYS B CE  1 
ATOM   515  N  NZ  . LYS B 1 1  ? 5.486   -17.997 4.899   1.00 19.01 ? 14  LYS B NZ  1 
ATOM   516  N  N   . ALA B 1 2  ? -1.222  -17.365 2.755   1.00 16.61 ? 15  ALA B N   1 
ATOM   517  C  CA  . ALA B 1 2  ? -2.116  -16.401 3.410   1.00 15.52 ? 15  ALA B CA  1 
ATOM   518  C  C   . ALA B 1 2  ? -1.957  -16.557 4.930   1.00 15.03 ? 15  ALA B C   1 
ATOM   519  O  O   . ALA B 1 2  ? -1.696  -17.669 5.419   1.00 16.16 ? 15  ALA B O   1 
ATOM   520  C  CB  . ALA B 1 2  ? -3.548  -16.635 2.984   1.00 15.57 ? 15  ALA B CB  1 
ATOM   521  N  N   . ILE B 1 3  ? -2.122  -15.475 5.667   1.00 14.27 ? 16  ILE B N   1 
ATOM   522  C  CA  . ILE B 1 3  ? -2.032  -15.490 7.123   1.00 13.81 ? 16  ILE B CA  1 
ATOM   523  C  C   . ILE B 1 3  ? -3.386  -15.150 7.754   1.00 14.37 ? 16  ILE B C   1 
ATOM   524  O  O   . ILE B 1 3  ? -4.101  -14.269 7.295   1.00 14.97 ? 16  ILE B O   1 
ATOM   525  C  CB  . ILE B 1 3  ? -0.987  -14.442 7.598   1.00 12.94 ? 16  ILE B CB  1 
ATOM   526  C  CG1 . ILE B 1 3  ? 0.353   -14.628 6.914   1.00 14.68 ? 16  ILE B CG1 1 
ATOM   527  C  CG2 . ILE B 1 3  ? -0.770  -14.497 9.140   1.00 13.54 ? 16  ILE B CG2 1 
ATOM   528  C  CD1 . ILE B 1 3  ? 1.035   -15.907 7.302   1.00 14.00 ? 16  ILE B CD1 1 
ATOM   529  N  N   . VAL B 1 4  ? -3.731  -15.845 8.828   1.00 13.78 ? 17  VAL B N   1 
ATOM   530  C  CA  . VAL B 1 4  ? -5.006  -15.604 9.492   1.00 14.17 ? 17  VAL B CA  1 
ATOM   531  C  C   . VAL B 1 4  ? -4.779  -14.454 10.428  1.00 13.97 ? 17  VAL B C   1 
ATOM   532  O  O   . VAL B 1 4  ? -3.835  -14.497 11.211  1.00 14.86 ? 17  VAL B O   1 
ATOM   533  C  CB  . VAL B 1 4  ? -5.479  -16.789 10.317  1.00 13.74 ? 17  VAL B CB  1 
ATOM   534  C  CG1 . VAL B 1 4  ? -6.747  -16.411 11.120  1.00 14.45 ? 17  VAL B CG1 1 
ATOM   535  C  CG2 . VAL B 1 4  ? -5.753  -17.943 9.423   1.00 14.20 ? 17  VAL B CG2 1 
ATOM   536  N  N   . VAL B 1 5  ? -5.660  -13.465 10.352  1.00 14.03 ? 18  VAL B N   1 
ATOM   537  C  CA  . VAL B 1 5  ? -5.646  -12.310 11.238  1.00 15.34 ? 18  VAL B CA  1 
ATOM   538  C  C   . VAL B 1 5  ? -7.077  -12.143 11.797  1.00 16.58 ? 18  VAL B C   1 
ATOM   539  O  O   . VAL B 1 5  ? -8.004  -12.894 11.466  1.00 15.71 ? 18  VAL B O   1 
ATOM   540  C  CB  . VAL B 1 5  ? -5.192  -11.048 10.499  1.00 13.88 ? 18  VAL B CB  1 
ATOM   541  C  CG1 . VAL B 1 5  ? -3.730  -11.214 9.927   1.00 15.16 ? 18  VAL B CG1 1 
ATOM   542  C  CG2 . VAL B 1 5  ? -6.178  -10.699 9.391   1.00 16.07 ? 18  VAL B CG2 1 
ATOM   543  N  N   . GLN B 1 6  ? -7.217  -11.156 12.652  1.00 17.10 ? 19  GLN B N   1 
ATOM   544  C  CA  . GLN B 1 6  ? -8.454  -10.866 13.386  1.00 18.53 ? 19  GLN B CA  1 
ATOM   545  C  C   . GLN B 1 6  ? -9.116  -9.643  12.735  1.00 18.75 ? 19  GLN B C   1 
ATOM   546  O  O   . GLN B 1 6  ? -8.408  -8.827  12.109  1.00 19.67 ? 19  GLN B O   1 
ATOM   547  C  CB  . GLN B 1 6  ? -8.117  -10.538 14.851  1.00 18.17 ? 19  GLN B CB  1 
ATOM   548  C  CG  . GLN B 1 6  ? -7.292  -11.575 15.629  1.00 21.15 ? 19  GLN B CG  1 
ATOM   549  C  CD  . GLN B 1 6  ? -6.710  -11.047 16.959  1.00 24.35 ? 19  GLN B CD  1 
ATOM   550  O  OE1 . GLN B 1 6  ? -7.003  -11.579 18.029  1.00 24.85 ? 19  GLN B OE1 1 
ATOM   551  N  NE2 . GLN B 1 6  ? -5.843  -10.036 16.876  1.00 26.69 ? 19  GLN B NE2 1 
ATOM   552  N  N   . PRO B 1 7  ? -10.450 -9.490  12.883  1.00 18.51 ? 20  PRO B N   1 
ATOM   553  C  CA  . PRO B 1 7  ? -11.103 -8.347  12.229  1.00 18.24 ? 20  PRO B CA  1 
ATOM   554  C  C   . PRO B 1 7  ? -10.748 -6.947  12.770  1.00 18.18 ? 20  PRO B C   1 
ATOM   555  O  O   . PRO B 1 7  ? -10.838 -5.971  12.011  1.00 17.41 ? 20  PRO B O   1 
ATOM   556  C  CB  . PRO B 1 7  ? -12.598 -8.646  12.354  1.00 18.15 ? 20  PRO B CB  1 
ATOM   557  C  CG  . PRO B 1 7  ? -12.735 -9.720  13.317  1.00 17.58 ? 20  PRO B CG  1 
ATOM   558  C  CD  . PRO B 1 7  ? -11.431 -10.440 13.439  1.00 18.47 ? 20  PRO B CD  1 
ATOM   559  N  N   . LYS B 1 8  ? -10.315 -6.830  14.027  1.00 18.88 ? 21  LYS B N   1 
ATOM   560  C  CA  . LYS B 1 8  ? -9.868  -5.539  14.544  1.00 19.18 ? 21  LYS B CA  1 
ATOM   561  C  C   . LYS B 1 8  ? -8.406  -5.236  14.273  1.00 18.90 ? 21  LYS B C   1 
ATOM   562  O  O   . LYS B 1 8  ? -7.966  -4.139  14.598  1.00 17.67 ? 21  LYS B O   1 
ATOM   563  C  CB  . LYS B 1 8  ? -10.191 -5.359  16.055  1.00 19.61 ? 21  LYS B CB  1 
ATOM   564  C  CG  . LYS B 1 8  ? -11.633 -4.933  16.299  1.00 22.04 ? 21  LYS B CG  1 
ATOM   565  C  CD  . LYS B 1 8  ? -12.602 -5.793  15.404  1.00 22.25 ? 21  LYS B CD  1 
ATOM   566  C  CE  . LYS B 1 8  ? -14.111 -5.651  15.765  1.00 21.82 ? 21  LYS B CE  1 
ATOM   567  N  NZ  . LYS B 1 8  ? -14.980 -6.659  15.051  1.00 21.05 ? 21  LYS B NZ  1 
ATOM   568  N  N   . ASP B 1 9  ? -7.648  -6.155  13.630  1.00 19.12 ? 22  ASP B N   1 
ATOM   569  C  CA  . ASP B 1 9  ? -6.245  -5.867  13.371  1.00 17.97 ? 22  ASP B CA  1 
ATOM   570  C  C   . ASP B 1 9  ? -6.245  -4.617  12.481  1.00 17.24 ? 22  ASP B C   1 
ATOM   571  O  O   . ASP B 1 9  ? -7.069  -4.505  11.601  1.00 15.41 ? 22  ASP B O   1 
ATOM   572  C  CB  . ASP B 1 9  ? -5.514  -7.080  12.730  1.00 18.62 ? 22  ASP B CB  1 
ATOM   573  C  CG  . ASP B 1 9  ? -5.271  -8.219  13.727  1.00 19.45 ? 22  ASP B CG  1 
ATOM   574  O  OD1 . ASP B 1 9  ? -5.114  -7.946  14.923  1.00 23.73 ? 22  ASP B OD1 1 
ATOM   575  O  OD2 . ASP B 1 9  ? -5.228  -9.391  13.316  1.00 22.25 ? 22  ASP B OD2 1 
ATOM   576  N  N   . THR B 1 10 ? -5.398  -3.626  12.783  1.00 17.07 ? 23  THR B N   1 
ATOM   577  C  CA  . THR B 1 10 ? -5.386  -2.398  12.000  1.00 16.47 ? 23  THR B CA  1 
ATOM   578  C  C   . THR B 1 10 ? -4.580  -2.655  10.707  1.00 16.66 ? 23  THR B C   1 
ATOM   579  O  O   . THR B 1 10 ? -3.797  -3.635  10.615  1.00 16.95 ? 23  THR B O   1 
ATOM   580  C  CB  . THR B 1 10 ? -4.926  -1.168  12.846  1.00 16.28 ? 23  THR B CB  1 
ATOM   581  O  OG1 . THR B 1 10 ? -3.648  -1.449  13.415  1.00 15.11 ? 23  THR B OG1 1 
ATOM   582  C  CG2 . THR B 1 10 ? -5.963  -0.854  13.969  1.00 15.29 ? 23  THR B CG2 1 
ATOM   583  N  N   . VAL B 1 11 ? -4.848  -1.880  9.660   1.00 15.65 ? 24  VAL B N   1 
ATOM   584  C  CA  . VAL B 1 11 ? -4.153  -2.073  8.399   1.00 15.08 ? 24  VAL B CA  1 
ATOM   585  C  C   . VAL B 1 11 ? -2.621  -1.931  8.432   1.00 15.33 ? 24  VAL B C   1 
ATOM   586  O  O   . VAL B 1 11 ? -1.890  -2.641  7.715   1.00 15.44 ? 24  VAL B O   1 
ATOM   587  C  CB  . VAL B 1 11 ? -4.899  -1.324  7.226   1.00 16.15 ? 24  VAL B CB  1 
ATOM   588  C  CG1 . VAL B 1 11 ? -4.104  -1.400  5.879   1.00 13.83 ? 24  VAL B CG1 1 
ATOM   589  C  CG2 . VAL B 1 11 ? -6.323  -1.951  7.029   1.00 12.35 ? 24  VAL B CG2 1 
ATOM   590  N  N   . ASP B 1 12 ? -2.078  -1.046  9.260   1.00 14.64 ? 25  ASP B N   1 
ATOM   591  C  CA  . ASP B 1 12 ? -0.606  -1.014  9.401   1.00 14.58 ? 25  ASP B CA  1 
ATOM   592  C  C   . ASP B 1 12 ? -0.044  -2.351  9.918   1.00 13.65 ? 25  ASP B C   1 
ATOM   593  O  O   . ASP B 1 12 ? 0.972   -2.782  9.429   1.00 13.52 ? 25  ASP B O   1 
ATOM   594  C  CB  . ASP B 1 12 ? -0.130  0.116   10.335  1.00 15.11 ? 25  ASP B CB  1 
ATOM   595  C  CG  . ASP B 1 12 ? -0.770  0.024   11.701  1.00 16.76 ? 25  ASP B CG  1 
ATOM   596  O  OD1 . ASP B 1 12 ? -1.869  -0.556  11.749  1.00 22.36 ? 25  ASP B OD1 1 
ATOM   597  O  OD2 . ASP B 1 12 ? -0.183  0.506   12.715  1.00 18.48 ? 25  ASP B OD2 1 
ATOM   598  N  N   . ARG B 1 13 ? -0.751  -2.989  10.856  1.00 13.95 ? 26  ARG B N   1 
ATOM   599  C  CA  . ARG B 1 13 ? -0.344  -4.253  11.511  1.00 14.27 ? 26  ARG B CA  1 
ATOM   600  C  C   . ARG B 1 13 ? -0.437  -5.407  10.546  1.00 14.93 ? 26  ARG B C   1 
ATOM   601  O  O   . ARG B 1 13 ? 0.505   -6.269  10.421  1.00 14.06 ? 26  ARG B O   1 
ATOM   602  C  CB  . ARG B 1 13 ? -1.259  -4.546  12.755  1.00 13.78 ? 26  ARG B CB  1 
ATOM   603  N  N   . VAL B 1 14 ? -1.556  -5.401  9.831   1.00 14.90 ? 27  VAL B N   1 
ATOM   604  C  CA  . VAL B 1 14 ? -1.808  -6.444  8.825   1.00 15.65 ? 27  VAL B CA  1 
ATOM   605  C  C   . VAL B 1 14 ? -0.773  -6.341  7.721   1.00 15.32 ? 27  VAL B C   1 
ATOM   606  O  O   . VAL B 1 14 ? -0.183  -7.354  7.323   1.00 15.61 ? 27  VAL B O   1 
ATOM   607  C  CB  . VAL B 1 14 ? -3.237  -6.401  8.310   1.00 15.86 ? 27  VAL B CB  1 
ATOM   608  C  CG1 . VAL B 1 14 ? -3.411  -7.349  7.122   1.00 15.18 ? 27  VAL B CG1 1 
ATOM   609  C  CG2 . VAL B 1 14 ? -4.192  -6.763  9.450   1.00 13.22 ? 27  VAL B CG2 1 
ATOM   610  N  N   . ALA B 1 15 ? -0.477  -5.122  7.270   1.00 15.03 ? 28  ALA B N   1 
ATOM   611  C  CA  . ALA B 1 15 ? 0.549   -4.961  6.259   1.00 14.62 ? 28  ALA B CA  1 
ATOM   612  C  C   . ALA B 1 15 ? 1.913   -5.495  6.698   1.00 14.73 ? 28  ALA B C   1 
ATOM   613  O  O   . ALA B 1 15 ? 2.589   -6.106  5.926   1.00 15.26 ? 28  ALA B O   1 
ATOM   614  C  CB  . ALA B 1 15 ? 0.652   -3.545  5.794   1.00 14.78 ? 28  ALA B CB  1 
ATOM   615  N  N   . LYS B 1 16 ? 2.310   -5.286  7.957   1.00 15.70 ? 29  LYS B N   1 
ATOM   616  C  CA  . LYS B 1 16 ? 3.593   -5.798  8.439   1.00 16.15 ? 29  LYS B CA  1 
ATOM   617  C  C   . LYS B 1 16 ? 3.603   -7.341  8.508   1.00 15.63 ? 29  LYS B C   1 
ATOM   618  O  O   . LYS B 1 16 ? 4.587   -7.991  8.091   1.00 14.86 ? 29  LYS B O   1 
ATOM   619  C  CB  . LYS B 1 16 ? 3.903   -5.162  9.798   1.00 16.53 ? 29  LYS B CB  1 
ATOM   620  C  CG  . LYS B 1 16 ? 5.288   -5.431  10.336  1.00 18.70 ? 29  LYS B CG  1 
ATOM   621  C  CD  . LYS B 1 16 ? 5.547   -4.704  11.656  1.00 22.84 ? 29  LYS B CD  1 
ATOM   622  C  CE  . LYS B 1 16 ? 6.871   -5.190  12.234  1.00 23.92 ? 29  LYS B CE  1 
ATOM   623  N  NZ  . LYS B 1 16 ? 7.210   -4.653  13.583  1.00 25.17 ? 29  LYS B NZ  1 
ATOM   624  N  N   . ILE B 1 17 ? 2.501   -7.896  9.018   1.00 15.68 ? 30  ILE B N   1 
ATOM   625  C  CA  . ILE B 1 17 ? 2.307   -9.338  9.126   1.00 15.21 ? 30  ILE B CA  1 
ATOM   626  C  C   . ILE B 1 17 ? 2.482   -9.968  7.743   1.00 14.73 ? 30  ILE B C   1 
ATOM   627  O  O   . ILE B 1 17 ? 3.244   -10.949 7.596   1.00 14.27 ? 30  ILE B O   1 
ATOM   628  C  CB  . ILE B 1 17 ? 0.908   -9.679  9.724   1.00 16.05 ? 30  ILE B CB  1 
ATOM   629  C  CG1 . ILE B 1 17 ? 0.875   -9.427  11.220  1.00 18.40 ? 30  ILE B CG1 1 
ATOM   630  C  CG2 . ILE B 1 17 ? 0.498   -11.145 9.406   1.00 17.19 ? 30  ILE B CG2 1 
ATOM   631  C  CD1 . ILE B 1 17 ? -0.546  -9.397  11.773  1.00 17.81 ? 30  ILE B CD1 1 
ATOM   632  N  N   . LEU B 1 18 ? 1.864   -9.359  6.721   1.00 13.03 ? 31  LEU B N   1 
ATOM   633  C  CA  . LEU B 1 18 ? 1.925   -9.921  5.390   1.00 12.87 ? 31  LEU B CA  1 
ATOM   634  C  C   . LEU B 1 18 ? 3.346   -9.822  4.848   1.00 12.09 ? 31  LEU B C   1 
ATOM   635  O  O   . LEU B 1 18 ? 3.887   -10.822 4.472   1.00 12.88 ? 31  LEU B O   1 
ATOM   636  C  CB  . LEU B 1 18 ? 0.902   -9.289  4.454   1.00 14.35 ? 31  LEU B CB  1 
ATOM   637  C  CG  . LEU B 1 18 ? -0.590  -9.546  4.718   1.00 13.05 ? 31  LEU B CG  1 
ATOM   638  C  CD1 . LEU B 1 18 ? -1.376  -8.853  3.644   1.00 13.23 ? 31  LEU B CD1 1 
ATOM   639  C  CD2 . LEU B 1 18 ? -1.005  -11.039 4.779   1.00 16.97 ? 31  LEU B CD2 1 
ATOM   640  N  N   . SER B 1 19 ? 4.000   -8.664  4.975   1.00 12.09 ? 32  SER B N   1 
ATOM   641  C  CA  . SER B 1 19 ? 5.348   -8.476  4.465   1.00 14.47 ? 32  SER B CA  1 
ATOM   642  C  C   . SER B 1 19 ? 6.386   -9.411  5.133   1.00 13.76 ? 32  SER B C   1 
ATOM   643  O  O   . SER B 1 19 ? 7.203   -10.076 4.470   1.00 13.35 ? 32  SER B O   1 
ATOM   644  C  CB  . SER B 1 19 ? 5.731   -6.988  4.661   1.00 14.16 ? 32  SER B CB  1 
ATOM   645  O  OG  . SER B 1 19 ? 7.015   -6.768  4.134   1.00 19.86 ? 32  SER B OG  1 
ATOM   646  N  N   . ARG B 1 20 ? 6.380   -9.437  6.459   1.00 14.52 ? 33  ARG B N   1 
ATOM   647  C  CA  . ARG B 1 20 ? 7.350   -10.230 7.187   1.00 14.82 ? 33  ARG B CA  1 
ATOM   648  C  C   . ARG B 1 20 ? 7.189   -11.737 6.963   1.00 14.96 ? 33  ARG B C   1 
ATOM   649  O  O   . ARG B 1 20 ? 8.159   -12.485 7.034   1.00 13.74 ? 33  ARG B O   1 
ATOM   650  C  CB  . ARG B 1 20 ? 7.278   -9.922  8.643   1.00 16.31 ? 33  ARG B CB  1 
ATOM   651  C  CG  . ARG B 1 20 ? 7.543   -8.456  8.892   1.00 18.36 ? 33  ARG B CG  1 
ATOM   652  C  CD  . ARG B 1 20 ? 8.592   -8.221  9.843   1.00 24.33 ? 33  ARG B CD  1 
ATOM   653  N  NE  . ARG B 1 20 ? 8.233   -8.675  11.176  1.00 27.02 ? 33  ARG B NE  1 
ATOM   654  C  CZ  . ARG B 1 20 ? 8.757   -8.171  12.287  1.00 25.97 ? 33  ARG B CZ  1 
ATOM   655  N  NH1 . ARG B 1 20 ? 8.377   -8.660  13.444  1.00 23.21 ? 33  ARG B NH1 1 
ATOM   656  N  NH2 . ARG B 1 20 ? 9.632   -7.152  12.236  1.00 25.06 ? 33  ARG B NH2 1 
ATOM   657  N  N   . ASN B 1 21 ? 5.960   -12.162 6.701   1.00 14.25 ? 34  ASN B N   1 
ATOM   658  C  CA  . ASN B 1 21 ? 5.694   -13.564 6.360   1.00 14.91 ? 34  ASN B CA  1 
ATOM   659  C  C   . ASN B 1 21 ? 5.736   -13.873 4.881   1.00 14.86 ? 34  ASN B C   1 
ATOM   660  O  O   . ASN B 1 21 ? 5.376   -14.989 4.503   1.00 16.44 ? 34  ASN B O   1 
ATOM   661  C  CB  . ASN B 1 21 ? 4.338   -13.976 6.958   1.00 14.01 ? 34  ASN B CB  1 
ATOM   662  C  CG  . ASN B 1 21 ? 4.418   -14.158 8.466   1.00 15.22 ? 34  ASN B CG  1 
ATOM   663  O  OD1 . ASN B 1 21 ? 4.908   -15.183 8.934   1.00 13.73 ? 34  ASN B OD1 1 
ATOM   664  N  ND2 . ASN B 1 21 ? 3.961   -13.163 9.225   1.00 13.88 ? 34  ASN B ND2 1 
ATOM   665  N  N   . LYS B 1 22 ? 6.088   -12.890 4.048   1.00 15.49 ? 35  LYS B N   1 
ATOM   666  C  CA  . LYS B 1 22 ? 6.086   -13.034 2.576   1.00 17.12 ? 35  LYS B CA  1 
ATOM   667  C  C   . LYS B 1 22 ? 4.773   -13.648 2.047   1.00 17.13 ? 35  LYS B C   1 
ATOM   668  O  O   . LYS B 1 22 ? 4.743   -14.573 1.219   1.00 16.30 ? 35  LYS B O   1 
ATOM   669  C  CB  . LYS B 1 22 ? 7.336   -13.804 2.106   1.00 18.41 ? 35  LYS B CB  1 
ATOM   670  C  CG  . LYS B 1 22 ? 8.532   -12.913 1.722   1.00 22.60 ? 35  LYS B CG  1 
ATOM   671  C  CD  . LYS B 1 22 ? 9.341   -12.451 2.908   1.00 26.02 ? 35  LYS B CD  1 
ATOM   672  C  CE  . LYS B 1 22 ? 10.428  -11.414 2.515   1.00 27.48 ? 35  LYS B CE  1 
ATOM   673  N  NZ  . LYS B 1 22 ? 10.194  -10.140 3.285   1.00 26.01 ? 35  LYS B NZ  1 
ATOM   674  N  N   . ALA B 1 23 ? 3.670   -13.155 2.609   1.00 16.13 ? 36  ALA B N   1 
ATOM   675  C  CA  . ALA B 1 23 ? 2.332   -13.609 2.288   1.00 15.81 ? 36  ALA B CA  1 
ATOM   676  C  C   . ALA B 1 23 ? 1.630   -12.603 1.392   1.00 15.24 ? 36  ALA B C   1 
ATOM   677  O  O   . ALA B 1 23 ? 1.816   -11.401 1.534   1.00 14.33 ? 36  ALA B O   1 
ATOM   678  C  CB  . ALA B 1 23 ? 1.532   -13.769 3.598   1.00 15.32 ? 36  ALA B CB  1 
ATOM   679  N  N   . GLY B 1 24 ? 0.801   -13.085 0.477   1.00 15.27 ? 37  GLY B N   1 
ATOM   680  C  CA  . GLY B 1 24 ? 0.079   -12.179 -0.423  1.00 15.43 ? 37  GLY B CA  1 
ATOM   681  C  C   . GLY B 1 24 ? -1.253  -11.667 0.095   1.00 14.54 ? 37  GLY B C   1 
ATOM   682  O  O   . GLY B 1 24 ? -1.828  -10.714 -0.448  1.00 14.82 ? 37  GLY B O   1 
ATOM   683  N  N   . SER B 1 25 ? -1.783  -12.346 1.098   1.00 15.33 ? 38  SER B N   1 
ATOM   684  C  CA  . SER B 1 25 ? -3.132  -12.065 1.577   1.00 15.61 ? 38  SER B CA  1 
ATOM   685  C  C   . SER B 1 25 ? -3.346  -12.571 2.994   1.00 15.26 ? 38  SER B C   1 
ATOM   686  O  O   . SER B 1 25 ? -2.556  -13.360 3.524   1.00 15.47 ? 38  SER B O   1 
ATOM   687  C  CB  . SER B 1 25 ? -4.175  -12.682 0.599   1.00 15.38 ? 38  SER B CB  1 
ATOM   688  O  OG  . SER B 1 25 ? -4.178  -14.077 0.744   1.00 17.17 ? 38  SER B OG  1 
ATOM   689  N  N   . ALA B 1 26 ? -4.409  -12.059 3.609   1.00 15.97 ? 39  ALA B N   1 
ATOM   690  C  CA  . ALA B 1 26 ? -4.851  -12.486 4.941   1.00 14.84 ? 39  ALA B CA  1 
ATOM   691  C  C   . ALA B 1 26 ? -6.278  -13.051 4.890   1.00 14.39 ? 39  ALA B C   1 
ATOM   692  O  O   . ALA B 1 26 ? -7.119  -12.676 4.023   1.00 14.08 ? 39  ALA B O   1 
ATOM   693  C  CB  . ALA B 1 26 ? -4.802  -11.344 5.919   1.00 13.93 ? 39  ALA B CB  1 
ATOM   694  N  N   . VAL B 1 27 ? -6.535  -13.937 5.838   1.00 14.52 ? 40  VAL B N   1 
ATOM   695  C  CA  . VAL B 1 27 ? -7.849  -14.529 6.055   1.00 14.74 ? 40  VAL B CA  1 
ATOM   696  C  C   . VAL B 1 27 ? -8.323  -13.921 7.371   1.00 14.62 ? 40  VAL B C   1 
ATOM   697  O  O   . VAL B 1 27 ? -7.639  -14.066 8.384   1.00 15.92 ? 40  VAL B O   1 
ATOM   698  C  CB  . VAL B 1 27 ? -7.730  -16.038 6.129   1.00 15.30 ? 40  VAL B CB  1 
ATOM   699  C  CG1 . VAL B 1 27 ? -9.040  -16.679 6.531   1.00 14.58 ? 40  VAL B CG1 1 
ATOM   700  C  CG2 . VAL B 1 27 ? -7.184  -16.581 4.817   1.00 15.26 ? 40  VAL B CG2 1 
ATOM   701  N  N   . VAL B 1 28 ? -9.463  -13.221 7.360   1.00 15.10 ? 41  VAL B N   1 
ATOM   702  C  CA  . VAL B 1 28 ? -9.966  -12.513 8.547   1.00 15.01 ? 41  VAL B CA  1 
ATOM   703  C  C   . VAL B 1 28 ? -10.922 -13.441 9.302   1.00 16.40 ? 41  VAL B C   1 
ATOM   704  O  O   . VAL B 1 28 ? -11.976 -13.840 8.728   1.00 16.61 ? 41  VAL B O   1 
ATOM   705  C  CB  . VAL B 1 28 ? -10.708 -11.197 8.156   1.00 14.25 ? 41  VAL B CB  1 
ATOM   706  C  CG1 . VAL B 1 28 ? -11.169 -10.446 9.381   1.00 15.08 ? 41  VAL B CG1 1 
ATOM   707  C  CG2 . VAL B 1 28 ? -9.808  -10.342 7.290   1.00 15.42 ? 41  VAL B CG2 1 
HETATM 708  N  N   . MSE B 1 29 ? -10.550 -13.808 10.528  1.00 17.58 ? 42  MSE B N   1 
HETATM 709  C  CA  . MSE B 1 29 ? -11.326 -14.776 11.333  1.00 19.40 ? 42  MSE B CA  1 
HETATM 710  C  C   . MSE B 1 29 ? -11.687 -14.240 12.665  1.00 19.51 ? 42  MSE B C   1 
HETATM 711  O  O   . MSE B 1 29 ? -10.807 -13.794 13.398  1.00 18.33 ? 42  MSE B O   1 
HETATM 712  C  CB  . MSE B 1 29 ? -10.527 -16.028 11.628  1.00 20.54 ? 42  MSE B CB  1 
HETATM 713  C  CG  . MSE B 1 29 ? -10.157 -16.876 10.441  1.00 25.70 ? 42  MSE B CG  1 
HETATM 714  SE SE  . MSE B 1 29 ? -9.894  -18.706 11.142  1.00 44.49 ? 42  MSE B SE  1 
HETATM 715  C  CE  . MSE B 1 29 ? -9.501  -19.582 9.440   1.00 39.71 ? 42  MSE B CE  1 
ATOM   716  N  N   . GLU B 1 30 ? -12.966 -14.348 13.009  1.00 19.90 ? 43  GLU B N   1 
ATOM   717  C  CA  . GLU B 1 30 ? -13.461 -13.965 14.330  1.00 20.80 ? 43  GLU B CA  1 
ATOM   718  C  C   . GLU B 1 30 ? -13.834 -15.261 15.029  1.00 19.91 ? 43  GLU B C   1 
ATOM   719  O  O   . GLU B 1 30 ? -14.873 -15.844 14.732  1.00 18.83 ? 43  GLU B O   1 
ATOM   720  C  CB  . GLU B 1 30 ? -14.705 -13.076 14.215  1.00 21.13 ? 43  GLU B CB  1 
ATOM   721  C  CG  . GLU B 1 30 ? -15.432 -12.794 15.517  1.00 24.36 ? 43  GLU B CG  1 
ATOM   722  C  CD  . GLU B 1 30 ? -14.882 -11.603 16.280  1.00 27.63 ? 43  GLU B CD  1 
ATOM   723  O  OE1 . GLU B 1 30 ? -14.901 -10.496 15.689  1.00 32.58 ? 43  GLU B OE1 1 
ATOM   724  O  OE2 . GLU B 1 30 ? -14.455 -11.759 17.467  1.00 26.17 ? 43  GLU B OE2 1 
ATOM   725  N  N   . GLY B 1 31 ? -12.979 -15.700 15.939  1.00 20.62 ? 44  GLY B N   1 
ATOM   726  C  CA  . GLY B 1 31 ? -13.131 -16.990 16.577  1.00 21.39 ? 44  GLY B CA  1 
ATOM   727  C  C   . GLY B 1 31 ? -12.944 -18.027 15.476  1.00 22.08 ? 44  GLY B C   1 
ATOM   728  O  O   . GLY B 1 31 ? -11.938 -18.028 14.751  1.00 21.56 ? 44  GLY B O   1 
ATOM   729  N  N   . ASP B 1 32 ? -13.951 -18.875 15.346  1.00 22.68 ? 45  ASP B N   1 
ATOM   730  C  CA  . ASP B 1 32 ? -13.994 -19.932 14.331  1.00 24.12 ? 45  ASP B CA  1 
ATOM   731  C  C   . ASP B 1 32 ? -14.776 -19.502 13.071  1.00 23.78 ? 45  ASP B C   1 
ATOM   732  O  O   . ASP B 1 32 ? -14.969 -20.324 12.155  1.00 25.21 ? 45  ASP B O   1 
ATOM   733  C  CB  . ASP B 1 32 ? -14.665 -21.189 14.940  1.00 24.72 ? 45  ASP B CB  1 
ATOM   734  C  CG  . ASP B 1 32 ? -13.794 -21.900 16.009  1.00 26.70 ? 45  ASP B CG  1 
ATOM   735  O  OD1 . ASP B 1 32 ? -12.544 -21.864 15.944  1.00 27.85 ? 45  ASP B OD1 1 
ATOM   736  O  OD2 . ASP B 1 32 ? -14.370 -22.545 16.913  1.00 30.67 ? 45  ASP B OD2 1 
ATOM   737  N  N   . GLU B 1 33 ? -15.247 -18.248 13.024  1.00 22.35 ? 46  GLU B N   1 
ATOM   738  C  CA  . GLU B 1 33 ? -15.935 -17.678 11.830  1.00 21.82 ? 46  GLU B CA  1 
ATOM   739  C  C   . GLU B 1 33 ? -14.968 -16.972 10.864  1.00 20.20 ? 46  GLU B C   1 
ATOM   740  O  O   . GLU B 1 33 ? -14.325 -15.990 11.241  1.00 18.30 ? 46  GLU B O   1 
ATOM   741  C  CB  . GLU B 1 33 ? -17.024 -16.669 12.230  1.00 22.21 ? 46  GLU B CB  1 
ATOM   742  C  CG  . GLU B 1 33 ? -18.438 -17.228 12.398  1.00 24.53 ? 46  GLU B CG  1 
ATOM   743  C  CD  . GLU B 1 33 ? -19.477 -16.140 12.751  1.00 26.95 ? 46  GLU B CD  1 
ATOM   744  N  N   . ILE B 1 34 ? -14.865 -17.479 9.632   1.00 19.45 ? 47  ILE B N   1 
ATOM   745  C  CA  . ILE B 1 34 ? -14.126 -16.790 8.579   1.00 18.63 ? 47  ILE B CA  1 
ATOM   746  C  C   . ILE B 1 34 ? -15.029 -15.744 7.939   1.00 17.64 ? 47  ILE B C   1 
ATOM   747  O  O   . ILE B 1 34 ? -16.030 -16.065 7.241   1.00 18.35 ? 47  ILE B O   1 
ATOM   748  C  CB  . ILE B 1 34 ? -13.682 -17.715 7.437   1.00 19.09 ? 47  ILE B CB  1 
ATOM   749  C  CG1 . ILE B 1 34 ? -12.773 -18.828 7.955   1.00 22.64 ? 47  ILE B CG1 1 
ATOM   750  C  CG2 . ILE B 1 34 ? -12.887 -16.916 6.451   1.00 20.05 ? 47  ILE B CG2 1 
ATOM   751  C  CD1 . ILE B 1 34 ? -12.064 -19.650 6.844   1.00 26.25 ? 47  ILE B CD1 1 
ATOM   752  N  N   . LEU B 1 35 ? -14.672 -14.496 8.138   1.00 16.82 ? 48  LEU B N   1 
ATOM   753  C  CA  . LEU B 1 35 ? -15.487 -13.393 7.679   1.00 17.22 ? 48  LEU B CA  1 
ATOM   754  C  C   . LEU B 1 35 ? -15.195 -12.874 6.299   1.00 16.85 ? 48  LEU B C   1 
ATOM   755  O  O   . LEU B 1 35 ? -16.094 -12.393 5.606   1.00 17.05 ? 48  LEU B O   1 
ATOM   756  C  CB  . LEU B 1 35 ? -15.284 -12.261 8.638   1.00 16.94 ? 48  LEU B CB  1 
ATOM   757  C  CG  . LEU B 1 35 ? -15.757 -12.558 10.063  1.00 18.14 ? 48  LEU B CG  1 
ATOM   758  C  CD1 . LEU B 1 35 ? -15.622 -11.269 10.753  1.00 11.52 ? 48  LEU B CD1 1 
ATOM   759  C  CD2 . LEU B 1 35 ? -17.200 -13.121 10.151  1.00 16.32 ? 48  LEU B CD2 1 
ATOM   760  N  N   . GLY B 1 36 ? -13.929 -12.966 5.894   1.00 16.41 ? 49  GLY B N   1 
ATOM   761  C  CA  . GLY B 1 36 ? -13.538 -12.542 4.561   1.00 16.19 ? 49  GLY B CA  1 
ATOM   762  C  C   . GLY B 1 36 ? -12.053 -12.638 4.352   1.00 15.52 ? 49  GLY B C   1 
ATOM   763  O  O   . GLY B 1 36 ? -11.351 -13.202 5.208   1.00 13.92 ? 49  GLY B O   1 
ATOM   764  N  N   . VAL B 1 37 ? -11.622 -12.102 3.192   1.00 15.68 ? 50  VAL B N   1 
ATOM   765  C  CA  . VAL B 1 37 ? -10.224 -12.081 2.755   1.00 15.04 ? 50  VAL B CA  1 
ATOM   766  C  C   . VAL B 1 37 ? -9.754  -10.625 2.422   1.00 15.08 ? 50  VAL B C   1 
ATOM   767  O  O   . VAL B 1 37 ? -10.569 -9.719  2.099   1.00 13.91 ? 50  VAL B O   1 
ATOM   768  C  CB  . VAL B 1 37 ? -10.032 -13.096 1.563   1.00 14.56 ? 50  VAL B CB  1 
ATOM   769  C  CG1 . VAL B 1 37 ? -10.525 -14.435 2.022   1.00 13.07 ? 50  VAL B CG1 1 
ATOM   770  C  CG2 . VAL B 1 37 ? -10.709 -12.606 0.230   1.00 13.13 ? 50  VAL B CG2 1 
ATOM   771  N  N   . VAL B 1 38 ? -8.445  -10.411 2.533   1.00 14.95 ? 51  VAL B N   1 
ATOM   772  C  CA  . VAL B 1 38 ? -7.837  -9.107  2.276   1.00 15.48 ? 51  VAL B CA  1 
ATOM   773  C  C   . VAL B 1 38 ? -6.485  -9.346  1.585   1.00 15.36 ? 51  VAL B C   1 
ATOM   774  O  O   . VAL B 1 38 ? -5.755  -10.297 1.882   1.00 16.28 ? 51  VAL B O   1 
ATOM   775  C  CB  . VAL B 1 38 ? -7.801  -8.221  3.537   1.00 16.17 ? 51  VAL B CB  1 
ATOM   776  C  CG1 . VAL B 1 38 ? -6.883  -8.759  4.596   1.00 18.37 ? 51  VAL B CG1 1 
ATOM   777  C  CG2 . VAL B 1 38 ? -7.376  -6.771  3.221   1.00 16.88 ? 51  VAL B CG2 1 
ATOM   778  N  N   . THR B 1 39 ? -6.220  -8.579  0.545   1.00 14.10 ? 52  THR B N   1 
ATOM   779  C  CA  . THR B 1 39 ? -5.006  -8.688  -0.181  1.00 13.29 ? 52  THR B CA  1 
ATOM   780  C  C   . THR B 1 39 ? -4.205  -7.376  -0.041  1.00 13.03 ? 52  THR B C   1 
ATOM   781  O  O   . THR B 1 39 ? -4.722  -6.342  0.402   1.00 11.25 ? 52  THR B O   1 
ATOM   782  C  CB  . THR B 1 39 ? -5.283  -8.878  -1.669  1.00 13.86 ? 52  THR B CB  1 
ATOM   783  O  OG1 . THR B 1 39 ? -5.941  -7.695  -2.159  1.00 12.89 ? 52  THR B OG1 1 
ATOM   784  C  CG2 . THR B 1 39 ? -6.178  -10.156 -1.911  1.00 10.76 ? 52  THR B CG2 1 
ATOM   785  N  N   . GLU B 1 40 ? -2.991  -7.399  -0.537  1.00 12.43 ? 53  GLU B N   1 
ATOM   786  C  CA  . GLU B 1 40 ? -2.171  -6.145  -0.584  1.00 12.99 ? 53  GLU B CA  1 
ATOM   787  C  C   . GLU B 1 40 ? -2.801  -5.149  -1.576  1.00 11.68 ? 53  GLU B C   1 
ATOM   788  O  O   . GLU B 1 40 ? -2.657  -3.974  -1.432  1.00 13.01 ? 53  GLU B O   1 
ATOM   789  C  CB  . GLU B 1 40 ? -0.688  -6.475  -0.935  1.00 11.83 ? 53  GLU B CB  1 
ATOM   790  C  CG  . GLU B 1 40 ? 0.046   -7.122  0.244   1.00 12.78 ? 53  GLU B CG  1 
ATOM   791  C  CD  . GLU B 1 40 ? 1.545   -7.316  0.048   1.00 15.32 ? 53  GLU B CD  1 
ATOM   792  O  OE1 . GLU B 1 40 ? 1.934   -7.584  -1.086  1.00 16.81 ? 53  GLU B OE1 1 
ATOM   793  O  OE2 . GLU B 1 40 ? 2.316   -7.170  1.029   1.00 16.79 ? 53  GLU B OE2 1 
ATOM   794  N  N   . ARG B 1 41 ? -3.505  -5.629  -2.600  1.00 13.74 ? 54  ARG B N   1 
ATOM   795  C  CA  . ARG B 1 41 ? -4.257  -4.749  -3.485  1.00 13.28 ? 54  ARG B CA  1 
ATOM   796  C  C   . ARG B 1 41 ? -5.324  -3.939  -2.695  1.00 13.29 ? 54  ARG B C   1 
ATOM   797  O  O   . ARG B 1 41 ? -5.473  -2.747  -2.926  1.00 13.87 ? 54  ARG B O   1 
ATOM   798  C  CB  . ARG B 1 41 ? -4.805  -5.555  -4.665  1.00 14.90 ? 54  ARG B CB  1 
ATOM   799  C  CG  . ARG B 1 41 ? -3.819  -5.675  -5.797  1.00 13.08 ? 54  ARG B CG  1 
ATOM   800  C  CD  . ARG B 1 41 ? -4.088  -4.727  -6.931  1.00 14.31 ? 54  ARG B CD  1 
ATOM   801  N  NE  . ARG B 1 41 ? -3.766  -3.363  -6.607  1.00 14.14 ? 54  ARG B NE  1 
ATOM   802  C  CZ  . ARG B 1 41 ? -2.565  -2.791  -6.698  1.00 13.66 ? 54  ARG B CZ  1 
ATOM   803  N  NH1 . ARG B 1 41 ? -1.458  -3.448  -7.078  1.00 13.50 ? 54  ARG B NH1 1 
ATOM   804  N  NH2 . ARG B 1 41 ? -2.468  -1.531  -6.361  1.00 13.52 ? 54  ARG B NH2 1 
ATOM   805  N  N   . ASP B 1 42 ? -6.062  -4.600  -1.805  1.00 11.65 ? 55  ASP B N   1 
ATOM   806  C  CA  . ASP B 1 42 ? -7.106  -3.949  -0.985  1.00 12.74 ? 55  ASP B CA  1 
ATOM   807  C  C   . ASP B 1 42 ? -6.437  -2.843  -0.167  1.00 11.41 ? 55  ASP B C   1 
ATOM   808  O  O   . ASP B 1 42 ? -7.023  -1.748  -0.025  1.00 13.69 ? 55  ASP B O   1 
ATOM   809  C  CB  . ASP B 1 42 ? -7.722  -4.936  0.000   1.00 12.81 ? 55  ASP B CB  1 
ATOM   810  C  CG  . ASP B 1 42 ? -8.606  -5.983  -0.686  1.00 14.93 ? 55  ASP B CG  1 
ATOM   811  O  OD1 . ASP B 1 42 ? -9.392  -5.520  -1.526  1.00 19.58 ? 55  ASP B OD1 1 
ATOM   812  O  OD2 . ASP B 1 42 ? -8.541  -7.207  -0.374  1.00 17.46 ? 55  ASP B OD2 1 
ATOM   813  N  N   . ILE B 1 43 ? -5.280  -3.156  0.416   1.00 10.64 ? 56  ILE B N   1 
ATOM   814  C  CA  . ILE B 1 43 ? -4.548  -2.177  1.260   1.00 11.56 ? 56  ILE B CA  1 
ATOM   815  C  C   . ILE B 1 43 ? -4.195  -0.868  0.480   1.00 11.53 ? 56  ILE B C   1 
ATOM   816  O  O   . ILE B 1 43 ? -4.539  0.268   0.867   1.00 13.19 ? 56  ILE B O   1 
ATOM   817  C  CB  . ILE B 1 43 ? -3.301  -2.841  1.916   1.00 12.00 ? 56  ILE B CB  1 
ATOM   818  C  CG1 . ILE B 1 43 ? -3.718  -3.882  2.946   1.00 12.55 ? 56  ILE B CG1 1 
ATOM   819  C  CG2 . ILE B 1 43 ? -2.407  -1.823  2.495   1.00 11.93 ? 56  ILE B CG2 1 
ATOM   820  C  CD1 . ILE B 1 43 ? -2.521  -4.497  3.714   1.00 15.70 ? 56  ILE B CD1 1 
ATOM   821  N  N   . LEU B 1 44 ? -3.530  -1.023  -0.631  1.00 13.28 ? 57  LEU B N   1 
ATOM   822  C  CA  . LEU B 1 44 ? -3.210  0.079   -1.513  1.00 13.13 ? 57  LEU B CA  1 
ATOM   823  C  C   . LEU B 1 44 ? -4.442  0.791   -2.087  1.00 12.89 ? 57  LEU B C   1 
ATOM   824  O  O   . LEU B 1 44 ? -4.456  2.001   -2.155  1.00 10.96 ? 57  LEU B O   1 
ATOM   825  C  CB  . LEU B 1 44 ? -2.384  -0.467  -2.671  1.00 13.85 ? 57  LEU B CB  1 
ATOM   826  C  CG  . LEU B 1 44 ? -0.993  -0.973  -2.290  1.00 13.53 ? 57  LEU B CG  1 
ATOM   827  C  CD1 . LEU B 1 44 ? -0.435  -1.857  -3.393  1.00 9.23  ? 57  LEU B CD1 1 
ATOM   828  C  CD2 . LEU B 1 44 ? -0.058  0.132   -2.148  1.00 11.61 ? 57  LEU B CD2 1 
ATOM   829  N  N   . ASP B 1 45 ? -5.413  0.026   -2.596  1.00 13.22 ? 58  ASP B N   1 
ATOM   830  C  CA  . ASP B 1 45 ? -6.530  0.625   -3.334  1.00 14.26 ? 58  ASP B CA  1 
ATOM   831  C  C   . ASP B 1 45 ? -7.607  1.241   -2.440  1.00 14.51 ? 58  ASP B C   1 
ATOM   832  O  O   . ASP B 1 45 ? -8.101  2.319   -2.758  1.00 14.71 ? 58  ASP B O   1 
ATOM   833  C  CB  . ASP B 1 45 ? -7.125  -0.359  -4.349  1.00 14.93 ? 58  ASP B CB  1 
ATOM   834  C  CG  . ASP B 1 45 ? -6.116  -0.808  -5.447  1.00 17.21 ? 58  ASP B CG  1 
ATOM   835  O  OD1 . ASP B 1 45 ? -5.104  -0.107  -5.718  1.00 19.83 ? 58  ASP B OD1 1 
ATOM   836  O  OD2 . ASP B 1 45 ? -6.313  -1.916  -6.024  1.00 18.37 ? 58  ASP B OD2 1 
ATOM   837  N  N   . LYS B 1 46 ? -7.907  0.601   -1.319  1.00 15.13 ? 59  LYS B N   1 
ATOM   838  C  CA  . LYS B 1 46 ? -8.941  1.055   -0.389  1.00 15.60 ? 59  LYS B CA  1 
ATOM   839  C  C   . LYS B 1 46 ? -8.466  1.949   0.764   1.00 15.58 ? 59  LYS B C   1 
ATOM   840  O  O   . LYS B 1 46 ? -9.274  2.607   1.415   1.00 14.96 ? 59  LYS B O   1 
ATOM   841  C  CB  . LYS B 1 46 ? -9.692  -0.181  0.129   1.00 15.92 ? 59  LYS B CB  1 
ATOM   842  C  CG  . LYS B 1 46 ? -10.239 -1.093  -0.967  1.00 16.32 ? 59  LYS B CG  1 
ATOM   843  C  CD  . LYS B 1 46 ? -10.976 -2.261  -0.335  1.00 19.28 ? 59  LYS B CD  1 
ATOM   844  C  CE  . LYS B 1 46 ? -11.660 -3.163  -1.355  1.00 20.48 ? 59  LYS B CE  1 
ATOM   845  N  NZ  . LYS B 1 46 ? -12.343 -4.330  -0.680  1.00 20.56 ? 59  LYS B NZ  1 
ATOM   846  N  N   . VAL B 1 47 ? -7.177  1.936   1.076   1.00 14.99 ? 60  VAL B N   1 
ATOM   847  C  CA  . VAL B 1 47 ? -6.677  2.708   2.183   1.00 15.61 ? 60  VAL B CA  1 
ATOM   848  C  C   . VAL B 1 47 ? -5.724  3.767   1.681   1.00 14.23 ? 60  VAL B C   1 
ATOM   849  O  O   . VAL B 1 47 ? -6.074  4.950   1.673   1.00 14.35 ? 60  VAL B O   1 
ATOM   850  C  CB  . VAL B 1 47 ? -6.119  1.785   3.266   1.00 16.18 ? 60  VAL B CB  1 
ATOM   851  C  CG1 . VAL B 1 47 ? -5.546  2.574   4.451   1.00 14.37 ? 60  VAL B CG1 1 
ATOM   852  C  CG2 . VAL B 1 47 ? -7.222  0.834   3.716   1.00 14.93 ? 60  VAL B CG2 1 
ATOM   853  N  N   . VAL B 1 48 ? -4.538  3.344   1.237   1.00 12.73 ? 61  VAL B N   1 
ATOM   854  C  CA  . VAL B 1 48 ? -3.503  4.280   0.766   1.00 11.42 ? 61  VAL B CA  1 
ATOM   855  C  C   . VAL B 1 48 ? -3.984  5.255   -0.333  1.00 11.24 ? 61  VAL B C   1 
ATOM   856  O  O   . VAL B 1 48 ? -3.888  6.502   -0.154  1.00 7.44  ? 61  VAL B O   1 
ATOM   857  C  CB  . VAL B 1 48 ? -2.163  3.630   0.346   1.00 10.83 ? 61  VAL B CB  1 
ATOM   858  C  CG1 . VAL B 1 48 ? -1.115  4.778   0.169   1.00 12.21 ? 61  VAL B CG1 1 
ATOM   859  C  CG2 . VAL B 1 48 ? -1.684  2.553   1.356   1.00 7.83  ? 61  VAL B CG2 1 
ATOM   860  N  N   . ALA B 1 49 ? -4.533  4.725   -1.439  1.00 9.90  ? 62  ALA B N   1 
ATOM   861  C  CA  . ALA B 1 49 ? -4.907  5.565   -2.559  1.00 11.15 ? 62  ALA B CA  1 
ATOM   862  C  C   . ALA B 1 49 ? -6.101  6.414   -2.184  1.00 10.57 ? 62  ALA B C   1 
ATOM   863  O  O   . ALA B 1 49 ? -6.399  7.402   -2.876  1.00 12.06 ? 62  ALA B O   1 
ATOM   864  C  CB  . ALA B 1 49 ? -5.270  4.779   -3.752  1.00 9.58  ? 62  ALA B CB  1 
ATOM   865  N  N   . LYS B 1 50 ? -6.797  5.982   -1.149  1.00 11.33 ? 63  LYS B N   1 
ATOM   866  C  CA  . LYS B 1 50 ? -8.016  6.645   -0.753  1.00 13.92 ? 63  LYS B CA  1 
ATOM   867  C  C   . LYS B 1 50 ? -7.718  7.726   0.228   1.00 14.85 ? 63  LYS B C   1 
ATOM   868  O  O   . LYS B 1 50 ? -8.658  8.339   0.703   1.00 16.50 ? 63  LYS B O   1 
ATOM   869  C  CB  . LYS B 1 50 ? -8.994  5.683   -0.102  1.00 14.09 ? 63  LYS B CB  1 
ATOM   870  C  CG  . LYS B 1 50 ? -9.694  4.773   -1.071  1.00 18.40 ? 63  LYS B CG  1 
ATOM   871  C  CD  . LYS B 1 50 ? -10.406 5.476   -2.178  1.00 22.05 ? 63  LYS B CD  1 
ATOM   872  C  CE  . LYS B 1 50 ? -11.544 4.617   -2.682  1.00 25.16 ? 63  LYS B CE  1 
ATOM   873  N  NZ  . LYS B 1 50 ? -12.292 5.310   -3.796  1.00 28.35 ? 63  LYS B NZ  1 
ATOM   874  N  N   . GLY B 1 51 ? -6.451  7.932   0.605   1.00 15.50 ? 64  GLY B N   1 
ATOM   875  C  CA  . GLY B 1 51 ? -6.147  8.990   1.591   1.00 15.16 ? 64  GLY B CA  1 
ATOM   876  C  C   . GLY B 1 51 ? -6.372  8.699   3.074   1.00 15.77 ? 64  GLY B C   1 
ATOM   877  O  O   . GLY B 1 51 ? -6.334  9.635   3.923   1.00 14.64 ? 64  GLY B O   1 
ATOM   878  N  N   . LYS B 1 52 ? -6.599  7.436   3.407   1.00 15.42 ? 65  LYS B N   1 
ATOM   879  C  CA  . LYS B 1 52 ? -6.900  6.998   4.784   1.00 15.83 ? 65  LYS B CA  1 
ATOM   880  C  C   . LYS B 1 52 ? -5.599  6.611   5.481   1.00 16.27 ? 65  LYS B C   1 
ATOM   881  O  O   . LYS B 1 52 ? -4.611  6.217   4.834   1.00 13.78 ? 65  LYS B O   1 
ATOM   882  C  CB  . LYS B 1 52 ? -7.819  5.757   4.729   1.00 15.65 ? 65  LYS B CB  1 
ATOM   883  C  CG  . LYS B 1 52 ? -9.247  5.980   4.175   1.00 16.58 ? 65  LYS B CG  1 
ATOM   884  C  CD  . LYS B 1 52 ? -10.011 4.626   4.170   1.00 20.65 ? 65  LYS B CD  1 
ATOM   885  C  CE  . LYS B 1 52 ? -11.346 4.617   3.436   1.00 20.88 ? 65  LYS B CE  1 
ATOM   886  N  NZ  . LYS B 1 52 ? -12.471 5.185   4.238   1.00 22.76 ? 65  LYS B NZ  1 
ATOM   887  N  N   . ASN B 1 53 ? -5.587  6.724   6.801   1.00 16.07 ? 66  ASN B N   1 
ATOM   888  C  CA  . ASN B 1 53 ? -4.413  6.414   7.586   1.00 16.65 ? 66  ASN B CA  1 
ATOM   889  C  C   . ASN B 1 53 ? -4.528  4.976   8.107   1.00 16.72 ? 66  ASN B C   1 
ATOM   890  O  O   . ASN B 1 53 ? -5.431  4.667   8.875   1.00 15.95 ? 66  ASN B O   1 
ATOM   891  C  CB  . ASN B 1 53 ? -4.249  7.463   8.700   1.00 17.17 ? 66  ASN B CB  1 
ATOM   892  C  CG  . ASN B 1 53 ? -3.064  7.215   9.579   1.00 19.61 ? 66  ASN B CG  1 
ATOM   893  O  OD1 . ASN B 1 53 ? -2.183  6.407   9.272   1.00 23.51 ? 66  ASN B OD1 1 
ATOM   894  N  ND2 . ASN B 1 53 ? -3.032  7.924   10.701  1.00 17.79 ? 66  ASN B ND2 1 
ATOM   895  N  N   . PRO B 1 54 ? -3.628  4.065   7.645   1.00 17.16 ? 67  PRO B N   1 
ATOM   896  C  CA  . PRO B 1 54 ? -3.805  2.627   7.930   1.00 17.17 ? 67  PRO B CA  1 
ATOM   897  C  C   . PRO B 1 54 ? -4.002  2.213   9.371   1.00 17.42 ? 67  PRO B C   1 
ATOM   898  O  O   . PRO B 1 54 ? -4.691  1.222   9.610   1.00 17.49 ? 67  PRO B O   1 
ATOM   899  C  CB  . PRO B 1 54 ? -2.504  2.000   7.386   1.00 17.29 ? 67  PRO B CB  1 
ATOM   900  C  CG  . PRO B 1 54 ? -2.110  2.912   6.274   1.00 18.44 ? 67  PRO B CG  1 
ATOM   901  C  CD  . PRO B 1 54 ? -2.445  4.293   6.785   1.00 17.22 ? 67  PRO B CD  1 
ATOM   902  N  N   . LYS B 1 55 ? -3.401  2.967   10.307  1.00 18.26 ? 68  LYS B N   1 
ATOM   903  C  CA  . LYS B 1 55 ? -3.514  2.720   11.752  1.00 17.89 ? 68  LYS B CA  1 
ATOM   904  C  C   . LYS B 1 55 ? -4.922  3.051   12.278  1.00 17.88 ? 68  LYS B C   1 
ATOM   905  O  O   . LYS B 1 55 ? -5.336  2.468   13.272  1.00 17.01 ? 68  LYS B O   1 
ATOM   906  C  CB  . LYS B 1 55 ? -2.416  3.464   12.557  1.00 18.19 ? 68  LYS B CB  1 
ATOM   907  C  CG  . LYS B 1 55 ? -2.766  4.879   12.989  1.00 18.38 ? 68  LYS B CG  1 
ATOM   908  C  CD  . LYS B 1 55 ? -1.651  5.567   13.871  1.00 20.98 ? 68  LYS B CD  1 
ATOM   909  C  CE  . LYS B 1 55 ? -0.703  4.564   14.562  1.00 20.52 ? 68  LYS B CE  1 
ATOM   910  N  NZ  . LYS B 1 55 ? 0.245   3.927   13.583  1.00 24.18 ? 68  LYS B NZ  1 
ATOM   911  N  N   . GLU B 1 56 ? -5.650  3.930   11.578  1.00 17.13 ? 69  GLU B N   1 
ATOM   912  C  CA  . GLU B 1 56 ? -7.045  4.233   11.882  1.00 17.26 ? 69  GLU B CA  1 
ATOM   913  C  C   . GLU B 1 56 ? -8.086  3.381   11.142  1.00 16.64 ? 69  GLU B C   1 
ATOM   914  O  O   . GLU B 1 56 ? -9.275  3.685   11.251  1.00 16.11 ? 69  GLU B O   1 
ATOM   915  C  CB  . GLU B 1 56 ? -7.340  5.709   11.598  1.00 17.46 ? 69  GLU B CB  1 
ATOM   916  C  CG  . GLU B 1 56 ? -6.428  6.624   12.365  1.00 18.80 ? 69  GLU B CG  1 
ATOM   917  C  CD  . GLU B 1 56 ? -6.692  8.105   12.100  1.00 24.50 ? 69  GLU B CD  1 
ATOM   918  O  OE1 . GLU B 1 56 ? -7.878  8.470   11.878  1.00 25.73 ? 69  GLU B OE1 1 
ATOM   919  O  OE2 . GLU B 1 56 ? -5.709  8.906   12.150  1.00 25.90 ? 69  GLU B OE2 1 
ATOM   920  N  N   . VAL B 1 57 ? -7.657  2.352   10.408  1.00 15.76 ? 70  VAL B N   1 
ATOM   921  C  CA  . VAL B 1 57 ? -8.579  1.454   9.660   1.00 15.77 ? 70  VAL B CA  1 
ATOM   922  C  C   . VAL B 1 57 ? -8.417  0.034   10.174  1.00 14.97 ? 70  VAL B C   1 
ATOM   923  O  O   . VAL B 1 57 ? -7.298  -0.433  10.283  1.00 16.23 ? 70  VAL B O   1 
ATOM   924  C  CB  . VAL B 1 57 ? -8.338  1.499   8.124   1.00 14.98 ? 70  VAL B CB  1 
ATOM   925  C  CG1 . VAL B 1 57 ? -9.240  0.450   7.320   1.00 17.03 ? 70  VAL B CG1 1 
ATOM   926  C  CG2 . VAL B 1 57 ? -8.536  2.928   7.563   1.00 13.82 ? 70  VAL B CG2 1 
ATOM   927  N  N   . LYS B 1 58 ? -9.524  -0.605  10.552  1.00 13.77 ? 71  LYS B N   1 
ATOM   928  C  CA  . LYS B 1 58 ? -9.542  -1.985  11.006  1.00 14.45 ? 71  LYS B CA  1 
ATOM   929  C  C   . LYS B 1 58 ? -9.708  -2.812  9.733   1.00 15.12 ? 71  LYS B C   1 
ATOM   930  O  O   . LYS B 1 58 ? -10.365 -2.362  8.817   1.00 15.82 ? 71  LYS B O   1 
ATOM   931  C  CB  . LYS B 1 58 ? -10.696 -2.255  11.980  1.00 13.75 ? 71  LYS B CB  1 
ATOM   932  C  CG  . LYS B 1 58 ? -10.576 -1.457  13.302  1.00 15.05 ? 71  LYS B CG  1 
ATOM   933  C  CD  . LYS B 1 58 ? -11.741 -1.759  14.193  1.00 11.74 ? 71  LYS B CD  1 
ATOM   934  N  N   . VAL B 1 59 ? -9.055  -3.975  9.667   1.00 15.97 ? 72  VAL B N   1 
ATOM   935  C  CA  . VAL B 1 59 ? -9.022  -4.779  8.446   1.00 16.31 ? 72  VAL B CA  1 
ATOM   936  C  C   . VAL B 1 59 ? -10.415 -5.265  7.994   1.00 16.96 ? 72  VAL B C   1 
ATOM   937  O  O   . VAL B 1 59 ? -10.665 -5.484  6.782   1.00 15.29 ? 72  VAL B O   1 
ATOM   938  C  CB  . VAL B 1 59 ? -7.984  -5.961  8.592   1.00 16.37 ? 72  VAL B CB  1 
ATOM   939  C  CG1 . VAL B 1 59 ? -8.470  -7.069  9.547   1.00 13.68 ? 72  VAL B CG1 1 
ATOM   940  C  CG2 . VAL B 1 59 ? -7.656  -6.557  7.213   1.00 19.88 ? 72  VAL B CG2 1 
ATOM   941  N  N   . GLU B 1 60 ? -11.331 -5.464  8.933   1.00 17.51 ? 73  GLU B N   1 
ATOM   942  C  CA  . GLU B 1 60 ? -12.734 -5.774  8.598   1.00 18.77 ? 73  GLU B CA  1 
ATOM   943  C  C   . GLU B 1 60 ? -13.396 -4.787  7.638   1.00 19.19 ? 73  GLU B C   1 
ATOM   944  O  O   . GLU B 1 60 ? -14.276 -5.176  6.845   1.00 19.63 ? 73  GLU B O   1 
ATOM   945  C  CB  . GLU B 1 60 ? -13.594 -5.826  9.891   1.00 18.15 ? 73  GLU B CB  1 
ATOM   946  C  CG  . GLU B 1 60 ? -13.736 -4.468  10.627  1.00 20.50 ? 73  GLU B CG  1 
ATOM   947  C  CD  . GLU B 1 60 ? -14.416 -4.618  11.987  1.00 21.63 ? 73  GLU B CD  1 
ATOM   948  O  OE1 . GLU B 1 60 ? -14.771 -5.759  12.347  1.00 21.86 ? 73  GLU B OE1 1 
ATOM   949  O  OE2 . GLU B 1 60 ? -14.606 -3.606  12.693  1.00 23.16 ? 73  GLU B OE2 1 
ATOM   950  N  N   . GLU B 1 61 ? -12.984 -3.517  7.740   1.00 19.38 ? 74  GLU B N   1 
ATOM   951  C  CA  . GLU B 1 61 ? -13.521 -2.446  6.909   1.00 19.63 ? 74  GLU B CA  1 
ATOM   952  C  C   . GLU B 1 61 ? -13.123 -2.507  5.441   1.00 18.56 ? 74  GLU B C   1 
ATOM   953  O  O   . GLU B 1 61 ? -13.757 -1.832  4.637   1.00 18.65 ? 74  GLU B O   1 
ATOM   954  C  CB  . GLU B 1 61 ? -13.083 -1.072  7.428   1.00 19.36 ? 74  GLU B CB  1 
ATOM   955  C  CG  . GLU B 1 61 ? -13.506 -0.728  8.867   1.00 22.15 ? 74  GLU B CG  1 
ATOM   956  C  CD  . GLU B 1 61 ? -12.796 0.498   9.430   1.00 24.02 ? 74  GLU B CD  1 
ATOM   957  O  OE1 . GLU B 1 61 ? -12.590 1.472   8.668   1.00 29.38 ? 74  GLU B OE1 1 
ATOM   958  O  OE2 . GLU B 1 61 ? -12.466 0.503   10.651  1.00 24.49 ? 74  GLU B OE2 1 
ATOM   959  N  N   . ILE B 1 62 ? -12.048 -3.237  5.079   1.00 18.22 ? 75  ILE B N   1 
ATOM   960  C  CA  . ILE B 1 62 ? -11.584 -3.270  3.702   1.00 18.24 ? 75  ILE B CA  1 
ATOM   961  C  C   . ILE B 1 62 ? -11.568 -4.698  3.105   1.00 18.00 ? 75  ILE B C   1 
ATOM   962  O  O   . ILE B 1 62 ? -11.319 -4.885  1.914   1.00 19.89 ? 75  ILE B O   1 
ATOM   963  C  CB  . ILE B 1 62 ? -10.171 -2.660  3.544   1.00 18.05 ? 75  ILE B CB  1 
ATOM   964  C  CG1 . ILE B 1 62 ? -9.082  -3.513  4.237   1.00 16.88 ? 75  ILE B CG1 1 
ATOM   965  C  CG2 . ILE B 1 62 ? -10.117 -1.222  4.069   1.00 19.16 ? 75  ILE B CG2 1 
ATOM   966  C  CD1 . ILE B 1 62 ? -7.701  -3.224  3.686   1.00 18.48 ? 75  ILE B CD1 1 
HETATM 967  N  N   . MSE B 1 63 ? -11.886 -5.720  3.902   1.00 17.07 ? 76  MSE B N   1 
HETATM 968  C  CA  . MSE B 1 63 ? -11.958 -7.095  3.331   1.00 17.00 ? 76  MSE B CA  1 
HETATM 969  C  C   . MSE B 1 63 ? -13.072 -7.275  2.294   1.00 16.48 ? 76  MSE B C   1 
HETATM 970  O  O   . MSE B 1 63 ? -14.058 -6.545  2.294   1.00 18.03 ? 76  MSE B O   1 
HETATM 971  C  CB  . MSE B 1 63 ? -12.176 -8.145  4.427   1.00 16.29 ? 76  MSE B CB  1 
HETATM 972  C  CG  . MSE B 1 63 ? -13.413 -7.894  5.273   1.00 19.00 ? 76  MSE B CG  1 
HETATM 973  SE SE  . MSE B 1 63 ? -13.541 -9.202  6.737   1.00 26.30 ? 76  MSE B SE  1 
HETATM 974  C  CE  . MSE B 1 63 ? -15.230 -8.527  7.619   1.00 22.17 ? 76  MSE B CE  1 
ATOM   975  N  N   . THR B 1 64 ? -12.903 -8.284  1.446   1.00 14.65 ? 77  THR B N   1 
ATOM   976  C  CA  . THR B 1 64 ? -14.007 -8.835  0.646   1.00 15.02 ? 77  THR B CA  1 
ATOM   977  C  C   . THR B 1 64 ? -14.814 -9.721  1.553   1.00 14.98 ? 77  THR B C   1 
ATOM   978  O  O   . THR B 1 64 ? -14.320 -10.712 2.091   1.00 15.13 ? 77  THR B O   1 
ATOM   979  C  CB  . THR B 1 64 ? -13.505 -9.566  -0.537  1.00 15.45 ? 77  THR B CB  1 
ATOM   980  O  OG1 . THR B 1 64 ? -12.795 -8.633  -1.328  1.00 16.66 ? 77  THR B OG1 1 
ATOM   981  C  CG2 . THR B 1 64 ? -14.636 -10.205 -1.357  1.00 16.72 ? 77  THR B CG2 1 
ATOM   982  N  N   . LYS B 1 65 ? -16.010 -9.279  1.851   1.00 15.63 ? 78  LYS B N   1 
ATOM   983  C  CA  . LYS B 1 65 ? -16.927 -10.078 2.674   1.00 17.85 ? 78  LYS B CA  1 
ATOM   984  C  C   . LYS B 1 65 ? -18.214 -10.561 1.958   1.00 18.24 ? 78  LYS B C   1 
ATOM   985  O  O   . LYS B 1 65 ? -18.662 -11.672 2.183   1.00 19.82 ? 78  LYS B O   1 
ATOM   986  C  CB  . LYS B 1 65 ? -17.159 -9.402  4.035   1.00 19.17 ? 78  LYS B CB  1 
ATOM   987  C  CG  . LYS B 1 65 ? -18.089 -8.280  4.161   1.00 22.82 ? 78  LYS B CG  1 
ATOM   988  C  CD  . LYS B 1 65 ? -18.837 -8.432  5.487   1.00 24.87 ? 78  LYS B CD  1 
ATOM   989  N  N   . ASN B 1 66 ? -18.779 -9.732  1.087   1.00 18.46 ? 79  ASN B N   1 
ATOM   990  C  CA  . ASN B 1 66 ? -20.056 -9.981  0.482   1.00 17.86 ? 79  ASN B CA  1 
ATOM   991  C  C   . ASN B 1 66 ? -19.940 -10.480 -0.958  1.00 16.04 ? 79  ASN B C   1 
ATOM   992  O  O   . ASN B 1 66 ? -19.026 -10.076 -1.664  1.00 14.44 ? 79  ASN B O   1 
ATOM   993  C  CB  . ASN B 1 66 ? -20.888 -8.700  0.414   1.00 18.33 ? 79  ASN B CB  1 
ATOM   994  C  CG  . ASN B 1 66 ? -21.141 -8.067  1.778   1.00 20.63 ? 79  ASN B CG  1 
ATOM   995  O  OD1 . ASN B 1 66 ? -21.098 -6.840  1.901   1.00 26.39 ? 79  ASN B OD1 1 
ATOM   996  N  ND2 . ASN B 1 66 ? -21.416 -8.879  2.789   1.00 19.07 ? 79  ASN B ND2 1 
ATOM   997  N  N   . PRO B 1 67 ? -20.937 -11.255 -1.424  1.00 16.96 ? 80  PRO B N   1 
ATOM   998  C  CA  . PRO B 1 67 ? -21.006 -11.501 -2.867  1.00 17.62 ? 80  PRO B CA  1 
ATOM   999  C  C   . PRO B 1 67 ? -21.056 -10.239 -3.733  1.00 18.46 ? 80  PRO B C   1 
ATOM   1000 O  O   . PRO B 1 67 ? -21.589 -9.174  -3.306  1.00 18.00 ? 80  PRO B O   1 
ATOM   1001 C  CB  . PRO B 1 67 ? -22.324 -12.283 -3.034  1.00 17.38 ? 80  PRO B CB  1 
ATOM   1002 C  CG  . PRO B 1 67 ? -22.545 -12.894 -1.742  1.00 18.96 ? 80  PRO B CG  1 
ATOM   1003 C  CD  . PRO B 1 67 ? -22.027 -11.934 -0.710  1.00 17.00 ? 80  PRO B CD  1 
ATOM   1004 N  N   . VAL B 1 68 ? -20.597 -10.373 -4.985  1.00 19.36 ? 81  VAL B N   1 
ATOM   1005 C  CA  . VAL B 1 68 ? -20.893 -9.338  -5.991  1.00 20.06 ? 81  VAL B CA  1 
ATOM   1006 C  C   . VAL B 1 68 ? -22.431 -9.087  -6.080  1.00 21.18 ? 81  VAL B C   1 
ATOM   1007 O  O   . VAL B 1 68 ? -23.234 -9.995  -5.904  1.00 20.60 ? 81  VAL B O   1 
ATOM   1008 C  CB  . VAL B 1 68 ? -20.283 -9.613  -7.379  1.00 20.57 ? 81  VAL B CB  1 
ATOM   1009 C  CG1 . VAL B 1 68 ? -18.756 -9.784  -7.296  1.00 17.88 ? 81  VAL B CG1 1 
ATOM   1010 C  CG2 . VAL B 1 68 ? -20.908 -10.791 -8.009  1.00 22.67 ? 81  VAL B CG2 1 
ATOM   1011 N  N   . LYS B 1 69 ? -22.793 -7.865  -6.430  1.00 23.70 ? 82  LYS B N   1 
ATOM   1012 C  CA  . LYS B 1 69 ? -24.130 -7.281  -6.170  1.00 26.51 ? 82  LYS B CA  1 
ATOM   1013 C  C   . LYS B 1 69 ? -24.240 -6.036  -7.052  1.00 27.87 ? 82  LYS B C   1 
ATOM   1014 O  O   . LYS B 1 69 ? -23.329 -5.210  -7.009  1.00 28.17 ? 82  LYS B O   1 
ATOM   1015 C  CB  . LYS B 1 69 ? -24.135 -6.827  -4.692  1.00 27.52 ? 82  LYS B CB  1 
ATOM   1016 C  CG  . LYS B 1 69 ? -25.441 -6.912  -3.913  1.00 29.68 ? 82  LYS B CG  1 
ATOM   1017 C  CD  . LYS B 1 69 ? -25.273 -6.391  -2.440  1.00 32.49 ? 82  LYS B CD  1 
ATOM   1018 C  CE  . LYS B 1 69 ? -23.954 -6.818  -1.703  1.00 32.57 ? 82  LYS B CE  1 
ATOM   1019 N  NZ  . LYS B 1 69 ? -23.690 -8.319  -1.518  1.00 27.36 ? 82  LYS B NZ  1 
ATOM   1020 N  N   . ILE B 1 70 ? -25.314 -5.867  -7.827  1.00 29.87 ? 83  ILE B N   1 
ATOM   1021 C  CA  . ILE B 1 70 ? -25.523 -4.597  -8.591  1.00 31.11 ? 83  ILE B CA  1 
ATOM   1022 C  C   . ILE B 1 70 ? -25.529 -3.360  -7.684  1.00 32.00 ? 83  ILE B C   1 
ATOM   1023 O  O   . ILE B 1 70 ? -26.135 -3.376  -6.604  1.00 33.44 ? 83  ILE B O   1 
ATOM   1024 C  CB  . ILE B 1 70 ? -26.827 -4.561  -9.466  1.00 31.46 ? 83  ILE B CB  1 
ATOM   1025 C  CG1 . ILE B 1 70 ? -28.049 -5.085  -8.682  1.00 32.42 ? 83  ILE B CG1 1 
ATOM   1026 C  CG2 . ILE B 1 70 ? -26.598 -5.313  -10.782 1.00 31.60 ? 83  ILE B CG2 1 
ATOM   1027 C  CD1 . ILE B 1 70 ? -29.398 -4.277  -8.885  1.00 32.49 ? 83  ILE B CD1 1 
HETATM 1028 O  O   . HOH C 2 .  ? -0.925  -0.470  -9.382  1.00 9.57  ? 1   HOH A O   1 
HETATM 1029 O  O   . HOH C 2 .  ? -0.932  1.711   -5.475  1.00 12.49 ? 2   HOH A O   1 
HETATM 1030 O  O   . HOH C 2 .  ? 10.413  -2.676  -4.885  1.00 20.90 ? 3   HOH A O   1 
HETATM 1031 O  O   . HOH C 2 .  ? 4.921   6.548   -18.187 1.00 22.27 ? 4   HOH A O   1 
HETATM 1032 O  O   . HOH C 2 .  ? 11.090  0.088   -10.703 1.00 25.24 ? 6   HOH A O   1 
HETATM 1033 O  O   . HOH C 2 .  ? 0.532   2.902   8.218   1.00 16.83 ? 7   HOH A O   1 
HETATM 1034 O  O   . HOH C 2 .  ? 8.790   -7.117  1.772   1.00 29.80 ? 8   HOH A O   1 
HETATM 1035 O  O   . HOH C 2 .  ? 19.383  -1.238  -10.328 1.00 32.99 ? 9   HOH A O   1 
HETATM 1036 O  O   . HOH C 2 .  ? 7.955   18.355  -6.280  1.00 19.75 ? 10  HOH A O   1 
HETATM 1037 O  O   . HOH C 2 .  ? 3.008   3.799   -18.389 1.00 28.99 ? 11  HOH A O   1 
HETATM 1038 O  O   . HOH C 2 .  ? 2.997   -3.740  -8.397  1.00 20.21 ? 12  HOH A O   1 
HETATM 1039 O  O   . HOH C 2 .  ? 20.473  0.471   -6.701  1.00 27.15 ? 13  HOH A O   1 
HETATM 1040 O  O   . HOH C 2 .  ? 3.616   9.713   9.224   1.00 11.85 ? 84  HOH A O   1 
HETATM 1041 O  O   . HOH C 2 .  ? 0.053   6.416   10.931  1.00 28.36 ? 85  HOH A O   1 
HETATM 1042 O  O   . HOH C 2 .  ? 10.512  -3.795  0.213   1.00 28.45 ? 86  HOH A O   1 
HETATM 1043 O  O   . HOH C 2 .  ? 4.247   -2.520  -12.976 1.00 32.20 ? 87  HOH A O   1 
HETATM 1044 O  O   . HOH C 2 .  ? 20.954  8.065   -16.833 1.00 27.18 ? 88  HOH A O   1 
HETATM 1045 O  O   . HOH C 2 .  ? -2.319  2.215   -18.709 1.00 19.31 ? 89  HOH A O   1 
HETATM 1046 O  O   . HOH C 2 .  ? 6.605   -3.313  -5.973  1.00 16.46 ? 90  HOH A O   1 
HETATM 1047 O  O   . HOH C 2 .  ? 18.378  -0.491  -8.129  0.50 20.43 ? 91  HOH A O   1 
HETATM 1048 O  O   . HOH C 2 .  ? 8.607   -2.893  6.765   1.00 19.15 ? 92  HOH A O   1 
HETATM 1049 O  O   . HOH C 2 .  ? -9.062  1.885   -12.358 1.00 40.17 ? 93  HOH A O   1 
HETATM 1050 O  O   . HOH C 2 .  ? 10.413  18.452  -1.757  1.00 38.34 ? 94  HOH A O   1 
HETATM 1051 O  O   . HOH C 2 .  ? 12.440  1.298   -5.326  1.00 18.63 ? 95  HOH A O   1 
HETATM 1052 O  O   . HOH C 2 .  ? 11.153  -4.367  -2.885  1.00 25.59 ? 96  HOH A O   1 
HETATM 1053 O  O   . HOH C 2 .  ? 24.838  5.082   -11.878 1.00 18.83 ? 97  HOH A O   1 
HETATM 1054 O  O   . HOH C 2 .  ? 21.964  10.249  -15.675 1.00 29.83 ? 98  HOH A O   1 
HETATM 1055 O  O   . HOH C 2 .  ? 10.124  4.407   6.136   1.00 27.49 ? 99  HOH A O   1 
HETATM 1056 O  O   . HOH C 2 .  ? 18.925  10.932  -6.603  1.00 23.78 ? 100 HOH A O   1 
HETATM 1057 O  O   . HOH C 2 .  ? 4.409   -4.117  4.192   1.00 22.20 ? 101 HOH A O   1 
HETATM 1058 O  O   . HOH C 2 .  ? 11.077  19.295  -5.263  1.00 20.24 ? 102 HOH A O   1 
HETATM 1059 O  O   . HOH C 2 .  ? -6.735  1.859   -15.920 1.00 24.51 ? 103 HOH A O   1 
HETATM 1060 O  O   . HOH C 2 .  ? 22.748  -0.731  -8.490  1.00 21.59 ? 104 HOH A O   1 
HETATM 1061 O  O   . HOH C 2 .  ? 18.399  8.037   -16.049 1.00 22.30 ? 105 HOH A O   1 
HETATM 1062 O  O   . HOH C 2 .  ? 9.537   18.562  -10.449 1.00 36.93 ? 106 HOH A O   1 
HETATM 1063 O  O   . HOH C 2 .  ? 3.501   15.759  -12.238 1.00 24.35 ? 107 HOH A O   1 
HETATM 1064 O  O   . HOH C 2 .  ? 27.781  12.968  -16.422 1.00 30.91 ? 108 HOH A O   1 
HETATM 1065 O  O   . HOH C 2 .  ? 0.646   15.200  -3.714  1.00 23.35 ? 109 HOH A O   1 
HETATM 1066 O  O   . HOH C 2 .  ? 18.735  4.884   -2.280  1.00 20.05 ? 110 HOH A O   1 
HETATM 1067 O  O   . HOH C 2 .  ? 3.222   -1.414  12.174  1.00 34.16 ? 111 HOH A O   1 
HETATM 1068 O  O   . HOH C 2 .  ? 6.899   -1.252  -12.231 1.00 20.64 ? 112 HOH A O   1 
HETATM 1069 O  O   . HOH C 2 .  ? 10.379  -8.362  -0.567  1.00 20.42 ? 113 HOH A O   1 
HETATM 1070 O  O   . HOH C 2 .  ? 2.635   14.441  -10.076 1.00 40.08 ? 114 HOH A O   1 
HETATM 1071 O  O   . HOH C 2 .  ? 7.902   -9.765  -1.245  1.00 18.68 ? 115 HOH A O   1 
HETATM 1072 O  O   . HOH C 2 .  ? 5.849   14.979  7.519   1.00 24.85 ? 116 HOH A O   1 
HETATM 1073 O  O   . HOH C 2 .  ? 5.269   -2.736  -7.833  1.00 27.81 ? 117 HOH A O   1 
HETATM 1074 O  O   . HOH C 2 .  ? -3.611  11.038  -7.316  1.00 26.37 ? 118 HOH A O   1 
HETATM 1075 O  O   . HOH C 2 .  ? 20.551  3.469   -6.059  1.00 19.43 ? 119 HOH A O   1 
HETATM 1076 O  O   . HOH C 2 .  ? 12.067  -5.353  2.099   1.00 32.91 ? 120 HOH A O   1 
HETATM 1077 O  O   . HOH C 2 .  ? -5.809  10.943  -1.353  1.00 31.22 ? 121 HOH A O   1 
HETATM 1078 O  O   . HOH C 2 .  ? 7.168   14.744  4.973   1.00 20.43 ? 122 HOH A O   1 
HETATM 1079 O  O   . HOH C 2 .  ? -7.149  0.281   -12.040 1.00 38.10 ? 123 HOH A O   1 
HETATM 1080 O  O   . HOH C 2 .  ? 0.822   4.085   -19.305 1.00 27.93 ? 124 HOH A O   1 
HETATM 1081 O  O   . HOH C 2 .  ? 10.738  21.480  -12.770 1.00 30.89 ? 125 HOH A O   1 
HETATM 1082 O  O   . HOH C 2 .  ? -1.691  4.919   -18.154 1.00 19.09 ? 126 HOH A O   1 
HETATM 1083 O  O   . HOH C 2 .  ? 7.856   -13.046 -2.055  1.00 24.63 ? 127 HOH A O   1 
HETATM 1084 O  O   . HOH C 2 .  ? 6.546   -9.446  0.726   1.00 20.39 ? 128 HOH A O   1 
HETATM 1085 O  O   . HOH D 2 .  ? -16.227 -9.084  14.121  1.00 22.71 ? 84  HOH B O   1 
HETATM 1086 O  O   . HOH D 2 .  ? -20.892 -5.393  -0.828  1.00 35.95 ? 85  HOH B O   1 
HETATM 1087 O  O   . HOH D 2 .  ? 3.883   -9.366  1.410   1.00 11.76 ? 86  HOH B O   1 
HETATM 1088 O  O   . HOH D 2 .  ? -8.413  3.202   -5.507  1.00 34.90 ? 87  HOH B O   1 
HETATM 1089 O  O   . HOH D 2 .  ? -13.582 6.995   -2.326  1.00 23.33 ? 88  HOH B O   1 
HETATM 1090 O  O   . HOH D 2 .  ? -5.452  -1.464  -9.206  1.00 37.98 ? 89  HOH B O   1 
HETATM 1091 O  O   . HOH D 2 .  ? -30.045 -7.237  -9.688  1.00 36.35 ? 91  HOH B O   1 
HETATM 1092 O  O   . HOH D 2 .  ? -18.129 -17.396 8.606   1.00 35.43 ? 92  HOH B O   1 
HETATM 1093 O  O   . HOH D 2 .  ? -9.101  5.736   -6.145  1.00 23.99 ? 93  HOH B O   1 
HETATM 1094 O  O   . HOH D 2 .  ? 5.751   -10.022 12.157  1.00 21.38 ? 94  HOH B O   1 
HETATM 1095 O  O   . HOH D 2 .  ? -7.992  -5.269  -7.748  1.00 35.34 ? 95  HOH B O   1 
HETATM 1096 O  O   . HOH D 2 .  ? -13.064 2.513   6.535   1.00 21.92 ? 96  HOH B O   1 
HETATM 1097 O  O   . HOH D 2 .  ? -12.047 2.491   0.817   1.00 18.12 ? 97  HOH B O   1 
HETATM 1098 O  O   . HOH D 2 .  ? 8.139   -5.880  6.465   1.00 34.45 ? 98  HOH B O   1 
HETATM 1099 O  O   . HOH D 2 .  ? -15.897 -8.241  11.383  1.00 25.50 ? 99  HOH B O   1 
HETATM 1100 O  O   . HOH D 2 .  ? -4.282  -3.826  15.467  1.00 16.22 ? 100 HOH B O   1 
HETATM 1101 O  O   . HOH D 2 .  ? -17.491 -15.443 15.615  1.00 28.25 ? 101 HOH B O   1 
HETATM 1102 O  O   . HOH D 2 .  ? 10.627  -11.960 6.022   1.00 21.39 ? 102 HOH B O   1 
HETATM 1103 O  O   . HOH D 2 .  ? -20.126 -5.984  -6.993  1.00 32.67 ? 103 HOH B O   1 
HETATM 1104 O  O   . HOH D 2 .  ? -7.399  -7.996  -4.283  1.00 19.72 ? 104 HOH B O   1 
HETATM 1105 O  O   . HOH D 2 .  ? -20.514 -6.782  -3.027  1.00 33.35 ? 105 HOH B O   1 
HETATM 1106 O  O   . HOH D 2 .  ? -1.803  -8.686  -6.488  1.00 29.05 ? 106 HOH B O   1 
HETATM 1107 O  O   . HOH D 2 .  ? -4.193  -13.082 15.963  1.00 28.71 ? 107 HOH B O   1 
HETATM 1108 O  O   . HOH D 2 .  ? -2.689  -8.365  -3.929  1.00 17.58 ? 108 HOH B O   1 
HETATM 1109 O  O   . HOH D 2 .  ? -2.104  -14.949 -0.569  1.00 20.15 ? 109 HOH B O   1 
HETATM 1110 O  O   . HOH D 2 .  ? -0.832  -9.588  -2.573  1.00 19.06 ? 110 HOH B O   1 
HETATM 1111 O  O   . HOH D 2 .  ? -7.989  -14.786 14.160  1.00 19.55 ? 111 HOH B O   1 
HETATM 1112 O  O   . HOH D 2 .  ? -2.033  -12.858 12.701  1.00 28.75 ? 113 HOH B O   1 
HETATM 1113 O  O   . HOH D 2 .  ? -8.245  7.566   8.032   1.00 17.52 ? 114 HOH B O   1 
HETATM 1114 O  O   . HOH D 2 .  ? 0.364   -12.834 12.891  1.00 27.61 ? 115 HOH B O   1 
HETATM 1115 O  O   . HOH D 2 .  ? -10.075 -9.152  -1.294  1.00 14.65 ? 116 HOH B O   1 
HETATM 1116 O  O   . HOH D 2 .  ? -8.393  -2.166  16.710  1.00 28.91 ? 117 HOH B O   1 
HETATM 1117 O  O   . HOH D 2 .  ? -9.581  -16.759 15.115  1.00 23.85 ? 118 HOH B O   1 
HETATM 1118 O  O   . HOH D 2 .  ? -8.092  -3.748  -5.941  1.00 26.84 ? 119 HOH B O   1 
HETATM 1119 O  O   . HOH D 2 .  ? -10.885 -14.076 16.955  1.00 23.40 ? 120 HOH B O   1 
HETATM 1120 O  O   . HOH D 2 .  ? -11.230 -11.202 17.096  1.00 27.70 ? 121 HOH B O   1 
HETATM 1121 O  O   . HOH D 2 .  ? -0.981  -6.082  -7.829  1.00 27.39 ? 122 HOH B O   1 
HETATM 1122 O  O   . HOH D 2 .  ? -8.668  -10.498 -4.217  0.50 14.62 ? 123 HOH B O   1 
HETATM 1123 O  O   . HOH D 2 .  ? -17.387 -7.083  0.481   1.00 15.54 ? 124 HOH B O   1 
HETATM 1124 O  O   . HOH D 2 .  ? -27.034 -8.003  -8.196  1.00 20.70 ? 125 HOH B O   1 
HETATM 1125 O  O   . HOH D 2 .  ? 2.049   -5.597  3.216   1.00 13.03 ? 126 HOH B O   1 
HETATM 1126 O  O   . HOH D 2 .  ? -10.729 -8.494  16.591  1.00 22.66 ? 127 HOH B O   1 
HETATM 1127 O  O   . HOH D 2 .  ? 2.100   -20.755 0.261   1.00 35.95 ? 128 HOH B O   1 
HETATM 1128 O  O   . HOH D 2 .  ? -13.446 -21.715 9.894   1.00 31.15 ? 129 HOH B O   1 
HETATM 1129 O  O   . HOH D 2 .  ? -3.591  7.378   2.552   1.00 16.18 ? 130 HOH B O   1 
HETATM 1130 O  O   . HOH D 2 .  ? -6.825  -8.287  -7.089  1.00 29.54 ? 131 HOH B O   1 
HETATM 1131 O  O   . HOH D 2 .  ? -4.904  -15.013 14.029  1.00 22.39 ? 132 HOH B O   1 
HETATM 1132 O  O   . HOH D 2 .  ? -14.408 -1.009  11.907  1.00 18.75 ? 133 HOH B O   1 
HETATM 1133 O  O   . HOH D 2 .  ? -4.570  2.188   15.997  1.00 19.35 ? 134 HOH B O   1 
HETATM 1134 O  O   . HOH D 2 .  ? -13.290 -8.440  -4.118  1.00 22.07 ? 135 HOH B O   1 
HETATM 1135 O  O   . HOH D 2 .  ? -10.540 6.101   7.768   1.00 28.24 ? 136 HOH B O   1 
HETATM 1136 O  O   . HOH D 2 .  ? -15.230 -4.727  3.865   1.00 31.53 ? 137 HOH B O   1 
HETATM 1137 O  O   . HOH D 2 .  ? -3.246  -10.982 13.943  1.00 30.75 ? 138 HOH B O   1 
HETATM 1138 O  O   . HOH D 2 .  ? -13.765 -8.458  16.627  1.00 29.72 ? 139 HOH B O   1 
HETATM 1139 O  O   . HOH D 2 .  ? -18.048 -7.833  -2.907  1.00 20.62 ? 140 HOH B O   1 
# 
